data_8EF6
#
_entry.id   8EF6
#
_cell.length_a   1.00
_cell.length_b   1.00
_cell.length_c   1.00
_cell.angle_alpha   90.00
_cell.angle_beta   90.00
_cell.angle_gamma   90.00
#
_symmetry.space_group_name_H-M   'P 1'
#
loop_
_entity.id
_entity.type
_entity.pdbx_description
1 polymer 'Mu-type opioid receptor'
2 polymer 'Guanine nucleotide-binding protein G(i) subunit alpha-1'
3 polymer 'Guanine nucleotide-binding protein G(I)/G(S)/G(T) subunit beta-1'
4 polymer 'Guanine nucleotide-binding protein G(I)/G(S)/G(O) subunit gamma-2'
5 polymer scFV16
6 non-polymer (7R,7AS,12BS)-3-METHYL-2,3,4,4A,7,7A-HEXAHYDRO-1H-4,12-METHANO[1]BENZOFURO[3,2-E]ISOQUINOLINE-7,9-DIOL
7 non-polymer CHOLESTEROL
#
loop_
_entity_poly.entity_id
_entity_poly.type
_entity_poly.pdbx_seq_one_letter_code
_entity_poly.pdbx_strand_id
1 'polypeptide(L)'
;DSSAAPTNASNCTDALAYSSCSPAPSPGSWVNLSHLDGNLSDPCGPNRTDLGGRDSLCPPTGSPSMITAITIMALYSIVC
VVGLFGNFLVMYVIVRYTKMKTATNIYIFNLALADALATSTLPFQSVNYLMGTWPFGTILCKIVISIDYYNMFTSIFTLC
TMSVDRYIAVCHPVKALDFRTPRNAKIINVCNWILSSAIGLPVMFMATTKYRQGSIDCTLTFSHPTWYWENLLKICVFIF
AFIMPVLIITVCYGLMILRLKSVRMLSGSKEKDRNLRRITRMVLVVVAVFIVCWTPIHIYVIIKALVTIPETTFQTVSWH
FCIALGYTNSCLNPVLYAFLDENFKRCFREFCIPTSSNIEQQNSTRI
;
R,M
2 'polypeptide(L)'
;MGCTLSAEDKAAVERSKMIDRNLREDGEKAAREVKLLLLGAGESGKSTIVKQMKIIHEAGYSEEECKQYKAVVYSNTIQS
IIAIIRAMGRLKIDFGDSARADDARQLFVLAGAAEEGFMTAELAGVIKRLWKDSGVQACFNRSREYQLNDSAAYYLNDLD
RIAQPNYIPTQQDVLRTRVKTTGIVETHFTFKDLHFKMFDVGAQRSERKKWIHCFEGVTAIIFCVALSDYDLVLAEDEEM
NRMHESMKLFDSICNNKWFTDTSIILFLNKKDLFEEKIKKSPLTICYPEYAGSNTYEEAAAYIQCQFEDLNKRKDTKEIY
THFTCSTDTKNVQFVFDAVTDVIIKNNLKDCGLF
;
A,F
3 'polypeptide(L)'
;MHHHHHHHHGSLLQSELDQLRQEAEQLKNQIRDARKACADATLSQITNNIDPVGRIQMRTRRTLRGHLAKIYAMHWGTDS
RLLVSASQDGKLIIWDSYTTNKVHAIPLRSSWVMTCAYAPSGNYVACGGLDNICSIYNLKTREGNVRVSRELAGHTGYLS
CCRFLDDNQIVTSSGDTTCALWDIETGQQTTTFTGHTGDVMSLSLAPDTRLFVSGACDASAKLWDVREGMCRQTFTGHES
DINAICFFPNGNAFATGSDDATCRLFDLRADQELMTYSHDNIICGITSVSFSKSGRLLLAGYDDFNCNVWDALKADRAGV
LAGHDNRVSCLGVTDDGMAVATGSWDSFLKIWN
;
B
4 'polypeptide(L)' MASNNTASIAQARKLVEQLKMEANIDRIKVSKAAADLMAYCEAHAKEDPLLTPVPASENPFREKKFFC C
5 'polypeptide(L)'
;MVQLVESGGGLVQPGGSRKLSCSASGFAFSSFGMHWVRQAPEKGLEWVAYISSGSGTIYYADTVKGRFTISRDDPKNTLF
LQMTSLRSEDTAMYYCVRSIYYYGSSPFDFWGQGTTLTVSAGGGGSGGGGSGGGGSADIVMTQATSSVPVTPGESVSISC
RSSKSLLHSNGNTYLYWFLQRPGQSPQLLIYRMSNLASGVPDRFSGSGSGTAFTLTISRLEAEDVGVYYCMQHLEYPLTF
GAGTKLEL
;
E
#
loop_
_chem_comp.id
_chem_comp.type
_chem_comp.name
_chem_comp.formula
CLR non-polymer CHOLESTEROL 'C27 H46 O'
MOI non-polymer (7R,7AS,12BS)-3-METHYL-2,3,4,4A,7,7A-HEXAHYDRO-1H-4,12-METHANO[1]BENZOFURO[3,2-E]ISOQUINOLINE-7,9-DIOL 'C17 H19 N O3'
#
# COMPACT_ATOMS: atom_id res chain seq x y z
N SER A 65 58.07 14.92 10.86
CA SER A 65 57.16 15.31 11.94
C SER A 65 56.07 16.25 11.43
N MET A 66 56.49 17.40 10.90
CA MET A 66 55.55 18.37 10.36
C MET A 66 54.87 17.83 9.10
N ILE A 67 55.64 17.18 8.22
CA ILE A 67 55.12 16.65 6.97
C ILE A 67 54.09 15.55 7.23
N THR A 68 54.36 14.70 8.24
CA THR A 68 53.44 13.62 8.59
C THR A 68 52.11 14.16 9.08
N ALA A 69 52.15 15.18 9.95
CA ALA A 69 50.93 15.79 10.49
C ALA A 69 50.14 16.49 9.39
N ILE A 70 50.84 17.19 8.49
CA ILE A 70 50.17 17.87 7.38
C ILE A 70 49.52 16.86 6.44
N THR A 71 50.21 15.74 6.17
CA THR A 71 49.68 14.71 5.28
C THR A 71 48.44 14.05 5.88
N ILE A 72 48.48 13.73 7.18
CA ILE A 72 47.34 13.11 7.85
C ILE A 72 46.14 14.06 7.90
N MET A 73 46.38 15.34 8.22
CA MET A 73 45.29 16.32 8.25
C MET A 73 44.70 16.57 6.86
N ALA A 74 45.55 16.59 5.83
CA ALA A 74 45.06 16.74 4.46
C ALA A 74 44.23 15.54 4.03
N LEU A 75 44.64 14.33 4.45
CA LEU A 75 43.89 13.13 4.12
C LEU A 75 42.50 13.15 4.76
N TYR A 76 42.43 13.54 6.04
CA TYR A 76 41.14 13.65 6.70
C TYR A 76 40.28 14.75 6.08
N SER A 77 40.89 15.87 5.69
CA SER A 77 40.13 16.97 5.10
C SER A 77 39.54 16.59 3.75
N ILE A 78 40.32 15.89 2.91
CA ILE A 78 39.83 15.45 1.61
C ILE A 78 38.70 14.45 1.76
N VAL A 79 38.85 13.50 2.70
CA VAL A 79 37.82 12.50 2.94
C VAL A 79 36.53 13.14 3.44
N CYS A 80 36.64 14.09 4.39
CA CYS A 80 35.47 14.74 4.95
C CYS A 80 34.74 15.59 3.90
N VAL A 81 35.48 16.33 3.07
CA VAL A 81 34.86 17.22 2.10
C VAL A 81 34.14 16.42 1.01
N VAL A 82 34.82 15.39 0.46
CA VAL A 82 34.19 14.56 -0.58
C VAL A 82 32.97 13.81 -0.02
N GLY A 83 33.06 13.34 1.22
CA GLY A 83 31.93 12.61 1.80
C GLY A 83 30.72 13.48 2.07
N LEU A 84 30.94 14.69 2.63
CA LEU A 84 29.82 15.59 2.89
C LEU A 84 29.20 16.09 1.60
N PHE A 85 30.02 16.37 0.58
CA PHE A 85 29.49 16.84 -0.69
C PHE A 85 28.65 15.78 -1.38
N GLY A 86 29.12 14.52 -1.37
CA GLY A 86 28.36 13.45 -2.00
C GLY A 86 27.07 13.13 -1.26
N ASN A 87 27.14 13.08 0.08
CA ASN A 87 25.98 12.71 0.88
C ASN A 87 24.89 13.77 0.80
N PHE A 88 25.25 15.05 0.98
CA PHE A 88 24.22 16.08 0.91
C PHE A 88 23.72 16.31 -0.50
N LEU A 89 24.56 16.05 -1.53
CA LEU A 89 24.06 16.15 -2.90
C LEU A 89 23.03 15.07 -3.20
N VAL A 90 23.27 13.84 -2.73
CA VAL A 90 22.30 12.76 -2.93
C VAL A 90 21.02 13.03 -2.15
N MET A 91 21.14 13.54 -0.92
CA MET A 91 19.93 13.87 -0.15
C MET A 91 19.17 15.04 -0.75
N TYR A 92 19.85 15.96 -1.45
CA TYR A 92 19.16 17.07 -2.08
C TYR A 92 18.42 16.61 -3.33
N VAL A 93 19.02 15.70 -4.10
CA VAL A 93 18.36 15.19 -5.29
C VAL A 93 17.15 14.34 -4.91
N ILE A 94 17.27 13.57 -3.82
CA ILE A 94 16.17 12.71 -3.37
C ILE A 94 15.01 13.56 -2.85
N VAL A 95 15.31 14.59 -2.05
CA VAL A 95 14.24 15.40 -1.46
C VAL A 95 13.56 16.27 -2.53
N ARG A 96 14.34 16.96 -3.36
CA ARG A 96 13.74 17.90 -4.30
C ARG A 96 13.15 17.23 -5.54
N TYR A 97 13.59 16.03 -5.91
CA TYR A 97 13.10 15.45 -7.15
C TYR A 97 12.36 14.13 -6.96
N THR A 98 12.95 13.19 -6.23
CA THR A 98 12.35 11.85 -6.12
C THR A 98 11.20 11.83 -5.12
N LYS A 99 11.37 12.54 -3.99
CA LYS A 99 10.38 12.73 -2.92
C LYS A 99 10.01 11.42 -2.22
N MET A 100 10.88 10.40 -2.33
CA MET A 100 10.80 9.13 -1.61
C MET A 100 9.47 8.40 -1.82
N LYS A 101 9.13 8.18 -3.08
CA LYS A 101 7.90 7.47 -3.43
C LYS A 101 8.15 6.00 -3.72
N THR A 102 9.40 5.54 -3.68
CA THR A 102 9.75 4.17 -3.99
C THR A 102 10.63 3.65 -2.85
N ALA A 103 10.62 2.32 -2.65
CA ALA A 103 11.33 1.69 -1.54
C ALA A 103 12.84 1.83 -1.68
N THR A 104 13.37 1.66 -2.90
CA THR A 104 14.80 1.71 -3.14
C THR A 104 15.36 3.09 -2.85
N ASN A 105 14.60 4.13 -3.20
CA ASN A 105 15.02 5.49 -2.92
C ASN A 105 14.99 5.79 -1.43
N ILE A 106 14.13 5.10 -0.67
CA ILE A 106 14.12 5.24 0.78
C ILE A 106 15.37 4.62 1.38
N TYR A 107 15.80 3.45 0.84
CA TYR A 107 17.03 2.83 1.31
C TYR A 107 18.25 3.68 0.98
N ILE A 108 18.27 4.27 -0.22
CA ILE A 108 19.39 5.12 -0.61
C ILE A 108 19.43 6.40 0.22
N PHE A 109 18.26 6.95 0.57
CA PHE A 109 18.20 8.13 1.42
C PHE A 109 18.69 7.85 2.83
N ASN A 110 18.32 6.68 3.38
CA ASN A 110 18.82 6.31 4.71
C ASN A 110 20.32 6.02 4.69
N LEU A 111 20.82 5.44 3.59
CA LEU A 111 22.25 5.24 3.43
C LEU A 111 23.00 6.57 3.37
N ALA A 112 22.46 7.55 2.64
CA ALA A 112 23.09 8.85 2.54
C ALA A 112 23.06 9.58 3.88
N LEU A 113 21.97 9.45 4.64
CA LEU A 113 21.88 10.10 5.95
C LEU A 113 22.86 9.48 6.94
N ALA A 114 22.96 8.14 6.94
CA ALA A 114 23.89 7.47 7.85
C ALA A 114 25.35 7.80 7.51
N ASP A 115 25.67 7.88 6.21
CA ASP A 115 27.02 8.23 5.82
C ASP A 115 27.34 9.69 6.13
N ALA A 116 26.35 10.58 6.00
CA ALA A 116 26.57 11.99 6.34
C ALA A 116 26.80 12.16 7.84
N LEU A 117 26.02 11.45 8.66
CA LEU A 117 26.20 11.55 10.10
C LEU A 117 27.49 10.89 10.56
N ALA A 118 27.97 9.88 9.84
CA ALA A 118 29.26 9.28 10.18
C ALA A 118 30.41 10.18 9.76
N THR A 119 30.29 10.85 8.61
CA THR A 119 31.32 11.77 8.15
C THR A 119 31.35 13.07 8.96
N SER A 120 30.25 13.41 9.63
CA SER A 120 30.19 14.67 10.39
C SER A 120 31.12 14.68 11.60
N THR A 121 31.41 13.51 12.20
CA THR A 121 32.31 13.46 13.35
C THR A 121 33.78 13.49 12.99
N LEU A 122 34.14 13.49 11.72
CA LEU A 122 35.53 13.40 11.27
C LEU A 122 36.39 14.66 11.54
N PRO A 123 35.90 15.91 11.40
CA PRO A 123 36.75 17.04 11.83
C PRO A 123 37.02 17.08 13.33
N PHE A 124 36.15 16.52 14.16
CA PHE A 124 36.44 16.46 15.58
C PHE A 124 37.63 15.53 15.87
N GLN A 125 37.75 14.44 15.11
CA GLN A 125 38.92 13.59 15.23
C GLN A 125 40.14 14.24 14.63
N SER A 126 39.95 15.08 13.61
CA SER A 126 41.07 15.81 13.03
C SER A 126 41.65 16.82 14.03
N VAL A 127 40.78 17.55 14.71
CA VAL A 127 41.20 18.50 15.73
C VAL A 127 41.82 17.77 16.92
N ASN A 128 41.27 16.59 17.25
CA ASN A 128 41.81 15.78 18.35
C ASN A 128 43.24 15.32 18.05
N TYR A 129 43.51 14.93 16.80
CA TYR A 129 44.85 14.52 16.44
C TYR A 129 45.80 15.71 16.38
N LEU A 130 45.38 16.81 15.75
CA LEU A 130 46.26 17.97 15.57
C LEU A 130 46.63 18.61 16.91
N MET A 131 45.66 18.80 17.79
CA MET A 131 45.97 19.41 19.09
C MET A 131 46.65 18.43 20.02
N GLY A 132 46.18 17.18 20.08
CA GLY A 132 46.67 16.21 21.03
C GLY A 132 45.84 16.09 22.27
N THR A 133 44.77 16.87 22.38
CA THR A 133 43.88 16.85 23.54
C THR A 133 42.47 17.17 23.06
N TRP A 134 41.49 16.86 23.92
CA TRP A 134 40.09 17.07 23.58
C TRP A 134 39.56 18.29 24.32
N PRO A 135 39.36 19.42 23.66
CA PRO A 135 38.82 20.60 24.36
C PRO A 135 37.32 20.79 24.22
N PHE A 136 36.63 19.89 23.51
CA PHE A 136 35.23 20.08 23.18
C PHE A 136 34.29 19.83 24.36
N GLY A 137 34.76 19.16 25.42
CA GLY A 137 33.92 18.91 26.57
C GLY A 137 33.44 17.46 26.61
N THR A 138 32.97 17.07 27.81
CA THR A 138 32.54 15.70 28.04
C THR A 138 31.27 15.35 27.25
N ILE A 139 30.31 16.28 27.20
CA ILE A 139 29.02 16.03 26.55
C ILE A 139 29.22 15.83 25.04
N LEU A 140 30.01 16.71 24.42
CA LEU A 140 30.25 16.57 22.99
C LEU A 140 31.13 15.35 22.70
N CYS A 141 32.01 14.98 23.62
CA CYS A 141 32.77 13.73 23.48
C CYS A 141 31.85 12.52 23.45
N LYS A 142 30.82 12.52 24.31
CA LYS A 142 29.84 11.45 24.32
C LYS A 142 29.04 11.43 23.02
N ILE A 143 28.66 12.61 22.53
CA ILE A 143 27.86 12.71 21.32
C ILE A 143 28.65 12.24 20.10
N VAL A 144 29.93 12.61 20.03
CA VAL A 144 30.75 12.27 18.86
C VAL A 144 31.05 10.78 18.82
N ILE A 145 31.43 10.20 19.98
CA ILE A 145 31.73 8.76 20.01
C ILE A 145 30.47 7.94 19.76
N SER A 146 29.33 8.36 20.34
CA SER A 146 28.08 7.64 20.15
C SER A 146 27.62 7.69 18.70
N ILE A 147 27.71 8.87 18.06
CA ILE A 147 27.32 8.99 16.65
C ILE A 147 28.24 8.17 15.75
N ASP A 148 29.54 8.10 16.07
CA ASP A 148 30.48 7.34 15.25
C ASP A 148 30.17 5.84 15.29
N TYR A 149 30.01 5.30 16.51
CA TYR A 149 29.68 3.88 16.65
C TYR A 149 28.29 3.57 16.11
N TYR A 150 27.34 4.47 16.31
CA TYR A 150 25.96 4.26 15.90
C TYR A 150 25.85 4.23 14.37
N ASN A 151 26.42 5.23 13.70
CA ASN A 151 26.31 5.32 12.25
C ASN A 151 27.19 4.34 11.50
N MET A 152 28.22 3.75 12.13
CA MET A 152 28.94 2.69 11.44
C MET A 152 28.07 1.46 11.25
N PHE A 153 27.43 1.01 12.34
CA PHE A 153 26.49 -0.10 12.28
C PHE A 153 25.27 0.24 11.44
N THR A 154 24.81 1.51 11.50
CA THR A 154 23.65 1.91 10.69
C THR A 154 23.94 1.82 9.20
N SER A 155 25.11 2.32 8.76
CA SER A 155 25.47 2.26 7.35
C SER A 155 25.68 0.82 6.88
N ILE A 156 26.33 -0.01 7.71
CA ILE A 156 26.59 -1.39 7.30
C ILE A 156 25.29 -2.20 7.26
N PHE A 157 24.40 -2.00 8.22
CA PHE A 157 23.11 -2.67 8.20
C PHE A 157 22.24 -2.21 7.04
N THR A 158 22.36 -0.93 6.63
CA THR A 158 21.66 -0.46 5.45
C THR A 158 22.19 -1.15 4.18
N LEU A 159 23.51 -1.37 4.11
CA LEU A 159 24.10 -2.10 2.98
C LEU A 159 23.61 -3.55 2.94
N CYS A 160 23.52 -4.19 4.12
CA CYS A 160 23.01 -5.56 4.19
C CYS A 160 21.55 -5.64 3.78
N THR A 161 20.76 -4.65 4.21
CA THR A 161 19.34 -4.62 3.87
C THR A 161 19.13 -4.43 2.37
N MET A 162 19.94 -3.56 1.73
CA MET A 162 19.83 -3.40 0.28
C MET A 162 20.28 -4.66 -0.47
N SER A 163 21.26 -5.39 0.08
CA SER A 163 21.65 -6.66 -0.53
C SER A 163 20.54 -7.70 -0.44
N VAL A 164 19.87 -7.77 0.72
CA VAL A 164 18.73 -8.68 0.88
C VAL A 164 17.56 -8.26 0.00
N ASP A 165 17.38 -6.94 -0.19
CA ASP A 165 16.33 -6.43 -1.06
C ASP A 165 16.55 -6.85 -2.51
N ARG A 166 17.78 -6.72 -3.01
CA ARG A 166 18.06 -7.11 -4.39
C ARG A 166 18.03 -8.63 -4.55
N TYR A 167 18.35 -9.37 -3.48
CA TYR A 167 18.27 -10.83 -3.53
C TYR A 167 16.82 -11.30 -3.65
N ILE A 168 15.94 -10.72 -2.83
CA ILE A 168 14.53 -11.08 -2.89
C ILE A 168 13.91 -10.59 -4.20
N ALA A 169 14.38 -9.44 -4.71
CA ALA A 169 13.86 -8.89 -5.97
C ALA A 169 14.18 -9.79 -7.15
N VAL A 170 15.36 -10.42 -7.14
CA VAL A 170 15.72 -11.27 -8.27
C VAL A 170 15.23 -12.71 -8.07
N CYS A 171 15.66 -13.35 -6.97
CA CYS A 171 15.45 -14.78 -6.83
C CYS A 171 14.01 -15.15 -6.49
N HIS A 172 13.30 -14.33 -5.72
CA HIS A 172 11.93 -14.62 -5.30
C HIS A 172 10.99 -13.50 -5.72
N PRO A 173 10.61 -13.45 -7.01
CA PRO A 173 9.82 -12.30 -7.51
C PRO A 173 8.41 -12.21 -6.93
N VAL A 174 7.74 -13.35 -6.77
CA VAL A 174 6.39 -13.37 -6.21
C VAL A 174 6.43 -12.90 -4.76
N LYS A 175 7.43 -13.33 -4.00
CA LYS A 175 7.60 -12.83 -2.65
C LYS A 175 8.13 -11.40 -2.65
N ALA A 176 8.84 -11.00 -3.72
CA ALA A 176 9.30 -9.62 -3.84
C ALA A 176 8.15 -8.65 -4.02
N LEU A 177 7.02 -9.13 -4.58
CA LEU A 177 5.82 -8.30 -4.68
C LEU A 177 5.32 -7.89 -3.29
N ASP A 178 5.42 -8.79 -2.31
CA ASP A 178 5.08 -8.47 -0.94
C ASP A 178 6.21 -7.68 -0.26
N PHE A 179 7.45 -8.04 -0.54
CA PHE A 179 8.59 -7.45 0.15
C PHE A 179 8.85 -6.02 -0.31
N ARG A 180 8.86 -5.79 -1.63
CA ARG A 180 9.25 -4.49 -2.17
C ARG A 180 8.02 -3.59 -2.23
N THR A 181 7.68 -3.04 -1.07
CA THR A 181 6.66 -2.02 -0.88
C THR A 181 7.29 -0.90 -0.06
N PRO A 182 6.83 0.34 -0.25
CA PRO A 182 7.36 1.45 0.58
C PRO A 182 7.12 1.29 2.07
N ARG A 183 5.99 0.68 2.47
CA ARG A 183 5.69 0.50 3.89
C ARG A 183 6.66 -0.48 4.54
N ASN A 184 6.94 -1.59 3.87
CA ASN A 184 7.84 -2.59 4.44
C ASN A 184 9.26 -2.07 4.50
N ALA A 185 9.65 -1.24 3.52
CA ALA A 185 10.97 -0.63 3.55
C ALA A 185 11.09 0.37 4.69
N LYS A 186 10.00 1.08 5.01
CA LYS A 186 10.05 1.99 6.15
C LYS A 186 10.11 1.23 7.46
N ILE A 187 9.46 0.06 7.53
CA ILE A 187 9.47 -0.72 8.76
C ILE A 187 10.85 -1.33 8.99
N ILE A 188 11.44 -1.90 7.93
CA ILE A 188 12.76 -2.53 8.07
C ILE A 188 13.84 -1.48 8.33
N ASN A 189 13.72 -0.29 7.73
CA ASN A 189 14.70 0.77 8.01
C ASN A 189 14.60 1.27 9.45
N VAL A 190 13.37 1.44 9.96
CA VAL A 190 13.21 1.83 11.36
C VAL A 190 13.75 0.75 12.30
N CYS A 191 13.56 -0.52 11.92
CA CYS A 191 14.16 -1.63 12.68
C CYS A 191 15.68 -1.60 12.65
N ASN A 192 16.27 -1.18 11.51
CA ASN A 192 17.72 -1.07 11.41
C ASN A 192 18.27 0.02 12.34
N TRP A 193 17.60 1.17 12.38
CA TRP A 193 18.03 2.24 13.29
C TRP A 193 17.84 1.85 14.76
N ILE A 194 16.77 1.11 15.05
CA ILE A 194 16.52 0.66 16.43
C ILE A 194 17.56 -0.38 16.84
N LEU A 195 17.93 -1.30 15.94
CA LEU A 195 18.99 -2.26 16.24
C LEU A 195 20.34 -1.57 16.40
N SER A 196 20.59 -0.50 15.65
CA SER A 196 21.81 0.26 15.87
C SER A 196 21.79 1.03 17.18
N SER A 197 20.61 1.31 17.75
CA SER A 197 20.57 1.95 19.06
C SER A 197 21.12 1.07 20.18
N ALA A 198 21.13 -0.26 19.97
CA ALA A 198 21.71 -1.20 20.93
C ALA A 198 23.20 -1.00 21.10
N ILE A 199 23.92 -0.57 20.06
CA ILE A 199 25.32 -0.20 20.19
C ILE A 199 25.46 1.30 20.42
N GLY A 200 24.43 2.09 20.11
CA GLY A 200 24.53 3.53 20.31
C GLY A 200 24.47 3.95 21.77
N LEU A 201 23.44 3.48 22.50
CA LEU A 201 23.23 3.94 23.87
C LEU A 201 24.32 3.55 24.89
N PRO A 202 24.78 2.27 25.00
CA PRO A 202 25.81 1.99 26.01
C PRO A 202 27.14 2.66 25.77
N VAL A 203 27.52 2.85 24.50
CA VAL A 203 28.72 3.60 24.17
C VAL A 203 28.57 5.07 24.61
N MET A 204 27.35 5.60 24.53
CA MET A 204 27.08 6.95 25.03
C MET A 204 27.24 7.01 26.55
N PHE A 205 26.76 5.97 27.26
CA PHE A 205 26.93 5.95 28.72
C PHE A 205 28.39 5.79 29.12
N MET A 206 29.17 4.98 28.40
CA MET A 206 30.53 4.66 28.82
C MET A 206 31.54 5.76 28.51
N ALA A 207 31.30 6.57 27.47
CA ALA A 207 32.25 7.57 27.03
C ALA A 207 32.39 8.70 28.05
N THR A 208 33.62 8.92 28.53
CA THR A 208 33.94 10.02 29.44
C THR A 208 35.25 10.64 29.00
N THR A 209 35.70 11.65 29.75
CA THR A 209 36.95 12.35 29.50
C THR A 209 37.87 12.16 30.70
N LYS A 210 39.07 11.65 30.46
CA LYS A 210 40.07 11.43 31.50
C LYS A 210 41.35 12.17 31.17
N TYR A 211 41.97 12.74 32.20
CA TYR A 211 43.20 13.52 32.02
C TYR A 211 44.38 12.56 31.93
N ARG A 212 45.07 12.56 30.79
CA ARG A 212 46.25 11.73 30.59
C ARG A 212 47.41 12.63 30.17
N GLN A 213 48.45 12.66 31.02
CA GLN A 213 49.69 13.44 30.82
C GLN A 213 49.37 14.92 30.61
N GLY A 214 48.39 15.42 31.37
CA GLY A 214 47.99 16.81 31.26
C GLY A 214 47.12 17.13 30.06
N SER A 215 46.71 16.12 29.30
CA SER A 215 45.90 16.30 28.10
C SER A 215 44.62 15.50 28.23
N ILE A 216 43.49 16.15 27.93
CA ILE A 216 42.19 15.48 27.97
C ILE A 216 42.12 14.44 26.87
N ASP A 217 41.58 13.27 27.18
CA ASP A 217 41.45 12.18 26.23
C ASP A 217 39.98 11.80 26.10
N CYS A 218 39.49 11.77 24.86
CA CYS A 218 38.11 11.42 24.55
C CYS A 218 38.09 9.95 24.13
N THR A 219 37.59 9.08 25.00
CA THR A 219 37.63 7.64 24.76
C THR A 219 36.52 6.97 25.56
N LEU A 220 36.60 5.64 25.67
CA LEU A 220 35.61 4.83 26.37
C LEU A 220 36.22 4.25 27.63
N THR A 221 35.51 4.35 28.74
CA THR A 221 35.93 3.77 30.02
C THR A 221 34.99 2.63 30.39
N PHE A 222 35.57 1.50 30.78
CA PHE A 222 34.82 0.28 31.08
C PHE A 222 34.85 0.00 32.57
N SER A 223 33.76 -0.57 33.07
CA SER A 223 33.67 -1.00 34.46
C SER A 223 34.60 -2.17 34.69
N HIS A 224 35.05 -2.33 35.94
CA HIS A 224 35.97 -3.39 36.29
C HIS A 224 35.28 -4.76 36.13
N PRO A 225 35.97 -5.76 35.54
CA PRO A 225 37.30 -5.70 34.90
C PRO A 225 37.27 -5.02 33.52
N THR A 226 38.26 -4.14 33.29
CA THR A 226 38.30 -3.36 32.06
C THR A 226 38.59 -4.24 30.84
N TRP A 227 39.51 -5.20 30.99
CA TRP A 227 39.94 -6.06 29.89
C TRP A 227 38.80 -6.91 29.34
N TYR A 228 37.94 -7.43 30.22
CA TYR A 228 36.85 -8.31 29.77
C TYR A 228 35.83 -7.55 28.94
N TRP A 229 35.36 -6.41 29.44
CA TRP A 229 34.35 -5.66 28.70
C TRP A 229 34.93 -5.01 27.46
N GLU A 230 36.22 -4.64 27.49
CA GLU A 230 36.86 -4.07 26.32
C GLU A 230 36.99 -5.10 25.20
N ASN A 231 37.39 -6.33 25.56
CA ASN A 231 37.42 -7.40 24.56
C ASN A 231 36.01 -7.76 24.08
N LEU A 232 35.02 -7.73 24.98
CA LEU A 232 33.65 -8.05 24.59
C LEU A 232 33.12 -7.04 23.58
N LEU A 233 33.43 -5.75 23.78
CA LEU A 233 33.04 -4.72 22.82
C LEU A 233 33.76 -4.89 21.50
N LYS A 234 35.08 -5.15 21.54
CA LYS A 234 35.85 -5.26 20.29
C LYS A 234 35.43 -6.49 19.48
N ILE A 235 35.24 -7.63 20.15
CA ILE A 235 34.83 -8.86 19.48
C ILE A 235 33.42 -8.75 18.92
N CYS A 236 32.48 -8.17 19.70
CA CYS A 236 31.11 -8.02 19.19
C CYS A 236 31.04 -7.06 18.01
N VAL A 237 31.77 -5.93 18.08
CA VAL A 237 31.80 -5.00 16.95
C VAL A 237 32.44 -5.64 15.73
N PHE A 238 33.51 -6.42 15.94
CA PHE A 238 34.19 -7.10 14.83
C PHE A 238 33.29 -8.11 14.15
N ILE A 239 32.63 -8.97 14.94
CA ILE A 239 31.78 -10.02 14.37
C ILE A 239 30.57 -9.41 13.69
N PHE A 240 29.85 -8.53 14.40
CA PHE A 240 28.57 -8.05 13.91
C PHE A 240 28.71 -7.03 12.78
N ALA A 241 29.85 -6.33 12.69
CA ALA A 241 30.04 -5.37 11.63
C ALA A 241 30.93 -5.88 10.50
N PHE A 242 31.63 -7.01 10.67
CA PHE A 242 32.47 -7.52 9.60
C PHE A 242 32.11 -8.95 9.18
N ILE A 243 32.05 -9.90 10.12
CA ILE A 243 31.94 -11.32 9.74
C ILE A 243 30.58 -11.62 9.14
N MET A 244 29.51 -11.26 9.83
CA MET A 244 28.16 -11.46 9.32
C MET A 244 27.83 -10.59 8.10
N PRO A 245 28.15 -9.27 8.04
CA PRO A 245 27.84 -8.52 6.81
C PRO A 245 28.55 -8.98 5.55
N VAL A 246 29.83 -9.36 5.63
CA VAL A 246 30.54 -9.86 4.45
C VAL A 246 29.93 -11.15 3.95
N LEU A 247 29.54 -12.05 4.88
CA LEU A 247 28.89 -13.30 4.49
C LEU A 247 27.52 -13.06 3.85
N ILE A 248 26.72 -12.16 4.43
CA ILE A 248 25.39 -11.88 3.89
C ILE A 248 25.48 -11.24 2.51
N ILE A 249 26.37 -10.24 2.36
CA ILE A 249 26.52 -9.55 1.08
C ILE A 249 27.07 -10.48 0.02
N THR A 250 28.12 -11.24 0.34
CA THR A 250 28.77 -12.13 -0.62
C THR A 250 27.84 -13.25 -1.07
N VAL A 251 27.14 -13.90 -0.14
CA VAL A 251 26.25 -15.00 -0.50
C VAL A 251 25.05 -14.50 -1.28
N CYS A 252 24.42 -13.41 -0.83
CA CYS A 252 23.22 -12.90 -1.49
C CYS A 252 23.52 -12.39 -2.90
N TYR A 253 24.61 -11.63 -3.07
CA TYR A 253 24.98 -11.19 -4.41
C TYR A 253 25.47 -12.34 -5.30
N GLY A 254 26.18 -13.33 -4.73
CA GLY A 254 26.63 -14.45 -5.56
C GLY A 254 25.48 -15.29 -6.09
N LEU A 255 24.50 -15.59 -5.23
CA LEU A 255 23.30 -16.31 -5.67
C LEU A 255 22.48 -15.45 -6.63
N MET A 256 22.50 -14.13 -6.42
CA MET A 256 21.83 -13.21 -7.33
C MET A 256 22.45 -13.26 -8.72
N ILE A 257 23.79 -13.29 -8.79
CA ILE A 257 24.49 -13.36 -10.08
C ILE A 257 24.19 -14.68 -10.77
N LEU A 258 24.14 -15.78 -10.00
CA LEU A 258 23.80 -17.08 -10.58
C LEU A 258 22.38 -17.09 -11.14
N ARG A 259 21.43 -16.48 -10.42
CA ARG A 259 20.06 -16.42 -10.91
C ARG A 259 19.95 -15.53 -12.14
N LEU A 260 20.69 -14.41 -12.17
CA LEU A 260 20.68 -13.53 -13.33
C LEU A 260 21.25 -14.23 -14.56
N LYS A 261 22.29 -15.05 -14.36
CA LYS A 261 22.82 -15.86 -15.46
C LYS A 261 21.78 -16.88 -15.92
N SER A 262 20.98 -17.42 -14.99
CA SER A 262 19.91 -18.34 -15.36
C SER A 262 18.81 -17.68 -16.19
N VAL A 263 18.59 -16.37 -16.00
CA VAL A 263 17.52 -15.64 -16.71
C VAL A 263 17.73 -15.68 -18.21
N ARG A 264 16.67 -16.07 -18.93
CA ARG A 264 16.70 -16.17 -20.39
C ARG A 264 16.76 -14.80 -21.05
N MET A 265 16.19 -13.77 -20.40
CA MET A 265 16.14 -12.43 -20.96
C MET A 265 17.53 -11.81 -21.08
N LEU A 266 18.36 -11.96 -20.05
CA LEU A 266 19.68 -11.34 -20.03
C LEU A 266 20.60 -11.96 -21.08
N SER A 267 20.49 -13.27 -21.31
CA SER A 267 21.28 -13.91 -22.35
C SER A 267 20.54 -13.82 -23.68
N GLY A 268 21.18 -14.29 -24.74
CA GLY A 268 20.52 -14.35 -26.05
C GLY A 268 21.15 -13.53 -27.15
N SER A 269 21.56 -12.30 -26.85
CA SER A 269 22.14 -11.42 -27.86
C SER A 269 23.32 -10.67 -27.25
N LYS A 270 24.15 -10.11 -28.15
CA LYS A 270 25.38 -9.43 -27.74
C LYS A 270 25.10 -8.20 -26.88
N GLU A 271 24.07 -7.41 -27.22
CA GLU A 271 23.71 -6.23 -26.42
C GLU A 271 23.20 -6.63 -25.04
N LYS A 272 22.36 -7.67 -24.98
CA LYS A 272 21.85 -8.17 -23.72
C LYS A 272 22.96 -8.78 -22.87
N ASP A 273 23.91 -9.48 -23.51
CA ASP A 273 25.04 -10.02 -22.80
C ASP A 273 25.94 -8.92 -22.25
N ARG A 274 26.09 -7.83 -23.01
CA ARG A 274 26.82 -6.65 -22.53
C ARG A 274 26.16 -6.05 -21.30
N ASN A 275 24.82 -5.95 -21.32
CA ASN A 275 24.09 -5.43 -20.17
C ASN A 275 24.24 -6.33 -18.95
N LEU A 276 24.19 -7.66 -19.17
CA LEU A 276 24.42 -8.63 -18.09
C LEU A 276 25.84 -8.50 -17.52
N ARG A 277 26.83 -8.30 -18.39
CA ARG A 277 28.20 -8.14 -17.94
C ARG A 277 28.37 -6.85 -17.15
N ARG A 278 27.66 -5.79 -17.55
CA ARG A 278 27.71 -4.54 -16.80
C ARG A 278 27.09 -4.68 -15.42
N ILE A 279 25.97 -5.42 -15.32
CA ILE A 279 25.35 -5.67 -14.02
C ILE A 279 26.27 -6.50 -13.11
N THR A 280 26.89 -7.54 -13.67
CA THR A 280 27.80 -8.38 -12.89
C THR A 280 29.03 -7.59 -12.44
N ARG A 281 29.55 -6.71 -13.31
CA ARG A 281 30.66 -5.84 -12.96
C ARG A 281 30.28 -4.88 -11.85
N MET A 282 29.07 -4.33 -11.90
CA MET A 282 28.59 -3.40 -10.87
C MET A 282 28.50 -4.09 -9.51
N VAL A 283 27.97 -5.32 -9.50
CA VAL A 283 27.86 -6.10 -8.27
C VAL A 283 29.24 -6.40 -7.69
N LEU A 284 30.17 -6.84 -8.55
CA LEU A 284 31.51 -7.17 -8.09
C LEU A 284 32.26 -5.95 -7.56
N VAL A 285 32.04 -4.79 -8.19
CA VAL A 285 32.63 -3.54 -7.70
C VAL A 285 32.09 -3.18 -6.33
N VAL A 286 30.78 -3.37 -6.11
CA VAL A 286 30.17 -3.07 -4.81
C VAL A 286 30.76 -3.95 -3.71
N VAL A 287 30.86 -5.26 -3.97
CA VAL A 287 31.39 -6.20 -3.00
C VAL A 287 32.87 -5.93 -2.73
N ALA A 288 33.64 -5.67 -3.80
CA ALA A 288 35.07 -5.43 -3.66
C ALA A 288 35.35 -4.15 -2.88
N VAL A 289 34.60 -3.07 -3.15
CA VAL A 289 34.80 -1.81 -2.43
C VAL A 289 34.48 -1.98 -0.95
N PHE A 290 33.40 -2.73 -0.63
CA PHE A 290 33.06 -2.95 0.78
C PHE A 290 34.14 -3.75 1.52
N ILE A 291 34.62 -4.83 0.89
CA ILE A 291 35.62 -5.68 1.56
C ILE A 291 36.95 -4.96 1.70
N VAL A 292 37.42 -4.31 0.61
CA VAL A 292 38.72 -3.65 0.60
C VAL A 292 38.73 -2.47 1.58
N CYS A 293 37.62 -1.75 1.70
CA CYS A 293 37.59 -0.63 2.62
C CYS A 293 37.52 -1.07 4.07
N TRP A 294 36.63 -2.02 4.42
CA TRP A 294 36.45 -2.30 5.84
C TRP A 294 37.42 -3.33 6.41
N THR A 295 38.08 -4.13 5.58
CA THR A 295 38.98 -5.16 6.10
C THR A 295 40.23 -4.66 6.87
N PRO A 296 41.00 -3.63 6.41
CA PRO A 296 42.22 -3.26 7.16
C PRO A 296 41.98 -2.72 8.56
N ILE A 297 40.97 -1.87 8.76
CA ILE A 297 40.77 -1.28 10.08
C ILE A 297 40.38 -2.35 11.11
N HIS A 298 39.53 -3.30 10.72
CA HIS A 298 39.13 -4.38 11.63
C HIS A 298 40.31 -5.30 11.96
N ILE A 299 41.09 -5.69 10.93
CA ILE A 299 42.24 -6.56 11.18
C ILE A 299 43.29 -5.84 12.02
N TYR A 300 43.48 -4.54 11.77
CA TYR A 300 44.46 -3.76 12.52
C TYR A 300 44.06 -3.60 13.97
N VAL A 301 42.75 -3.42 14.24
CA VAL A 301 42.26 -3.36 15.62
C VAL A 301 42.50 -4.69 16.34
N ILE A 302 42.23 -5.81 15.66
CA ILE A 302 42.45 -7.12 16.26
C ILE A 302 43.94 -7.36 16.55
N ILE A 303 44.81 -6.98 15.61
CA ILE A 303 46.26 -7.13 15.80
C ILE A 303 46.76 -6.22 16.93
N LYS A 304 46.25 -4.98 17.00
CA LYS A 304 46.65 -4.04 18.04
C LYS A 304 46.22 -4.54 19.42
N ALA A 305 45.03 -5.12 19.51
CA ALA A 305 44.57 -5.68 20.78
C ALA A 305 45.40 -6.89 21.19
N LEU A 306 45.63 -7.82 20.25
CA LEU A 306 46.35 -9.05 20.58
C LEU A 306 47.83 -8.81 20.87
N VAL A 307 48.50 -8.01 20.04
CA VAL A 307 49.95 -7.84 20.12
C VAL A 307 50.26 -6.36 20.31
N THR A 308 50.99 -6.04 21.38
CA THR A 308 51.44 -4.68 21.60
C THR A 308 52.54 -4.33 20.61
N ILE A 309 52.39 -3.19 19.94
CA ILE A 309 53.34 -2.76 18.92
C ILE A 309 53.98 -1.44 19.34
N PRO A 310 55.29 -1.28 19.14
CA PRO A 310 55.94 0.00 19.49
C PRO A 310 55.45 1.14 18.61
N GLU A 311 55.29 2.31 19.23
CA GLU A 311 54.82 3.49 18.51
C GLU A 311 55.87 3.99 17.52
N THR A 312 55.45 4.20 16.27
CA THR A 312 56.32 4.63 15.20
C THR A 312 55.53 5.62 14.36
N THR A 313 56.24 6.44 13.58
CA THR A 313 55.58 7.36 12.65
C THR A 313 54.78 6.60 11.59
N PHE A 314 55.36 5.49 11.09
CA PHE A 314 54.67 4.62 10.14
C PHE A 314 53.44 3.98 10.78
N GLN A 315 53.53 3.63 12.06
CA GLN A 315 52.39 3.04 12.77
C GLN A 315 51.24 4.05 12.89
N THR A 316 51.56 5.31 13.17
CA THR A 316 50.55 6.36 13.25
C THR A 316 49.91 6.61 11.88
N VAL A 317 50.73 6.58 10.81
CA VAL A 317 50.21 6.78 9.47
C VAL A 317 49.30 5.62 9.06
N SER A 318 49.68 4.38 9.42
CA SER A 318 48.84 3.23 9.12
C SER A 318 47.52 3.28 9.88
N TRP A 319 47.56 3.75 11.14
CA TRP A 319 46.34 3.86 11.94
C TRP A 319 45.36 4.85 11.34
N HIS A 320 45.85 6.06 11.02
CA HIS A 320 44.97 7.06 10.43
C HIS A 320 44.60 6.75 8.99
N PHE A 321 45.42 5.94 8.29
CA PHE A 321 45.08 5.54 6.94
C PHE A 321 43.98 4.49 6.93
N CYS A 322 44.01 3.55 7.88
CA CYS A 322 42.93 2.57 7.99
C CYS A 322 41.62 3.23 8.41
N ILE A 323 41.71 4.25 9.28
CA ILE A 323 40.50 5.00 9.64
C ILE A 323 40.00 5.80 8.43
N ALA A 324 40.92 6.30 7.61
CA ALA A 324 40.56 7.04 6.40
C ALA A 324 39.87 6.12 5.39
N LEU A 325 40.33 4.88 5.25
CA LEU A 325 39.66 3.92 4.36
C LEU A 325 38.27 3.56 4.86
N GLY A 326 38.13 3.44 6.19
CA GLY A 326 36.82 3.15 6.78
C GLY A 326 35.81 4.24 6.50
N TYR A 327 36.23 5.51 6.60
CA TYR A 327 35.31 6.58 6.21
C TYR A 327 35.21 6.73 4.69
N THR A 328 36.24 6.30 3.95
CA THR A 328 36.26 6.39 2.49
C THR A 328 35.14 5.56 1.87
N ASN A 329 34.83 4.39 2.46
CA ASN A 329 33.69 3.61 1.98
C ASN A 329 32.38 4.40 2.08
N SER A 330 32.17 5.07 3.21
CA SER A 330 30.99 5.93 3.37
C SER A 330 31.00 7.07 2.36
N CYS A 331 32.20 7.59 2.03
CA CYS A 331 32.31 8.63 1.02
C CYS A 331 31.94 8.12 -0.37
N LEU A 332 32.34 6.90 -0.71
CA LEU A 332 32.11 6.34 -2.04
C LEU A 332 30.76 5.62 -2.16
N ASN A 333 30.02 5.45 -1.07
CA ASN A 333 28.68 4.88 -1.16
C ASN A 333 27.70 5.70 -2.03
N PRO A 334 27.67 7.06 -2.00
CA PRO A 334 26.81 7.75 -2.98
C PRO A 334 27.18 7.51 -4.43
N VAL A 335 28.48 7.46 -4.75
CA VAL A 335 28.94 7.27 -6.13
C VAL A 335 28.51 5.90 -6.65
N LEU A 336 28.70 4.86 -5.84
CA LEU A 336 28.32 3.52 -6.25
C LEU A 336 26.80 3.35 -6.28
N TYR A 337 26.09 3.79 -5.25
CA TYR A 337 24.68 3.43 -5.16
C TYR A 337 23.75 4.42 -5.86
N ALA A 338 23.93 5.73 -5.68
CA ALA A 338 22.97 6.68 -6.21
C ALA A 338 23.38 7.20 -7.58
N PHE A 339 24.66 7.57 -7.75
CA PHE A 339 25.11 8.14 -9.02
C PHE A 339 25.08 7.12 -10.15
N LEU A 340 25.44 5.87 -9.86
CA LEU A 340 25.40 4.82 -10.88
C LEU A 340 24.01 4.21 -11.05
N ASP A 341 23.04 4.63 -10.24
CA ASP A 341 21.67 4.15 -10.37
C ASP A 341 21.06 4.73 -11.65
N GLU A 342 20.42 3.86 -12.45
CA GLU A 342 19.83 4.29 -13.71
C GLU A 342 18.68 5.29 -13.51
N ASN A 343 17.85 5.05 -12.49
CA ASN A 343 16.72 5.94 -12.20
C ASN A 343 17.19 7.35 -11.84
N PHE A 344 18.23 7.46 -11.02
CA PHE A 344 18.82 8.76 -10.73
C PHE A 344 19.53 9.33 -11.94
N LYS A 345 20.20 8.48 -12.73
CA LYS A 345 20.94 8.93 -13.91
C LYS A 345 20.01 9.57 -14.94
N ARG A 346 18.80 9.02 -15.09
CA ARG A 346 17.79 9.64 -15.95
C ARG A 346 17.39 11.01 -15.42
N CYS A 347 17.26 11.14 -14.09
CA CYS A 347 16.92 12.42 -13.49
C CYS A 347 18.02 13.46 -13.71
N PHE A 348 19.29 13.04 -13.60
CA PHE A 348 20.39 13.96 -13.87
C PHE A 348 20.42 14.36 -15.34
N ARG A 349 20.15 13.42 -16.25
CA ARG A 349 20.17 13.73 -17.68
C ARG A 349 19.00 14.63 -18.08
N GLU A 350 17.86 14.52 -17.40
CA GLU A 350 16.71 15.35 -17.74
C GLU A 350 16.95 16.82 -17.35
N PHE A 351 17.59 17.04 -16.20
CA PHE A 351 17.79 18.40 -15.71
C PHE A 351 19.24 18.84 -15.91
N THR B 4 -13.29 24.11 16.04
CA THR B 4 -13.52 24.78 14.76
C THR B 4 -14.59 24.04 13.96
N LEU B 5 -14.34 22.77 13.65
CA LEU B 5 -15.28 21.96 12.91
C LEU B 5 -16.46 21.57 13.78
N SER B 6 -17.64 21.48 13.15
CA SER B 6 -18.83 21.02 13.84
C SER B 6 -18.79 19.49 14.01
N ALA B 7 -19.82 18.95 14.66
CA ALA B 7 -19.87 17.51 14.93
C ALA B 7 -20.04 16.70 13.64
N GLU B 8 -20.88 17.19 12.73
CA GLU B 8 -21.10 16.49 11.47
C GLU B 8 -19.86 16.57 10.57
N ASP B 9 -19.12 17.68 10.64
CA ASP B 9 -17.89 17.79 9.85
C ASP B 9 -16.83 16.83 10.35
N LYS B 10 -16.74 16.64 11.67
CA LYS B 10 -15.81 15.67 12.25
C LYS B 10 -16.19 14.25 11.88
N ALA B 11 -17.50 13.93 11.91
CA ALA B 11 -17.93 12.59 11.53
C ALA B 11 -17.75 12.35 10.03
N ALA B 12 -17.88 13.39 9.20
CA ALA B 12 -17.64 13.25 7.77
C ALA B 12 -16.17 13.03 7.47
N VAL B 13 -15.28 13.70 8.23
CA VAL B 13 -13.85 13.46 8.07
C VAL B 13 -13.49 12.05 8.51
N GLU B 14 -14.14 11.54 9.57
CA GLU B 14 -13.92 10.17 10.01
C GLU B 14 -14.40 9.15 8.97
N ARG B 15 -15.52 9.45 8.30
CA ARG B 15 -16.00 8.62 7.20
C ARG B 15 -15.02 8.64 6.04
N SER B 16 -14.44 9.80 5.75
CA SER B 16 -13.45 9.90 4.68
C SER B 16 -12.17 9.13 5.02
N LYS B 17 -11.80 9.09 6.30
CA LYS B 17 -10.62 8.31 6.68
C LYS B 17 -10.89 6.81 6.60
N MET B 18 -12.14 6.39 6.85
CA MET B 18 -12.46 4.97 6.70
C MET B 18 -12.50 4.57 5.23
N ILE B 19 -12.94 5.49 4.37
CA ILE B 19 -12.91 5.24 2.93
C ILE B 19 -11.46 5.21 2.42
N ASP B 20 -10.60 6.07 2.99
CA ASP B 20 -9.18 6.04 2.61
C ASP B 20 -8.50 4.74 3.04
N ARG B 21 -8.90 4.17 4.19
CA ARG B 21 -8.36 2.90 4.61
C ARG B 21 -8.81 1.77 3.68
N ASN B 22 -10.08 1.82 3.24
CA ASN B 22 -10.58 0.77 2.34
C ASN B 22 -9.94 0.89 0.96
N LEU B 23 -9.70 2.12 0.50
CA LEU B 23 -9.08 2.32 -0.81
C LEU B 23 -7.61 1.90 -0.80
N ARG B 24 -6.90 2.15 0.30
CA ARG B 24 -5.51 1.70 0.39
C ARG B 24 -5.42 0.19 0.48
N GLU B 25 -6.36 -0.47 1.18
CA GLU B 25 -6.36 -1.92 1.25
C GLU B 25 -6.67 -2.54 -0.11
N ASP B 26 -7.63 -1.98 -0.85
CA ASP B 26 -7.94 -2.50 -2.18
C ASP B 26 -6.82 -2.23 -3.17
N GLY B 27 -6.10 -1.11 -3.02
CA GLY B 27 -4.97 -0.86 -3.88
C GLY B 27 -3.81 -1.79 -3.62
N GLU B 28 -3.59 -2.13 -2.35
CA GLU B 28 -2.55 -3.11 -2.01
C GLU B 28 -2.92 -4.50 -2.54
N LYS B 29 -4.21 -4.84 -2.54
CA LYS B 29 -4.62 -6.11 -3.11
C LYS B 29 -4.47 -6.11 -4.62
N ALA B 30 -4.79 -4.99 -5.27
CA ALA B 30 -4.72 -4.91 -6.74
C ALA B 30 -3.29 -4.86 -7.26
N ALA B 31 -2.35 -4.36 -6.45
CA ALA B 31 -0.96 -4.23 -6.91
C ALA B 31 -0.28 -5.58 -7.09
N ARG B 32 -0.64 -6.58 -6.28
CA ARG B 32 -0.03 -7.91 -6.41
C ARG B 32 -0.56 -8.66 -7.62
N GLU B 33 -1.79 -8.38 -8.04
CA GLU B 33 -2.42 -9.14 -9.11
C GLU B 33 -1.82 -8.81 -10.47
N VAL B 34 -1.57 -9.86 -11.25
CA VAL B 34 -0.94 -9.76 -12.57
C VAL B 34 -2.01 -9.71 -13.65
N LYS B 35 -1.96 -8.68 -14.48
CA LYS B 35 -2.90 -8.49 -15.58
C LYS B 35 -2.28 -8.97 -16.89
N LEU B 36 -3.02 -9.78 -17.64
CA LEU B 36 -2.56 -10.32 -18.91
C LEU B 36 -3.58 -9.97 -19.99
N LEU B 37 -3.10 -9.53 -21.15
CA LEU B 37 -3.97 -9.18 -22.27
C LEU B 37 -4.00 -10.32 -23.28
N LEU B 38 -5.20 -10.74 -23.65
CA LEU B 38 -5.40 -11.84 -24.60
C LEU B 38 -5.75 -11.27 -25.96
N LEU B 39 -5.01 -11.68 -26.98
CA LEU B 39 -5.19 -11.19 -28.34
C LEU B 39 -5.13 -12.35 -29.32
N GLY B 40 -5.64 -12.09 -30.53
CA GLY B 40 -5.64 -13.08 -31.59
C GLY B 40 -6.92 -13.06 -32.40
N ALA B 41 -7.06 -13.98 -33.35
CA ALA B 41 -8.28 -14.09 -34.12
C ALA B 41 -9.33 -14.86 -33.34
N GLY B 42 -10.56 -14.86 -33.87
CA GLY B 42 -11.64 -15.55 -33.18
C GLY B 42 -11.54 -17.07 -33.27
N GLU B 43 -11.09 -17.57 -34.42
CA GLU B 43 -10.94 -19.01 -34.63
C GLU B 43 -9.58 -19.54 -34.21
N SER B 44 -8.75 -18.72 -33.55
CA SER B 44 -7.42 -19.15 -33.15
C SER B 44 -7.46 -20.19 -32.04
N GLY B 45 -8.49 -20.16 -31.19
CA GLY B 45 -8.54 -21.08 -30.08
C GLY B 45 -8.37 -20.40 -28.73
N LYS B 46 -8.93 -19.20 -28.59
CA LYS B 46 -8.87 -18.50 -27.31
C LYS B 46 -9.67 -19.22 -26.24
N SER B 47 -10.89 -19.68 -26.58
CA SER B 47 -11.75 -20.33 -25.59
C SER B 47 -11.18 -21.65 -25.12
N THR B 48 -10.48 -22.38 -26.00
CA THR B 48 -9.89 -23.66 -25.64
C THR B 48 -8.76 -23.46 -24.62
N ILE B 49 -7.87 -22.50 -24.88
CA ILE B 49 -6.74 -22.31 -24.00
C ILE B 49 -7.18 -21.64 -22.70
N VAL B 50 -8.30 -20.89 -22.71
CA VAL B 50 -8.83 -20.33 -21.47
C VAL B 50 -9.42 -21.44 -20.61
N LYS B 51 -10.18 -22.37 -21.21
CA LYS B 51 -10.70 -23.51 -20.46
C LYS B 51 -9.57 -24.39 -19.91
N GLN B 52 -8.50 -24.57 -20.70
CA GLN B 52 -7.35 -25.35 -20.24
C GLN B 52 -6.68 -24.68 -19.04
N MET B 53 -6.49 -23.36 -19.09
CA MET B 53 -5.86 -22.65 -17.97
C MET B 53 -6.74 -22.63 -16.73
N LYS B 54 -8.07 -22.55 -16.90
CA LYS B 54 -8.98 -22.58 -15.76
C LYS B 54 -8.89 -23.89 -14.99
N ILE B 55 -8.78 -25.02 -15.70
CA ILE B 55 -8.70 -26.31 -15.06
C ILE B 55 -7.24 -26.63 -14.70
N THR B 182 -20.12 -10.62 -24.26
CA THR B 182 -19.91 -9.30 -24.82
C THR B 182 -18.95 -8.48 -23.98
N GLY B 183 -18.52 -7.34 -24.51
CA GLY B 183 -17.57 -6.47 -23.81
C GLY B 183 -16.23 -7.14 -23.60
N ILE B 184 -15.76 -7.13 -22.36
CA ILE B 184 -14.48 -7.72 -21.99
C ILE B 184 -14.76 -8.91 -21.09
N VAL B 185 -14.13 -10.03 -21.40
CA VAL B 185 -14.25 -11.25 -20.61
C VAL B 185 -13.02 -11.31 -19.71
N GLU B 186 -13.24 -11.41 -18.41
CA GLU B 186 -12.17 -11.39 -17.42
C GLU B 186 -12.09 -12.75 -16.75
N THR B 187 -10.89 -13.33 -16.74
CA THR B 187 -10.65 -14.65 -16.17
C THR B 187 -9.69 -14.53 -15.00
N HIS B 188 -10.07 -15.09 -13.86
CA HIS B 188 -9.26 -15.09 -12.65
C HIS B 188 -8.79 -16.52 -12.37
N PHE B 189 -7.49 -16.71 -12.30
CA PHE B 189 -6.93 -17.99 -11.89
C PHE B 189 -5.64 -17.74 -11.11
N THR B 190 -5.33 -18.66 -10.20
CA THR B 190 -4.17 -18.53 -9.31
C THR B 190 -3.24 -19.70 -9.52
N PHE B 191 -1.98 -19.42 -9.83
CA PHE B 191 -0.96 -20.45 -10.00
C PHE B 191 0.28 -20.05 -9.20
N LYS B 192 0.70 -20.94 -8.30
CA LYS B 192 1.88 -20.77 -7.43
C LYS B 192 1.88 -19.44 -6.67
N ASP B 193 0.75 -19.18 -6.00
CA ASP B 193 0.51 -18.01 -5.15
C ASP B 193 0.69 -16.70 -5.93
N LEU B 194 0.28 -16.71 -7.20
CA LEU B 194 0.34 -15.54 -8.05
C LEU B 194 -1.00 -15.38 -8.75
N HIS B 195 -1.64 -14.22 -8.56
CA HIS B 195 -2.97 -13.97 -9.10
C HIS B 195 -2.86 -13.47 -10.53
N PHE B 196 -3.67 -14.05 -11.42
CA PHE B 196 -3.65 -13.72 -12.84
C PHE B 196 -4.99 -13.13 -13.27
N LYS B 197 -4.94 -12.05 -14.04
CA LYS B 197 -6.10 -11.48 -14.71
C LYS B 197 -5.91 -11.57 -16.20
N MET B 198 -6.81 -12.28 -16.88
CA MET B 198 -6.78 -12.41 -18.33
C MET B 198 -7.98 -11.68 -18.93
N PHE B 199 -7.71 -10.76 -19.85
CA PHE B 199 -8.74 -9.93 -20.46
C PHE B 199 -8.90 -10.31 -21.93
N ASP B 200 -10.05 -10.89 -22.26
CA ASP B 200 -10.35 -11.27 -23.64
C ASP B 200 -11.12 -10.13 -24.31
N VAL B 201 -10.52 -9.55 -25.34
CA VAL B 201 -11.07 -8.38 -26.01
C VAL B 201 -11.65 -8.73 -27.38
N GLY B 202 -11.81 -10.01 -27.68
CA GLY B 202 -12.24 -10.44 -29.00
C GLY B 202 -13.68 -10.11 -29.35
N ALA B 203 -14.52 -9.85 -28.34
CA ALA B 203 -15.93 -9.60 -28.60
C ALA B 203 -16.18 -8.26 -29.27
N GLN B 204 -15.33 -7.27 -29.02
CA GLN B 204 -15.56 -5.92 -29.54
C GLN B 204 -15.30 -5.85 -31.04
N ARG B 205 -16.17 -5.13 -31.74
CA ARG B 205 -16.07 -4.90 -33.18
C ARG B 205 -15.53 -3.51 -33.51
N SER B 206 -15.39 -2.65 -32.50
CA SER B 206 -15.00 -1.26 -32.71
C SER B 206 -13.52 -1.15 -33.11
N GLU B 207 -13.12 0.06 -33.47
CA GLU B 207 -11.74 0.34 -33.85
C GLU B 207 -10.82 0.19 -32.64
N ARG B 208 -9.79 -0.63 -32.80
CA ARG B 208 -8.94 -1.00 -31.67
C ARG B 208 -8.01 0.15 -31.26
N LYS B 209 -7.68 1.05 -32.20
CA LYS B 209 -6.68 2.10 -31.96
C LYS B 209 -7.11 3.08 -30.88
N LYS B 210 -8.42 3.25 -30.67
CA LYS B 210 -8.91 4.27 -29.76
C LYS B 210 -8.97 3.80 -28.31
N TRP B 211 -9.12 2.49 -28.06
CA TRP B 211 -9.14 1.99 -26.70
C TRP B 211 -7.90 1.19 -26.34
N ILE B 212 -6.89 1.13 -27.22
CA ILE B 212 -5.69 0.36 -26.94
C ILE B 212 -4.81 1.05 -25.89
N HIS B 213 -4.98 2.36 -25.69
CA HIS B 213 -4.15 3.08 -24.73
C HIS B 213 -4.54 2.80 -23.29
N CYS B 214 -5.73 2.21 -23.06
CA CYS B 214 -6.15 1.85 -21.71
C CYS B 214 -5.28 0.74 -21.13
N PHE B 215 -4.81 -0.18 -21.97
CA PHE B 215 -4.06 -1.35 -21.53
C PHE B 215 -2.55 -1.10 -21.47
N GLU B 216 -2.13 0.13 -21.18
CA GLU B 216 -0.71 0.46 -21.13
C GLU B 216 0.00 -0.27 -19.99
N GLY B 217 -0.58 -0.25 -18.80
CA GLY B 217 0.02 -0.90 -17.66
C GLY B 217 -0.34 -2.37 -17.54
N VAL B 218 0.15 -3.19 -18.48
CA VAL B 218 -0.14 -4.62 -18.48
C VAL B 218 1.19 -5.35 -18.37
N THR B 219 1.14 -6.54 -17.74
CA THR B 219 2.36 -7.31 -17.52
C THR B 219 2.87 -7.92 -18.81
N ALA B 220 2.01 -8.63 -19.54
CA ALA B 220 2.40 -9.31 -20.76
C ALA B 220 1.21 -9.41 -21.70
N ILE B 221 1.51 -9.66 -22.97
CA ILE B 221 0.50 -9.81 -24.01
C ILE B 221 0.48 -11.28 -24.44
N ILE B 222 -0.67 -11.93 -24.27
CA ILE B 222 -0.85 -13.30 -24.73
C ILE B 222 -1.47 -13.24 -26.12
N PHE B 223 -0.70 -13.60 -27.13
CA PHE B 223 -1.13 -13.54 -28.52
C PHE B 223 -1.25 -14.97 -29.05
N CYS B 224 -2.47 -15.39 -29.37
CA CYS B 224 -2.74 -16.76 -29.78
C CYS B 224 -3.17 -16.79 -31.25
N VAL B 225 -2.49 -17.64 -32.03
CA VAL B 225 -2.87 -17.93 -33.40
C VAL B 225 -2.77 -19.44 -33.62
N ALA B 226 -3.40 -19.90 -34.70
CA ALA B 226 -3.43 -21.32 -35.05
C ALA B 226 -2.49 -21.56 -36.23
N LEU B 227 -1.71 -22.64 -36.12
CA LEU B 227 -0.73 -22.96 -37.18
C LEU B 227 -1.42 -23.44 -38.45
N SER B 228 -2.61 -24.01 -38.35
CA SER B 228 -3.34 -24.55 -39.50
C SER B 228 -4.09 -23.48 -40.28
N ASP B 229 -3.88 -22.20 -39.99
CA ASP B 229 -4.60 -21.11 -40.64
C ASP B 229 -4.10 -20.80 -42.05
N TYR B 230 -2.94 -21.35 -42.47
CA TYR B 230 -2.33 -20.91 -43.72
C TYR B 230 -3.10 -21.41 -44.95
N ASP B 231 -3.64 -22.63 -44.89
CA ASP B 231 -4.44 -23.11 -46.01
C ASP B 231 -5.87 -22.57 -45.97
N LEU B 232 -6.43 -22.36 -44.79
CA LEU B 232 -7.79 -21.84 -44.67
C LEU B 232 -7.78 -20.35 -44.99
N VAL B 233 -8.42 -19.98 -46.08
CA VAL B 233 -8.47 -18.59 -46.50
C VAL B 233 -9.46 -17.85 -45.60
N LEU B 234 -9.25 -16.54 -45.42
CA LEU B 234 -10.14 -15.71 -44.62
C LEU B 234 -11.54 -15.67 -45.22
N ALA B 235 -12.55 -15.72 -44.33
CA ALA B 235 -13.95 -15.74 -44.76
C ALA B 235 -14.33 -14.46 -45.48
N GLU B 236 -13.79 -13.32 -45.04
CA GLU B 236 -14.17 -12.02 -45.58
C GLU B 236 -13.49 -11.81 -46.94
N ASP B 237 -14.24 -12.11 -48.01
CA ASP B 237 -13.99 -11.90 -49.44
C ASP B 237 -13.03 -12.94 -50.03
N GLU B 238 -12.39 -13.79 -49.21
CA GLU B 238 -11.50 -14.88 -49.62
C GLU B 238 -10.38 -14.40 -50.56
N GLU B 239 -9.77 -13.28 -50.21
CA GLU B 239 -8.68 -12.72 -51.00
C GLU B 239 -7.36 -12.63 -50.26
N MET B 240 -7.30 -13.05 -48.99
CA MET B 240 -6.08 -12.96 -48.21
C MET B 240 -5.98 -14.15 -47.26
N ASN B 241 -4.77 -14.71 -47.17
CA ASN B 241 -4.52 -15.82 -46.26
C ASN B 241 -4.58 -15.35 -44.81
N ARG B 242 -5.14 -16.20 -43.95
CA ARG B 242 -5.26 -15.92 -42.53
C ARG B 242 -3.90 -15.70 -41.87
N MET B 243 -2.90 -16.51 -42.22
CA MET B 243 -1.54 -16.38 -41.69
C MET B 243 -0.96 -14.98 -41.88
N HIS B 244 -1.20 -14.36 -43.03
CA HIS B 244 -0.66 -13.02 -43.25
C HIS B 244 -1.49 -11.96 -42.54
N GLU B 245 -2.78 -12.21 -42.35
CA GLU B 245 -3.59 -11.32 -41.52
C GLU B 245 -3.14 -11.40 -40.06
N SER B 246 -2.76 -12.59 -39.60
CA SER B 246 -2.21 -12.74 -38.26
C SER B 246 -0.83 -12.08 -38.15
N MET B 247 -0.05 -12.08 -39.24
CA MET B 247 1.21 -11.35 -39.23
C MET B 247 1.00 -9.85 -39.11
N LYS B 248 -0.01 -9.31 -39.82
CA LYS B 248 -0.34 -7.89 -39.66
C LYS B 248 -0.91 -7.60 -38.28
N LEU B 249 -1.67 -8.55 -37.71
CA LEU B 249 -2.22 -8.42 -36.37
C LEU B 249 -1.12 -8.36 -35.32
N PHE B 250 -0.09 -9.20 -35.49
CA PHE B 250 1.05 -9.18 -34.58
C PHE B 250 1.90 -7.95 -34.81
N ASP B 251 1.99 -7.48 -36.06
CA ASP B 251 2.83 -6.33 -36.39
C ASP B 251 2.26 -5.05 -35.81
N SER B 252 0.93 -4.91 -35.81
CA SER B 252 0.31 -3.70 -35.26
C SER B 252 0.44 -3.65 -33.75
N ILE B 253 0.33 -4.80 -33.07
CA ILE B 253 0.43 -4.83 -31.61
C ILE B 253 1.88 -4.66 -31.17
N CYS B 254 2.82 -5.32 -31.86
CA CYS B 254 4.22 -5.30 -31.43
C CYS B 254 4.85 -3.93 -31.64
N ASN B 255 4.55 -3.27 -32.75
CA ASN B 255 5.10 -1.95 -33.05
C ASN B 255 4.25 -0.81 -32.50
N ASN B 256 3.28 -1.10 -31.63
CA ASN B 256 2.45 -0.06 -31.05
C ASN B 256 3.26 0.81 -30.09
N LYS B 257 2.95 2.11 -30.09
CA LYS B 257 3.68 3.05 -29.24
C LYS B 257 3.38 2.84 -27.76
N TRP B 258 2.21 2.27 -27.43
CA TRP B 258 1.85 2.02 -26.05
C TRP B 258 2.47 0.75 -25.49
N PHE B 259 2.91 -0.15 -26.35
CA PHE B 259 3.53 -1.41 -25.94
C PHE B 259 4.97 -1.41 -26.45
N THR B 260 5.88 -0.84 -25.66
CA THR B 260 7.30 -0.79 -25.99
C THR B 260 8.14 -1.75 -25.15
N ASP B 261 7.85 -1.86 -23.86
CA ASP B 261 8.58 -2.77 -22.98
C ASP B 261 7.74 -3.97 -22.55
N THR B 262 6.56 -4.14 -23.14
CA THR B 262 5.67 -5.23 -22.78
C THR B 262 6.01 -6.46 -23.62
N SER B 263 6.37 -7.55 -22.96
CA SER B 263 6.69 -8.78 -23.67
C SER B 263 5.43 -9.44 -24.21
N ILE B 264 5.60 -10.23 -25.26
CA ILE B 264 4.48 -10.91 -25.90
C ILE B 264 4.67 -12.41 -25.71
N ILE B 265 3.65 -13.06 -25.15
CA ILE B 265 3.64 -14.50 -24.98
C ILE B 265 2.89 -15.09 -26.17
N LEU B 266 3.64 -15.69 -27.09
CA LEU B 266 3.07 -16.21 -28.33
C LEU B 266 2.68 -17.68 -28.17
N PHE B 267 1.44 -18.00 -28.55
CA PHE B 267 0.96 -19.37 -28.57
C PHE B 267 0.62 -19.77 -29.99
N LEU B 268 1.11 -20.92 -30.42
CA LEU B 268 0.82 -21.49 -31.72
C LEU B 268 -0.11 -22.67 -31.52
N ASN B 269 -1.34 -22.54 -32.00
CA ASN B 269 -2.40 -23.52 -31.75
C ASN B 269 -2.52 -24.50 -32.91
N LYS B 270 -3.23 -25.61 -32.63
CA LYS B 270 -3.61 -26.64 -33.62
C LYS B 270 -2.39 -27.26 -34.30
N LYS B 271 -1.37 -27.60 -33.51
CA LYS B 271 -0.16 -28.18 -34.08
C LYS B 271 -0.35 -29.60 -34.61
N ASP B 272 -1.26 -30.40 -34.02
CA ASP B 272 -1.51 -31.73 -34.56
C ASP B 272 -2.21 -31.66 -35.92
N LEU B 273 -3.18 -30.76 -36.05
CA LEU B 273 -3.79 -30.48 -37.35
C LEU B 273 -2.78 -29.87 -38.29
N PHE B 274 -1.83 -29.09 -37.77
CA PHE B 274 -0.75 -28.56 -38.59
C PHE B 274 0.15 -29.68 -39.12
N GLU B 275 0.40 -30.71 -38.29
CA GLU B 275 1.21 -31.84 -38.71
C GLU B 275 0.54 -32.64 -39.82
N GLU B 276 -0.78 -32.84 -39.69
CA GLU B 276 -1.53 -33.56 -40.72
C GLU B 276 -1.60 -32.73 -42.00
N LYS B 277 -1.93 -31.44 -41.87
CA LYS B 277 -2.02 -30.54 -43.00
C LYS B 277 -0.68 -30.38 -43.71
N ILE B 278 0.43 -30.32 -42.97
CA ILE B 278 1.73 -30.19 -43.60
C ILE B 278 2.17 -31.51 -44.24
N LYS B 279 1.65 -32.65 -43.78
CA LYS B 279 1.92 -33.89 -44.50
C LYS B 279 1.13 -33.94 -45.81
N LYS B 280 -0.11 -33.45 -45.79
CA LYS B 280 -0.94 -33.56 -46.99
C LYS B 280 -0.68 -32.44 -48.01
N SER B 281 -0.38 -31.22 -47.56
CA SER B 281 -0.22 -30.06 -48.43
C SER B 281 1.06 -29.31 -48.08
N PRO B 282 1.85 -28.91 -49.07
CA PRO B 282 3.09 -28.17 -48.78
C PRO B 282 2.82 -26.72 -48.41
N LEU B 283 3.85 -26.13 -47.78
CA LEU B 283 3.82 -24.72 -47.39
C LEU B 283 4.27 -23.79 -48.51
N THR B 284 4.77 -24.32 -49.63
CA THR B 284 5.24 -23.49 -50.71
C THR B 284 4.12 -22.82 -51.50
N ILE B 285 2.90 -23.39 -51.46
CA ILE B 285 1.82 -22.93 -52.32
C ILE B 285 1.31 -21.55 -51.90
N CYS B 286 1.29 -21.24 -50.60
CA CYS B 286 0.78 -19.96 -50.15
C CYS B 286 1.75 -18.82 -50.44
N TYR B 287 3.05 -19.03 -50.19
CA TYR B 287 4.07 -18.08 -50.65
C TYR B 287 5.30 -18.84 -51.12
N PRO B 288 5.86 -18.48 -52.28
CA PRO B 288 7.01 -19.22 -52.83
C PRO B 288 8.32 -18.99 -52.09
N GLU B 289 8.37 -18.06 -51.12
CA GLU B 289 9.62 -17.72 -50.45
C GLU B 289 10.19 -18.89 -49.66
N TYR B 290 9.34 -19.70 -49.05
CA TYR B 290 9.80 -20.86 -48.30
C TYR B 290 10.24 -21.96 -49.27
N ALA B 291 11.53 -22.29 -49.22
CA ALA B 291 12.10 -23.32 -50.09
C ALA B 291 12.66 -24.50 -49.31
N GLY B 292 12.40 -24.58 -48.01
CA GLY B 292 12.88 -25.69 -47.22
C GLY B 292 12.13 -26.98 -47.51
N SER B 293 12.73 -28.09 -47.09
CA SER B 293 12.13 -29.40 -47.27
C SER B 293 10.89 -29.55 -46.40
N ASN B 294 10.00 -30.44 -46.83
CA ASN B 294 8.72 -30.66 -46.14
C ASN B 294 9.00 -31.45 -44.87
N THR B 295 9.05 -30.76 -43.74
CA THR B 295 9.29 -31.37 -42.45
C THR B 295 8.45 -30.59 -41.43
N TYR B 296 7.88 -31.31 -40.47
CA TYR B 296 7.07 -30.68 -39.43
C TYR B 296 7.89 -29.75 -38.54
N GLU B 297 9.07 -30.22 -38.11
CA GLU B 297 9.93 -29.42 -37.23
C GLU B 297 10.48 -28.19 -37.96
N GLU B 298 10.88 -28.36 -39.22
CA GLU B 298 11.44 -27.25 -39.98
C GLU B 298 10.39 -26.19 -40.28
N ALA B 299 9.19 -26.60 -40.67
CA ALA B 299 8.12 -25.65 -40.98
C ALA B 299 7.66 -24.94 -39.72
N ALA B 300 7.58 -25.65 -38.59
CA ALA B 300 7.17 -25.04 -37.33
C ALA B 300 8.20 -24.02 -36.86
N ALA B 301 9.48 -24.40 -36.90
CA ALA B 301 10.55 -23.48 -36.51
C ALA B 301 10.63 -22.29 -37.46
N TYR B 302 10.31 -22.49 -38.75
CA TYR B 302 10.36 -21.38 -39.70
C TYR B 302 9.22 -20.39 -39.47
N ILE B 303 8.02 -20.89 -39.16
CA ILE B 303 6.89 -20.02 -38.83
C ILE B 303 7.18 -19.27 -37.53
N GLN B 304 7.81 -19.94 -36.56
CA GLN B 304 8.23 -19.28 -35.33
C GLN B 304 9.24 -18.17 -35.60
N CYS B 305 10.19 -18.43 -36.49
CA CYS B 305 11.19 -17.42 -36.86
C CYS B 305 10.54 -16.24 -37.58
N GLN B 306 9.53 -16.52 -38.40
CA GLN B 306 8.82 -15.45 -39.11
C GLN B 306 8.07 -14.56 -38.13
N PHE B 307 7.44 -15.14 -37.11
CA PHE B 307 6.80 -14.31 -36.08
C PHE B 307 7.84 -13.51 -35.28
N GLU B 308 8.98 -14.13 -34.98
CA GLU B 308 10.05 -13.42 -34.25
C GLU B 308 10.63 -12.26 -35.06
N ASP B 309 10.73 -12.41 -36.38
CA ASP B 309 11.28 -11.38 -37.24
C ASP B 309 10.45 -10.09 -37.24
N LEU B 310 9.14 -10.20 -37.04
CA LEU B 310 8.23 -9.04 -37.01
C LEU B 310 8.56 -8.02 -35.92
N ASN B 311 9.30 -8.41 -34.88
CA ASN B 311 9.67 -7.48 -33.83
C ASN B 311 10.74 -6.52 -34.33
N LYS B 312 10.53 -5.22 -34.08
CA LYS B 312 11.47 -4.18 -34.50
C LYS B 312 12.30 -3.64 -33.34
N ARG B 313 11.96 -3.99 -32.09
CA ARG B 313 12.72 -3.58 -30.91
C ARG B 313 12.97 -4.86 -30.10
N LYS B 314 14.03 -5.57 -30.45
CA LYS B 314 14.30 -6.88 -29.87
C LYS B 314 15.02 -6.81 -28.53
N ASP B 315 15.61 -5.66 -28.18
CA ASP B 315 16.37 -5.57 -26.95
C ASP B 315 15.48 -5.35 -25.73
N THR B 316 14.37 -4.64 -25.88
CA THR B 316 13.52 -4.26 -24.76
C THR B 316 12.20 -5.02 -24.78
N LYS B 317 12.09 -6.05 -25.63
CA LYS B 317 10.83 -6.77 -25.77
C LYS B 317 11.13 -8.23 -26.11
N GLU B 318 10.82 -9.12 -25.18
CA GLU B 318 10.97 -10.55 -25.39
C GLU B 318 9.70 -11.14 -26.01
N ILE B 319 9.89 -12.15 -26.86
CA ILE B 319 8.78 -12.89 -27.43
C ILE B 319 8.91 -14.34 -27.00
N TYR B 320 7.92 -14.82 -26.26
CA TYR B 320 7.93 -16.18 -25.71
C TYR B 320 6.97 -17.03 -26.54
N THR B 321 7.52 -17.97 -27.30
CA THR B 321 6.76 -18.78 -28.24
C THR B 321 6.64 -20.20 -27.70
N HIS B 322 5.40 -20.69 -27.58
CA HIS B 322 5.15 -22.03 -27.11
C HIS B 322 4.06 -22.70 -27.95
N PHE B 323 4.33 -23.92 -28.40
CA PHE B 323 3.34 -24.70 -29.13
C PHE B 323 2.32 -25.28 -28.15
N THR B 324 1.04 -24.98 -28.38
CA THR B 324 -0.01 -25.46 -27.51
C THR B 324 -0.33 -26.93 -27.85
N CYS B 325 -0.87 -27.65 -26.86
CA CYS B 325 -1.13 -29.07 -27.01
C CYS B 325 -2.29 -29.45 -26.10
N SER B 326 -2.64 -30.74 -26.12
CA SER B 326 -3.71 -31.29 -25.30
C SER B 326 -3.34 -31.45 -23.83
N THR B 327 -2.11 -31.15 -23.44
CA THR B 327 -1.68 -31.25 -22.05
C THR B 327 -1.87 -29.89 -21.38
N ASP B 328 -2.74 -29.86 -20.36
CA ASP B 328 -3.14 -28.62 -19.72
C ASP B 328 -2.01 -27.97 -18.92
N THR B 329 -1.17 -28.78 -18.27
CA THR B 329 -0.18 -28.27 -17.30
C THR B 329 0.89 -27.40 -17.95
N LYS B 330 1.34 -27.79 -19.15
CA LYS B 330 2.50 -27.17 -19.78
C LYS B 330 2.24 -25.71 -20.17
N ASN B 331 0.99 -25.38 -20.54
CA ASN B 331 0.68 -24.01 -20.95
C ASN B 331 0.72 -23.07 -19.76
N VAL B 332 0.12 -23.49 -18.65
CA VAL B 332 0.08 -22.67 -17.43
C VAL B 332 1.49 -22.51 -16.88
N GLN B 333 2.31 -23.57 -16.97
CA GLN B 333 3.70 -23.49 -16.55
C GLN B 333 4.48 -22.47 -17.38
N PHE B 334 4.33 -22.53 -18.71
CA PHE B 334 4.99 -21.58 -19.61
C PHE B 334 4.58 -20.15 -19.32
N VAL B 335 3.29 -19.93 -19.01
CA VAL B 335 2.81 -18.59 -18.67
C VAL B 335 3.43 -18.11 -17.37
N PHE B 336 3.54 -19.00 -16.37
CA PHE B 336 4.16 -18.62 -15.11
C PHE B 336 5.65 -18.30 -15.29
N ASP B 337 6.33 -19.00 -16.18
CA ASP B 337 7.75 -18.72 -16.42
C ASP B 337 7.94 -17.37 -17.12
N ALA B 338 7.06 -17.06 -18.09
CA ALA B 338 7.19 -15.78 -18.79
C ALA B 338 6.83 -14.61 -17.88
N VAL B 339 5.78 -14.77 -17.05
CA VAL B 339 5.39 -13.72 -16.12
C VAL B 339 6.48 -13.54 -15.05
N THR B 340 7.13 -14.63 -14.63
CA THR B 340 8.22 -14.53 -13.66
C THR B 340 9.40 -13.76 -14.24
N ASP B 341 9.72 -13.98 -15.52
CA ASP B 341 10.78 -13.20 -16.15
C ASP B 341 10.41 -11.73 -16.31
N VAL B 342 9.13 -11.42 -16.52
CA VAL B 342 8.72 -10.01 -16.61
C VAL B 342 8.80 -9.34 -15.25
N ILE B 343 8.44 -10.05 -14.18
CA ILE B 343 8.55 -9.48 -12.83
C ILE B 343 10.03 -9.32 -12.44
N ILE B 344 10.90 -10.20 -12.92
CA ILE B 344 12.34 -10.02 -12.70
C ILE B 344 12.84 -8.77 -13.42
N LYS B 345 12.39 -8.55 -14.66
CA LYS B 345 12.74 -7.34 -15.40
C LYS B 345 12.27 -6.07 -14.68
N ASN B 346 11.01 -6.09 -14.21
CA ASN B 346 10.46 -4.93 -13.50
C ASN B 346 11.20 -4.65 -12.19
N ASN B 347 11.53 -5.71 -11.43
CA ASN B 347 12.27 -5.52 -10.18
C ASN B 347 13.69 -5.02 -10.43
N LEU B 348 14.35 -5.52 -11.47
CA LEU B 348 15.68 -5.02 -11.83
C LEU B 348 15.64 -3.57 -12.28
N LYS B 349 14.61 -3.18 -13.04
CA LYS B 349 14.45 -1.78 -13.41
C LYS B 349 14.18 -0.91 -12.18
N ASP B 350 13.43 -1.45 -11.21
CA ASP B 350 13.16 -0.71 -9.98
C ASP B 350 14.45 -0.52 -9.16
N CYS B 351 15.27 -1.57 -9.06
CA CYS B 351 16.56 -1.45 -8.38
C CYS B 351 17.51 -0.53 -9.14
N GLY B 352 17.44 -0.56 -10.47
CA GLY B 352 18.32 0.26 -11.29
C GLY B 352 19.53 -0.45 -11.86
N LEU B 353 19.71 -1.73 -11.54
CA LEU B 353 20.79 -2.50 -12.16
C LEU B 353 20.57 -2.66 -13.66
N PHE B 354 19.34 -3.00 -14.06
CA PHE B 354 19.04 -3.20 -15.48
C PHE B 354 18.86 -1.85 -16.16
N GLN C 19 -25.27 7.03 -61.06
CA GLN C 19 -25.73 8.42 -61.13
C GLN C 19 -25.93 9.00 -59.73
N LEU C 20 -26.44 8.17 -58.82
CA LEU C 20 -26.70 8.61 -57.44
C LEU C 20 -25.40 8.91 -56.70
N ARG C 21 -24.35 8.11 -56.95
CA ARG C 21 -23.06 8.33 -56.29
C ARG C 21 -22.44 9.65 -56.73
N GLN C 22 -22.52 9.97 -58.03
CA GLN C 22 -22.05 11.26 -58.51
C GLN C 22 -22.95 12.38 -58.01
N GLU C 23 -24.26 12.09 -57.85
CA GLU C 23 -25.20 13.07 -57.33
C GLU C 23 -24.85 13.47 -55.89
N ALA C 24 -24.36 12.53 -55.09
CA ALA C 24 -23.94 12.84 -53.72
C ALA C 24 -22.78 13.83 -53.70
N GLU C 25 -21.81 13.65 -54.60
CA GLU C 25 -20.69 14.59 -54.73
C GLU C 25 -21.17 15.96 -55.21
N GLN C 26 -22.12 15.98 -56.16
CA GLN C 26 -22.66 17.24 -56.64
C GLN C 26 -23.43 17.97 -55.54
N LEU C 27 -24.22 17.25 -54.74
CA LEU C 27 -24.93 17.87 -53.63
C LEU C 27 -23.98 18.39 -52.56
N LYS C 28 -22.90 17.65 -52.28
CA LYS C 28 -21.87 18.13 -51.36
C LYS C 28 -21.21 19.41 -51.87
N ASN C 29 -20.97 19.47 -53.19
CA ASN C 29 -20.42 20.68 -53.81
C ASN C 29 -21.41 21.85 -53.69
N GLN C 30 -22.71 21.57 -53.84
CA GLN C 30 -23.72 22.61 -53.67
C GLN C 30 -23.77 23.13 -52.24
N ILE C 31 -23.66 22.23 -51.25
CA ILE C 31 -23.63 22.64 -49.85
C ILE C 31 -22.38 23.47 -49.55
N ARG C 32 -21.23 23.07 -50.12
CA ARG C 32 -20.00 23.84 -49.99
C ARG C 32 -20.14 25.24 -50.59
N ASP C 33 -20.77 25.33 -51.76
CA ASP C 33 -21.01 26.62 -52.41
C ASP C 33 -21.94 27.49 -51.57
N ALA C 34 -22.97 26.89 -50.96
CA ALA C 34 -23.89 27.65 -50.11
C ALA C 34 -23.18 28.16 -48.85
N ARG C 35 -22.29 27.34 -48.28
CA ARG C 35 -21.51 27.75 -47.12
C ARG C 35 -20.58 28.91 -47.46
N LYS C 36 -19.91 28.82 -48.62
CA LYS C 36 -19.04 29.92 -49.06
C LYS C 36 -19.85 31.18 -49.36
N ALA C 37 -21.04 31.02 -49.93
CA ALA C 37 -21.90 32.16 -50.27
C ALA C 37 -22.39 32.88 -49.02
N CYS C 38 -22.70 32.13 -47.96
CA CYS C 38 -23.21 32.75 -46.74
C CYS C 38 -22.14 33.59 -46.04
N ALA C 39 -20.92 33.08 -45.97
CA ALA C 39 -19.83 33.77 -45.27
C ALA C 39 -19.40 35.02 -46.04
N ASP C 40 -19.37 36.15 -45.34
CA ASP C 40 -18.89 37.42 -45.91
C ASP C 40 -17.72 38.03 -45.16
N ALA C 41 -17.72 37.95 -43.82
CA ALA C 41 -16.68 38.55 -43.01
C ALA C 41 -16.09 37.50 -42.08
N THR C 42 -14.76 37.50 -41.96
CA THR C 42 -14.07 36.59 -41.05
C THR C 42 -14.30 37.05 -39.61
N LEU C 43 -14.48 36.08 -38.70
CA LEU C 43 -14.73 36.38 -37.30
C LEU C 43 -13.54 37.07 -36.63
N SER C 44 -12.31 36.74 -37.05
CA SER C 44 -11.12 37.36 -36.48
C SER C 44 -11.04 38.84 -36.79
N GLN C 45 -11.55 39.26 -37.95
CA GLN C 45 -11.62 40.68 -38.27
C GLN C 45 -12.65 41.40 -37.42
N ILE C 46 -13.74 40.74 -37.07
CA ILE C 46 -14.80 41.38 -36.29
C ILE C 46 -14.44 41.44 -34.81
N THR C 47 -13.73 40.43 -34.30
CA THR C 47 -13.34 40.37 -32.90
C THR C 47 -12.11 41.21 -32.58
N ASN C 48 -11.56 41.93 -33.56
CA ASN C 48 -10.40 42.79 -33.32
C ASN C 48 -10.74 43.93 -32.37
N ASN C 49 -12.00 44.38 -32.36
CA ASN C 49 -12.41 45.54 -31.57
C ASN C 49 -12.27 45.31 -30.07
N ILE C 50 -12.67 44.13 -29.58
CA ILE C 50 -12.65 43.87 -28.14
C ILE C 50 -11.21 43.75 -27.64
N ASP C 51 -10.96 44.30 -26.47
CA ASP C 51 -9.62 44.31 -25.89
C ASP C 51 -9.24 42.92 -25.39
N PRO C 52 -7.95 42.59 -25.36
CA PRO C 52 -7.53 41.29 -24.82
C PRO C 52 -7.72 41.22 -23.31
N VAL C 53 -8.04 40.01 -22.84
CA VAL C 53 -8.30 39.79 -21.42
C VAL C 53 -7.02 39.94 -20.60
N GLY C 54 -5.86 39.62 -21.17
CA GLY C 54 -4.62 39.66 -20.42
C GLY C 54 -4.30 38.33 -19.78
N ARG C 55 -3.17 38.32 -19.07
CA ARG C 55 -2.73 37.13 -18.33
C ARG C 55 -3.77 36.73 -17.28
N ILE C 56 -4.08 35.44 -17.24
CA ILE C 56 -5.04 34.88 -16.29
C ILE C 56 -4.29 33.82 -15.49
N GLN C 57 -4.08 34.10 -14.21
CA GLN C 57 -3.34 33.20 -13.34
C GLN C 57 -4.29 32.52 -12.38
N MET C 58 -4.29 31.18 -12.40
CA MET C 58 -5.11 30.36 -11.53
C MET C 58 -4.20 29.48 -10.70
N ARG C 59 -4.35 29.55 -9.38
CA ARG C 59 -3.58 28.73 -8.45
C ARG C 59 -4.45 27.60 -7.92
N THR C 60 -3.84 26.42 -7.77
CA THR C 60 -4.52 25.25 -7.22
C THR C 60 -5.01 25.54 -5.80
N ARG C 61 -6.27 25.18 -5.52
CA ARG C 61 -6.88 25.37 -4.22
C ARG C 61 -6.92 24.10 -3.40
N ARG C 62 -7.27 22.98 -4.02
CA ARG C 62 -7.34 21.69 -3.35
C ARG C 62 -6.56 20.66 -4.15
N THR C 63 -5.96 19.72 -3.44
CA THR C 63 -5.29 18.58 -4.05
C THR C 63 -6.00 17.33 -3.53
N LEU C 64 -6.63 16.61 -4.44
CA LEU C 64 -7.52 15.51 -4.11
C LEU C 64 -6.80 14.19 -4.35
N ARG C 65 -6.88 13.28 -3.38
CA ARG C 65 -6.20 11.99 -3.47
C ARG C 65 -7.18 10.84 -3.26
N GLY C 66 -6.64 9.64 -3.05
CA GLY C 66 -7.45 8.45 -2.91
C GLY C 66 -7.64 7.63 -4.16
N HIS C 67 -7.05 8.03 -5.28
CA HIS C 67 -7.04 7.24 -6.50
C HIS C 67 -5.67 6.60 -6.64
N LEU C 68 -5.65 5.27 -6.75
CA LEU C 68 -4.41 4.56 -7.03
C LEU C 68 -4.29 4.15 -8.49
N ALA C 69 -5.25 4.53 -9.33
CA ALA C 69 -5.24 4.14 -10.74
C ALA C 69 -5.61 5.32 -11.63
N LYS C 70 -5.36 5.13 -12.93
CA LYS C 70 -5.55 6.16 -13.95
C LYS C 70 -6.99 6.67 -14.05
N ILE C 71 -7.16 7.96 -13.77
CA ILE C 71 -8.46 8.64 -13.84
C ILE C 71 -8.80 8.97 -15.29
N TYR C 72 -10.03 8.63 -15.71
CA TYR C 72 -10.48 8.88 -17.08
C TYR C 72 -11.57 9.93 -17.25
N ALA C 73 -12.36 10.23 -16.21
CA ALA C 73 -13.50 11.13 -16.39
C ALA C 73 -13.97 11.67 -15.05
N MET C 74 -14.53 12.88 -15.09
CA MET C 74 -15.16 13.52 -13.93
C MET C 74 -16.34 14.36 -14.40
N HIS C 75 -17.42 14.34 -13.62
CA HIS C 75 -18.60 15.14 -13.90
C HIS C 75 -18.97 15.99 -12.69
N TRP C 76 -19.21 17.28 -12.93
CA TRP C 76 -19.59 18.23 -11.90
C TRP C 76 -21.03 18.09 -11.46
N GLY C 77 -21.27 18.34 -10.17
CA GLY C 77 -22.62 18.46 -9.68
C GLY C 77 -23.22 19.82 -9.97
N THR C 78 -24.56 19.88 -9.98
CA THR C 78 -25.26 21.14 -10.22
C THR C 78 -25.06 22.13 -9.08
N ASP C 79 -24.92 21.64 -7.85
CA ASP C 79 -24.72 22.50 -6.69
C ASP C 79 -23.35 23.15 -6.65
N SER C 80 -22.43 22.73 -7.54
CA SER C 80 -21.04 23.18 -7.75
C SER C 80 -20.11 22.68 -6.66
N ARG C 81 -20.60 21.87 -5.72
CA ARG C 81 -19.78 21.34 -4.64
C ARG C 81 -19.43 19.87 -4.80
N LEU C 82 -20.36 19.04 -5.26
CA LEU C 82 -20.12 17.62 -5.41
C LEU C 82 -19.55 17.29 -6.79
N LEU C 83 -18.66 16.31 -6.84
CA LEU C 83 -18.09 15.85 -8.10
C LEU C 83 -17.78 14.36 -8.01
N VAL C 84 -17.98 13.66 -9.14
CA VAL C 84 -17.71 12.23 -9.25
C VAL C 84 -16.42 12.05 -10.05
N SER C 85 -15.74 10.91 -9.85
CA SER C 85 -14.50 10.61 -10.56
C SER C 85 -14.45 9.13 -10.89
N ALA C 86 -13.94 8.80 -12.08
CA ALA C 86 -13.87 7.43 -12.57
C ALA C 86 -12.42 7.00 -12.73
N SER C 87 -12.06 5.87 -12.12
CA SER C 87 -10.70 5.35 -12.14
C SER C 87 -10.71 3.86 -12.46
N GLN C 88 -9.50 3.33 -12.73
CA GLN C 88 -9.31 1.92 -13.07
C GLN C 88 -9.21 0.99 -11.87
N ASP C 89 -9.24 1.50 -10.64
CA ASP C 89 -9.23 0.62 -9.49
C ASP C 89 -10.59 -0.01 -9.21
N GLY C 90 -11.59 0.28 -10.03
CA GLY C 90 -12.93 -0.24 -9.82
C GLY C 90 -13.76 0.65 -8.93
N LYS C 91 -13.45 1.94 -8.87
CA LYS C 91 -14.10 2.86 -7.94
C LYS C 91 -14.64 4.07 -8.66
N LEU C 92 -15.90 4.39 -8.40
CA LEU C 92 -16.44 5.73 -8.62
C LEU C 92 -16.48 6.41 -7.26
N ILE C 93 -15.75 7.50 -7.11
CA ILE C 93 -15.65 8.16 -5.82
C ILE C 93 -16.29 9.53 -5.96
N ILE C 94 -17.29 9.80 -5.13
CA ILE C 94 -17.99 11.08 -5.11
C ILE C 94 -17.39 11.92 -4.00
N TRP C 95 -16.98 13.14 -4.35
CA TRP C 95 -16.18 13.98 -3.47
C TRP C 95 -16.93 15.23 -3.02
N ASP C 96 -16.37 15.85 -1.99
CA ASP C 96 -16.76 17.16 -1.48
C ASP C 96 -15.58 18.06 -1.82
N SER C 97 -15.81 19.00 -2.74
CA SER C 97 -14.72 19.86 -3.22
C SER C 97 -14.22 20.80 -2.14
N TYR C 98 -15.13 21.36 -1.33
CA TYR C 98 -14.74 22.36 -0.34
C TYR C 98 -13.93 21.75 0.80
N THR C 99 -14.37 20.61 1.32
CA THR C 99 -13.79 20.03 2.53
C THR C 99 -12.76 18.93 2.28
N THR C 100 -12.62 18.46 1.03
CA THR C 100 -11.71 17.42 0.54
C THR C 100 -12.14 16.04 1.04
N ASN C 101 -13.37 15.91 1.55
CA ASN C 101 -13.86 14.63 2.03
C ASN C 101 -14.39 13.78 0.89
N LYS C 102 -14.43 12.46 1.13
CA LYS C 102 -14.96 11.48 0.19
C LYS C 102 -16.39 11.16 0.60
N VAL C 103 -17.36 11.66 -0.17
CA VAL C 103 -18.77 11.47 0.18
C VAL C 103 -19.19 10.01 -0.04
N HIS C 104 -18.88 9.46 -1.21
CA HIS C 104 -19.22 8.07 -1.53
C HIS C 104 -18.05 7.39 -2.21
N ALA C 105 -18.01 6.06 -2.10
CA ALA C 105 -17.04 5.24 -2.83
C ALA C 105 -17.79 4.05 -3.41
N ILE C 106 -17.98 4.04 -4.72
CA ILE C 106 -18.84 3.07 -5.40
C ILE C 106 -17.93 1.99 -5.99
N PRO C 107 -17.98 0.75 -5.52
CA PRO C 107 -17.22 -0.32 -6.16
C PRO C 107 -17.84 -0.73 -7.49
N LEU C 108 -16.99 -0.93 -8.49
CA LEU C 108 -17.43 -1.23 -9.84
C LEU C 108 -17.16 -2.70 -10.17
N ARG C 109 -18.07 -3.30 -10.94
CA ARG C 109 -17.87 -4.69 -11.37
C ARG C 109 -16.78 -4.78 -12.42
N SER C 110 -16.84 -3.93 -13.44
CA SER C 110 -15.85 -3.89 -14.51
C SER C 110 -14.91 -2.72 -14.26
N SER C 111 -13.61 -3.02 -14.23
CA SER C 111 -12.61 -1.99 -13.96
C SER C 111 -12.48 -1.00 -15.10
N TRP C 112 -12.66 -1.45 -16.34
CA TRP C 112 -12.42 -0.61 -17.51
C TRP C 112 -13.61 0.32 -17.70
N VAL C 113 -13.44 1.58 -17.29
CA VAL C 113 -14.48 2.59 -17.31
C VAL C 113 -13.91 3.82 -17.99
N MET C 114 -14.66 4.40 -18.93
CA MET C 114 -14.18 5.52 -19.72
C MET C 114 -15.01 6.79 -19.57
N THR C 115 -16.13 6.74 -18.82
CA THR C 115 -16.98 7.91 -18.66
C THR C 115 -17.75 7.80 -17.35
N CYS C 116 -18.20 8.95 -16.85
CA CYS C 116 -19.05 9.01 -15.67
C CYS C 116 -19.89 10.28 -15.71
N ALA C 117 -21.17 10.15 -15.36
CA ALA C 117 -22.11 11.26 -15.35
C ALA C 117 -22.77 11.39 -13.99
N TYR C 118 -23.05 12.63 -13.59
CA TYR C 118 -23.79 12.95 -12.38
C TYR C 118 -25.12 13.57 -12.76
N ALA C 119 -26.20 13.11 -12.12
CA ALA C 119 -27.55 13.54 -12.46
C ALA C 119 -27.79 15.00 -12.07
N PRO C 120 -28.68 15.71 -12.79
CA PRO C 120 -28.97 17.11 -12.40
C PRO C 120 -29.65 17.24 -11.05
N SER C 121 -30.54 16.30 -10.71
CA SER C 121 -31.14 16.31 -9.38
C SER C 121 -30.14 15.89 -8.31
N GLY C 122 -29.13 15.13 -8.69
CA GLY C 122 -28.16 14.59 -7.76
C GLY C 122 -28.48 13.21 -7.25
N ASN C 123 -29.53 12.58 -7.77
CA ASN C 123 -29.94 11.26 -7.27
C ASN C 123 -29.09 10.14 -7.85
N TYR C 124 -28.67 10.25 -9.10
CA TYR C 124 -28.09 9.12 -9.80
C TYR C 124 -26.70 9.44 -10.34
N VAL C 125 -25.89 8.38 -10.52
CA VAL C 125 -24.56 8.46 -11.09
C VAL C 125 -24.41 7.34 -12.12
N ALA C 126 -24.01 7.71 -13.34
CA ALA C 126 -23.78 6.75 -14.41
C ALA C 126 -22.30 6.50 -14.61
N CYS C 127 -21.99 5.35 -15.23
CA CYS C 127 -20.64 5.03 -15.66
C CYS C 127 -20.72 4.08 -16.84
N GLY C 128 -19.63 4.02 -17.60
CA GLY C 128 -19.57 3.12 -18.74
C GLY C 128 -18.15 3.00 -19.24
N GLY C 129 -17.92 1.95 -20.02
CA GLY C 129 -16.60 1.69 -20.54
C GLY C 129 -16.54 0.56 -21.54
N LEU C 130 -15.53 -0.29 -21.40
CA LEU C 130 -15.30 -1.39 -22.34
C LEU C 130 -16.20 -2.60 -22.11
N ASP C 131 -17.01 -2.61 -21.05
CA ASP C 131 -17.90 -3.72 -20.76
C ASP C 131 -19.24 -3.63 -21.49
N ASN C 132 -19.45 -2.57 -22.28
CA ASN C 132 -20.66 -2.29 -23.07
C ASN C 132 -21.91 -2.13 -22.22
N ILE C 133 -21.77 -1.85 -20.92
CA ILE C 133 -22.89 -1.76 -20.00
C ILE C 133 -22.84 -0.39 -19.32
N CYS C 134 -23.98 0.29 -19.28
CA CYS C 134 -24.13 1.55 -18.56
C CYS C 134 -24.84 1.26 -17.24
N SER C 135 -24.14 1.50 -16.13
CA SER C 135 -24.68 1.22 -14.80
C SER C 135 -25.16 2.52 -14.16
N ILE C 136 -26.38 2.51 -13.65
CA ILE C 136 -26.97 3.65 -12.97
C ILE C 136 -26.98 3.36 -11.48
N TYR C 137 -26.39 4.27 -10.69
CA TYR C 137 -26.22 4.09 -9.25
C TYR C 137 -27.10 5.06 -8.48
N ASN C 138 -27.93 4.52 -7.60
CA ASN C 138 -28.82 5.35 -6.77
C ASN C 138 -28.07 5.83 -5.53
N LEU C 139 -28.22 7.13 -5.22
CA LEU C 139 -27.51 7.72 -4.09
C LEU C 139 -28.39 8.05 -2.89
N LYS C 140 -29.69 8.17 -3.08
CA LYS C 140 -30.61 8.56 -2.01
C LYS C 140 -31.44 7.38 -1.53
N THR C 141 -30.85 6.19 -1.51
CA THR C 141 -31.52 5.01 -1.01
C THR C 141 -31.58 4.99 0.51
N ARG C 142 -32.58 4.28 1.03
CA ARG C 142 -32.75 4.19 2.48
C ARG C 142 -31.83 3.17 3.12
N GLU C 143 -31.24 2.27 2.35
CA GLU C 143 -30.35 1.26 2.90
C GLU C 143 -28.98 1.83 3.28
N GLY C 144 -28.53 2.87 2.59
CA GLY C 144 -27.29 3.54 2.92
C GLY C 144 -26.08 3.12 2.11
N ASN C 145 -26.22 2.11 1.25
CA ASN C 145 -25.15 1.69 0.34
C ASN C 145 -25.56 1.98 -1.10
N VAL C 146 -24.62 2.53 -1.87
CA VAL C 146 -24.89 2.90 -3.26
C VAL C 146 -24.96 1.63 -4.09
N ARG C 147 -26.17 1.21 -4.44
CA ARG C 147 -26.38 -0.02 -5.19
C ARG C 147 -26.72 0.29 -6.65
N VAL C 148 -26.63 -0.76 -7.47
CA VAL C 148 -26.94 -0.66 -8.89
C VAL C 148 -28.46 -0.62 -9.06
N SER C 149 -28.96 0.46 -9.68
CA SER C 149 -30.39 0.55 -9.94
C SER C 149 -30.75 -0.12 -11.26
N ARG C 150 -30.11 0.29 -12.36
CA ARG C 150 -30.42 -0.22 -13.69
C ARG C 150 -29.13 -0.41 -14.47
N GLU C 151 -29.02 -1.56 -15.16
CA GLU C 151 -27.90 -1.84 -16.05
C GLU C 151 -28.39 -1.79 -17.49
N LEU C 152 -27.89 -0.81 -18.25
CA LEU C 152 -28.26 -0.67 -19.64
C LEU C 152 -27.38 -1.57 -20.51
N ALA C 153 -28.00 -2.32 -21.42
CA ALA C 153 -27.27 -3.23 -22.29
C ALA C 153 -27.78 -3.10 -23.71
N GLY C 154 -27.07 -3.72 -24.64
CA GLY C 154 -27.41 -3.64 -26.05
C GLY C 154 -26.46 -2.85 -26.91
N HIS C 155 -25.32 -2.42 -26.39
CA HIS C 155 -24.30 -1.72 -27.17
C HIS C 155 -23.28 -2.73 -27.68
N THR C 156 -23.03 -2.70 -28.98
CA THR C 156 -22.03 -3.59 -29.58
C THR C 156 -20.63 -2.97 -29.50
N GLY C 157 -20.53 -1.72 -29.04
CA GLY C 157 -19.26 -1.06 -28.93
C GLY C 157 -19.10 -0.44 -27.55
N TYR C 158 -17.84 -0.15 -27.21
CA TYR C 158 -17.50 0.42 -25.91
C TYR C 158 -18.14 1.78 -25.71
N LEU C 159 -18.83 1.96 -24.57
CA LEU C 159 -19.37 3.25 -24.23
C LEU C 159 -18.25 4.25 -23.98
N SER C 160 -18.35 5.41 -24.62
CA SER C 160 -17.33 6.44 -24.50
C SER C 160 -17.78 7.68 -23.75
N CYS C 161 -19.08 7.96 -23.74
CA CYS C 161 -19.62 9.12 -23.01
C CYS C 161 -21.09 8.89 -22.72
N CYS C 162 -21.55 9.46 -21.61
CA CYS C 162 -22.94 9.39 -21.21
C CYS C 162 -23.27 10.63 -20.39
N ARG C 163 -24.48 11.18 -20.59
CA ARG C 163 -24.91 12.40 -19.91
C ARG C 163 -26.39 12.31 -19.59
N PHE C 164 -26.75 12.70 -18.37
CA PHE C 164 -28.14 12.68 -17.91
C PHE C 164 -28.92 13.85 -18.49
N LEU C 165 -29.88 13.56 -19.38
CA LEU C 165 -30.90 14.56 -19.71
C LEU C 165 -31.82 14.80 -18.53
N ASP C 166 -32.25 13.73 -17.87
CA ASP C 166 -33.20 13.79 -16.77
C ASP C 166 -32.92 12.59 -15.86
N ASP C 167 -33.67 12.49 -14.77
CA ASP C 167 -33.58 11.33 -13.88
C ASP C 167 -34.08 10.04 -14.52
N ASN C 168 -34.78 10.12 -15.65
CA ASN C 168 -35.31 8.95 -16.33
C ASN C 168 -34.75 8.80 -17.74
N GLN C 169 -34.07 9.82 -18.27
CA GLN C 169 -33.54 9.78 -19.63
C GLN C 169 -32.05 10.05 -19.62
N ILE C 170 -31.30 9.31 -20.44
CA ILE C 170 -29.86 9.46 -20.54
C ILE C 170 -29.44 9.18 -21.98
N VAL C 171 -28.55 10.00 -22.51
CA VAL C 171 -27.98 9.83 -23.85
C VAL C 171 -26.57 9.28 -23.70
N THR C 172 -26.29 8.17 -24.36
CA THR C 172 -24.99 7.53 -24.32
C THR C 172 -24.38 7.46 -25.71
N SER C 173 -23.06 7.58 -25.78
CA SER C 173 -22.30 7.33 -27.00
C SER C 173 -21.57 6.02 -26.85
N SER C 174 -21.43 5.31 -27.97
CA SER C 174 -20.84 3.98 -27.94
C SER C 174 -19.86 3.83 -29.10
N GLY C 175 -19.14 2.71 -29.09
CA GLY C 175 -18.19 2.39 -30.14
C GLY C 175 -18.73 1.61 -31.31
N ASP C 176 -20.02 1.27 -31.29
CA ASP C 176 -20.67 0.59 -32.40
C ASP C 176 -21.27 1.54 -33.41
N THR C 177 -20.92 2.84 -33.33
CA THR C 177 -21.36 3.95 -34.18
C THR C 177 -22.82 4.31 -33.93
N THR C 178 -23.38 3.86 -32.80
CA THR C 178 -24.77 4.08 -32.46
C THR C 178 -24.87 4.88 -31.16
N CYS C 179 -25.56 6.00 -31.22
CA CYS C 179 -25.90 6.79 -30.05
C CYS C 179 -27.37 6.53 -29.73
N ALA C 180 -27.67 6.23 -28.48
CA ALA C 180 -29.03 5.86 -28.09
C ALA C 180 -29.53 6.73 -26.95
N LEU C 181 -30.85 6.86 -26.89
CA LEU C 181 -31.56 7.49 -25.79
C LEU C 181 -32.20 6.39 -24.95
N TRP C 182 -31.94 6.40 -23.64
CA TRP C 182 -32.33 5.31 -22.78
C TRP C 182 -33.39 5.73 -21.78
N ASP C 183 -34.49 4.98 -21.74
CA ASP C 183 -35.50 5.12 -20.70
C ASP C 183 -35.02 4.29 -19.51
N ILE C 184 -34.53 4.98 -18.47
CA ILE C 184 -33.93 4.34 -17.30
C ILE C 184 -34.94 3.42 -16.59
N GLU C 185 -36.18 3.90 -16.43
CA GLU C 185 -37.20 3.09 -15.75
C GLU C 185 -37.58 1.87 -16.58
N THR C 186 -37.80 2.05 -17.88
CA THR C 186 -38.14 0.94 -18.76
C THR C 186 -36.95 0.00 -18.94
N GLY C 187 -35.76 0.55 -19.12
CA GLY C 187 -34.57 -0.25 -19.35
C GLY C 187 -34.25 -0.52 -20.81
N GLN C 188 -35.06 -0.01 -21.74
CA GLN C 188 -34.83 -0.19 -23.16
C GLN C 188 -34.57 1.16 -23.81
N GLN C 189 -34.13 1.12 -25.07
CA GLN C 189 -33.81 2.33 -25.81
C GLN C 189 -35.04 2.83 -26.57
N THR C 190 -35.25 4.14 -26.53
CA THR C 190 -36.39 4.76 -27.20
C THR C 190 -36.01 5.25 -28.59
N THR C 191 -35.01 6.11 -28.68
CA THR C 191 -34.57 6.70 -29.95
C THR C 191 -33.15 6.25 -30.25
N THR C 192 -32.94 5.79 -31.49
CA THR C 192 -31.63 5.35 -31.95
C THR C 192 -31.08 6.35 -32.97
N PHE C 193 -29.81 6.70 -32.82
CA PHE C 193 -29.14 7.64 -33.72
C PHE C 193 -28.02 6.89 -34.45
N THR C 194 -28.02 6.98 -35.78
CA THR C 194 -27.02 6.28 -36.60
C THR C 194 -26.55 7.27 -37.67
N GLY C 195 -25.42 6.97 -38.31
CA GLY C 195 -24.87 7.82 -39.33
C GLY C 195 -23.44 8.28 -39.12
N HIS C 196 -22.75 7.85 -38.05
CA HIS C 196 -21.36 8.21 -37.81
C HIS C 196 -20.48 7.10 -38.35
N THR C 197 -19.65 7.41 -39.34
CA THR C 197 -18.57 6.49 -39.69
C THR C 197 -17.55 6.46 -38.56
N GLY C 198 -17.40 5.32 -37.91
CA GLY C 198 -16.45 5.32 -36.81
C GLY C 198 -17.08 5.72 -35.48
N ASP C 199 -16.52 5.14 -34.41
CA ASP C 199 -16.97 5.34 -33.04
C ASP C 199 -17.11 6.80 -32.63
N VAL C 200 -18.13 7.08 -31.81
CA VAL C 200 -18.43 8.42 -31.32
C VAL C 200 -17.71 8.61 -29.99
N MET C 201 -16.67 9.46 -29.99
CA MET C 201 -15.81 9.62 -28.82
C MET C 201 -16.53 10.30 -27.65
N SER C 202 -17.36 11.31 -27.91
CA SER C 202 -17.97 12.04 -26.80
C SER C 202 -19.25 12.73 -27.27
N LEU C 203 -19.93 13.36 -26.31
CA LEU C 203 -21.14 14.13 -26.54
C LEU C 203 -21.30 15.12 -25.40
N SER C 204 -22.10 16.15 -25.65
CA SER C 204 -22.39 17.18 -24.68
C SER C 204 -23.86 17.54 -24.76
N LEU C 205 -24.45 17.97 -23.65
CA LEU C 205 -25.84 18.36 -23.61
C LEU C 205 -25.98 19.88 -23.61
N ALA C 206 -26.92 20.37 -24.42
CA ALA C 206 -27.22 21.78 -24.46
C ALA C 206 -27.98 22.19 -23.19
N PRO C 207 -27.97 23.48 -22.82
CA PRO C 207 -28.70 23.91 -21.62
C PRO C 207 -30.21 23.71 -21.70
N ASP C 208 -30.82 23.94 -22.86
CA ASP C 208 -32.24 23.66 -23.00
C ASP C 208 -32.56 22.17 -23.03
N THR C 209 -31.57 21.32 -23.34
CA THR C 209 -31.59 19.86 -23.38
C THR C 209 -32.47 19.31 -24.50
N ARG C 210 -32.89 20.15 -25.45
CA ARG C 210 -33.68 19.69 -26.59
C ARG C 210 -32.82 19.10 -27.70
N LEU C 211 -31.52 19.42 -27.73
CA LEU C 211 -30.64 18.97 -28.79
C LEU C 211 -29.25 18.72 -28.23
N PHE C 212 -28.52 17.83 -28.92
CA PHE C 212 -27.15 17.53 -28.55
C PHE C 212 -26.34 17.29 -29.82
N VAL C 213 -25.04 17.50 -29.73
CA VAL C 213 -24.12 17.30 -30.85
C VAL C 213 -23.04 16.30 -30.40
N SER C 214 -22.74 15.35 -31.28
CA SER C 214 -21.77 14.31 -31.00
C SER C 214 -20.74 14.23 -32.11
N GLY C 215 -19.47 14.23 -31.74
CA GLY C 215 -18.37 14.11 -32.70
C GLY C 215 -17.80 12.71 -32.73
N ALA C 216 -17.53 12.23 -33.95
CA ALA C 216 -17.04 10.87 -34.18
C ALA C 216 -15.65 10.92 -34.81
N CYS C 217 -15.11 9.75 -35.13
CA CYS C 217 -13.78 9.61 -35.68
C CYS C 217 -13.73 9.67 -37.21
N ASP C 218 -14.81 10.13 -37.86
CA ASP C 218 -14.76 10.47 -39.27
C ASP C 218 -14.59 11.96 -39.48
N ALA C 219 -14.03 12.64 -38.47
CA ALA C 219 -13.75 14.08 -38.47
C ALA C 219 -15.01 14.92 -38.64
N SER C 220 -16.14 14.39 -38.17
CA SER C 220 -17.42 15.08 -38.31
C SER C 220 -18.12 15.17 -36.96
N ALA C 221 -18.92 16.23 -36.82
CA ALA C 221 -19.75 16.46 -35.64
C ALA C 221 -21.16 16.74 -36.11
N LYS C 222 -22.10 15.90 -35.72
CA LYS C 222 -23.47 15.97 -36.21
C LYS C 222 -24.39 16.43 -35.10
N LEU C 223 -25.18 17.47 -35.39
CA LEU C 223 -26.21 17.92 -34.46
C LEU C 223 -27.38 16.95 -34.47
N TRP C 224 -27.89 16.62 -33.29
CA TRP C 224 -28.99 15.67 -33.15
C TRP C 224 -30.16 16.32 -32.42
N ASP C 225 -31.36 15.82 -32.69
CA ASP C 225 -32.59 16.29 -32.06
C ASP C 225 -33.19 15.11 -31.31
N VAL C 226 -33.39 15.28 -30.00
CA VAL C 226 -33.92 14.22 -29.15
C VAL C 226 -35.35 13.86 -29.56
N ARG C 227 -36.18 14.87 -29.82
CA ARG C 227 -37.57 14.65 -30.22
C ARG C 227 -37.66 14.01 -31.59
N GLU C 228 -37.12 14.68 -32.61
CA GLU C 228 -37.21 14.19 -33.99
C GLU C 228 -36.43 12.89 -34.18
N GLY C 229 -35.23 12.79 -33.64
CA GLY C 229 -34.44 11.59 -33.79
C GLY C 229 -33.63 11.51 -35.07
N MET C 230 -33.57 12.58 -35.86
CA MET C 230 -32.84 12.59 -37.11
C MET C 230 -31.75 13.64 -37.07
N CYS C 231 -30.79 13.52 -38.00
CA CYS C 231 -29.64 14.41 -38.06
C CYS C 231 -30.04 15.78 -38.57
N ARG C 232 -29.82 16.81 -37.74
CA ARG C 232 -30.13 18.17 -38.15
C ARG C 232 -29.01 18.77 -39.00
N GLN C 233 -27.82 18.91 -38.42
CA GLN C 233 -26.67 19.50 -39.11
C GLN C 233 -25.47 18.56 -39.03
N THR C 234 -24.48 18.84 -39.87
CA THR C 234 -23.22 18.10 -39.92
C THR C 234 -22.10 19.07 -40.28
N PHE C 235 -20.98 18.97 -39.58
CA PHE C 235 -19.81 19.81 -39.82
C PHE C 235 -18.61 18.93 -40.10
N THR C 236 -17.83 19.28 -41.13
CA THR C 236 -16.67 18.48 -41.55
C THR C 236 -15.43 19.37 -41.68
N GLY C 237 -15.13 20.13 -40.63
CA GLY C 237 -13.99 21.02 -40.62
C GLY C 237 -12.72 20.48 -39.99
N HIS C 238 -12.71 19.23 -39.57
CA HIS C 238 -11.59 18.63 -38.85
C HIS C 238 -10.76 17.74 -39.77
N GLU C 239 -9.45 17.77 -39.57
CA GLU C 239 -8.57 16.97 -40.42
C GLU C 239 -8.68 15.48 -40.13
N SER C 240 -8.63 15.08 -38.86
CA SER C 240 -8.53 13.66 -38.53
C SER C 240 -9.73 13.10 -37.78
N ASP C 241 -10.01 13.55 -36.56
CA ASP C 241 -11.03 12.94 -35.71
C ASP C 241 -11.31 13.84 -34.50
N ILE C 242 -12.47 13.62 -33.88
CA ILE C 242 -12.97 14.44 -32.79
C ILE C 242 -12.94 13.62 -31.50
N ASN C 243 -12.05 13.99 -30.57
CA ASN C 243 -12.07 13.38 -29.24
C ASN C 243 -13.05 14.05 -28.28
N ALA C 244 -13.38 15.32 -28.48
CA ALA C 244 -14.13 16.06 -27.46
C ALA C 244 -15.02 17.10 -28.10
N ILE C 245 -16.12 17.41 -27.41
CA ILE C 245 -17.11 18.38 -27.89
C ILE C 245 -17.90 18.95 -26.70
N CYS C 246 -18.03 20.27 -26.64
CA CYS C 246 -18.74 20.94 -25.55
C CYS C 246 -19.55 22.11 -26.09
N PHE C 247 -20.79 22.27 -25.60
CA PHE C 247 -21.63 23.39 -26.00
C PHE C 247 -21.20 24.70 -25.34
N PHE C 248 -21.55 25.80 -26.01
CA PHE C 248 -21.46 27.15 -25.47
C PHE C 248 -22.67 27.38 -24.58
N PRO C 249 -22.61 28.33 -23.63
CA PRO C 249 -23.78 28.56 -22.75
C PRO C 249 -25.08 28.97 -23.42
N ASN C 250 -25.06 29.75 -24.52
CA ASN C 250 -26.32 30.10 -25.16
C ASN C 250 -26.99 28.89 -25.84
N GLY C 251 -26.18 27.95 -26.31
CA GLY C 251 -26.68 26.79 -27.01
C GLY C 251 -26.63 26.85 -28.52
N ASN C 252 -25.96 27.85 -29.09
CA ASN C 252 -25.85 27.99 -30.53
C ASN C 252 -24.47 27.66 -31.08
N ALA C 253 -23.46 27.52 -30.23
CA ALA C 253 -22.10 27.26 -30.67
C ALA C 253 -21.50 26.12 -29.85
N PHE C 254 -20.45 25.50 -30.40
CA PHE C 254 -19.76 24.44 -29.70
C PHE C 254 -18.31 24.35 -30.17
N ALA C 255 -17.37 24.55 -29.24
CA ALA C 255 -15.97 24.31 -29.55
C ALA C 255 -15.69 22.81 -29.57
N THR C 256 -14.80 22.40 -30.45
CA THR C 256 -14.51 20.99 -30.67
C THR C 256 -13.02 20.74 -30.50
N GLY C 257 -12.66 19.59 -29.95
CA GLY C 257 -11.27 19.21 -29.75
C GLY C 257 -10.89 18.01 -30.59
N SER C 258 -9.70 18.06 -31.19
CA SER C 258 -9.26 17.08 -32.16
C SER C 258 -7.83 16.62 -31.91
N ASP C 259 -7.39 15.60 -32.66
CA ASP C 259 -6.04 15.07 -32.54
C ASP C 259 -5.02 15.77 -33.40
N ASP C 260 -5.43 16.71 -34.25
CA ASP C 260 -4.49 17.46 -35.08
C ASP C 260 -3.99 18.73 -34.40
N ALA C 261 -4.04 18.77 -33.07
CA ALA C 261 -3.60 19.88 -32.22
C ALA C 261 -4.35 21.17 -32.53
N THR C 262 -5.62 21.06 -32.92
CA THR C 262 -6.43 22.22 -33.23
C THR C 262 -7.73 22.16 -32.45
N CYS C 263 -8.30 23.34 -32.20
CA CYS C 263 -9.61 23.47 -31.59
C CYS C 263 -10.43 24.38 -32.49
N ARG C 264 -11.65 23.94 -32.82
CA ARG C 264 -12.47 24.64 -33.79
C ARG C 264 -13.83 24.95 -33.19
N LEU C 265 -14.40 26.07 -33.61
CA LEU C 265 -15.69 26.54 -33.12
C LEU C 265 -16.68 26.54 -34.28
N PHE C 266 -17.84 25.91 -34.05
CA PHE C 266 -18.86 25.78 -35.08
C PHE C 266 -20.16 26.42 -34.60
N ASP C 267 -20.78 27.20 -35.48
CA ASP C 267 -22.04 27.86 -35.18
C ASP C 267 -23.18 27.09 -35.83
N LEU C 268 -24.22 26.79 -35.04
CA LEU C 268 -25.35 26.03 -35.54
C LEU C 268 -26.15 26.82 -36.58
N ARG C 269 -26.44 28.08 -36.28
CA ARG C 269 -27.22 28.90 -37.21
C ARG C 269 -26.44 29.27 -38.46
N ALA C 270 -25.16 29.60 -38.30
CA ALA C 270 -24.34 29.98 -39.46
C ALA C 270 -23.98 28.77 -40.31
N ASP C 271 -23.96 27.58 -39.71
CA ASP C 271 -23.67 26.30 -40.38
C ASP C 271 -22.27 26.29 -41.00
N GLN C 272 -21.31 26.88 -40.29
CA GLN C 272 -19.92 26.91 -40.76
C GLN C 272 -18.99 27.10 -39.57
N GLU C 273 -17.70 26.96 -39.84
CA GLU C 273 -16.67 27.06 -38.81
C GLU C 273 -16.36 28.52 -38.50
N LEU C 274 -16.58 28.91 -37.25
CA LEU C 274 -16.30 30.28 -36.83
C LEU C 274 -14.80 30.54 -36.68
N MET C 275 -14.15 29.85 -35.75
CA MET C 275 -12.77 30.16 -35.40
C MET C 275 -11.96 28.87 -35.24
N THR C 276 -10.65 28.97 -35.47
CA THR C 276 -9.72 27.86 -35.34
C THR C 276 -8.62 28.24 -34.35
N TYR C 277 -8.35 27.36 -33.40
CA TYR C 277 -7.33 27.56 -32.38
C TYR C 277 -6.17 26.61 -32.63
N SER C 278 -4.96 27.15 -32.82
CA SER C 278 -3.80 26.31 -33.04
C SER C 278 -2.54 27.07 -32.66
N HIS C 279 -1.46 26.32 -32.44
CA HIS C 279 -0.15 26.88 -32.13
C HIS C 279 0.91 25.85 -32.55
N ASP C 280 1.97 26.35 -33.19
CA ASP C 280 2.95 25.50 -33.90
C ASP C 280 3.63 24.47 -33.01
N ASN C 281 4.12 24.86 -31.83
CA ASN C 281 4.92 23.95 -31.02
C ASN C 281 4.09 22.80 -30.44
N ILE C 282 2.79 23.02 -30.25
CA ILE C 282 1.89 22.00 -29.72
C ILE C 282 1.42 21.16 -30.90
N ILE C 283 1.82 19.89 -30.91
CA ILE C 283 1.40 18.94 -31.93
C ILE C 283 0.56 17.81 -31.34
N CYS C 284 0.37 17.79 -30.03
CA CYS C 284 -0.38 16.75 -29.34
C CYS C 284 -1.89 16.94 -29.49
N GLY C 285 -2.62 15.84 -29.36
CA GLY C 285 -4.06 15.88 -29.49
C GLY C 285 -4.76 16.46 -28.26
N ILE C 286 -6.01 16.87 -28.47
CA ILE C 286 -6.86 17.43 -27.42
C ILE C 286 -7.76 16.34 -26.88
N THR C 287 -7.75 16.16 -25.55
CA THR C 287 -8.61 15.18 -24.89
C THR C 287 -9.97 15.74 -24.50
N SER C 288 -10.01 16.96 -23.95
CA SER C 288 -11.26 17.51 -23.45
C SER C 288 -11.27 19.02 -23.58
N VAL C 289 -12.47 19.59 -23.70
CA VAL C 289 -12.69 21.04 -23.76
C VAL C 289 -13.86 21.39 -22.85
N SER C 290 -13.89 22.65 -22.41
CA SER C 290 -14.96 23.14 -21.57
C SER C 290 -15.05 24.67 -21.71
N PHE C 291 -16.11 25.22 -21.13
CA PHE C 291 -16.39 26.65 -21.16
C PHE C 291 -16.63 27.18 -19.76
N SER C 292 -16.34 28.47 -19.58
CA SER C 292 -16.64 29.14 -18.31
C SER C 292 -18.12 29.52 -18.26
N LYS C 293 -18.51 30.20 -17.18
CA LYS C 293 -19.89 30.64 -17.01
C LYS C 293 -20.31 31.61 -18.10
N SER C 294 -19.53 32.69 -18.27
CA SER C 294 -19.79 33.63 -19.36
C SER C 294 -19.57 33.00 -20.73
N GLY C 295 -18.63 32.06 -20.83
CA GLY C 295 -18.27 31.47 -22.09
C GLY C 295 -17.11 32.14 -22.79
N ARG C 296 -16.53 33.18 -22.17
CA ARG C 296 -15.41 33.90 -22.78
C ARG C 296 -14.15 33.04 -22.82
N LEU C 297 -13.91 32.24 -21.80
CA LEU C 297 -12.69 31.44 -21.71
C LEU C 297 -12.95 30.03 -22.20
N LEU C 298 -12.09 29.57 -23.12
CA LEU C 298 -12.13 28.19 -23.62
C LEU C 298 -10.96 27.45 -23.00
N LEU C 299 -11.25 26.49 -22.14
CA LEU C 299 -10.23 25.71 -21.45
C LEU C 299 -10.18 24.31 -22.09
N ALA C 300 -8.97 23.88 -22.45
CA ALA C 300 -8.79 22.62 -23.13
C ALA C 300 -7.80 21.73 -22.38
N GLY C 301 -7.81 20.45 -22.73
CA GLY C 301 -6.90 19.47 -22.18
C GLY C 301 -6.04 18.87 -23.28
N TYR C 302 -4.74 18.76 -23.05
CA TYR C 302 -3.80 18.35 -24.08
C TYR C 302 -3.00 17.14 -23.62
N ASP C 303 -2.23 16.57 -24.54
CA ASP C 303 -1.39 15.43 -24.23
C ASP C 303 0.03 15.82 -23.83
N ASP C 304 0.35 17.12 -23.82
CA ASP C 304 1.68 17.60 -23.48
C ASP C 304 1.85 17.87 -21.99
N PHE C 305 0.92 17.36 -21.17
CA PHE C 305 0.83 17.41 -19.71
C PHE C 305 0.43 18.79 -19.18
N ASN C 306 0.18 19.77 -20.05
CA ASN C 306 -0.16 21.12 -19.65
C ASN C 306 -1.47 21.56 -20.29
N CYS C 307 -2.42 21.97 -19.46
CA CYS C 307 -3.66 22.56 -19.97
C CYS C 307 -3.46 24.02 -20.35
N ASN C 308 -4.10 24.42 -21.45
CA ASN C 308 -4.01 25.76 -21.98
C ASN C 308 -5.38 26.42 -22.00
N VAL C 309 -5.44 27.68 -21.59
CA VAL C 309 -6.67 28.45 -21.56
C VAL C 309 -6.69 29.34 -22.79
N TRP C 310 -7.82 29.36 -23.50
CA TRP C 310 -7.98 30.13 -24.72
C TRP C 310 -9.13 31.11 -24.54
N ASP C 311 -9.20 32.08 -25.44
CA ASP C 311 -10.22 33.12 -25.40
C ASP C 311 -11.14 32.94 -26.59
N ALA C 312 -12.45 33.05 -26.34
CA ALA C 312 -13.46 32.84 -27.38
C ALA C 312 -13.33 33.84 -28.52
N LEU C 313 -13.12 35.11 -28.18
CA LEU C 313 -13.06 36.14 -29.22
C LEU C 313 -11.63 36.48 -29.66
N LYS C 314 -10.72 36.68 -28.71
CA LYS C 314 -9.38 37.18 -29.02
C LYS C 314 -8.51 36.13 -29.72
N ALA C 315 -8.75 34.84 -29.45
CA ALA C 315 -8.01 33.70 -30.03
C ALA C 315 -6.53 33.71 -29.65
N ASP C 316 -6.27 33.87 -28.35
CA ASP C 316 -4.92 33.82 -27.82
C ASP C 316 -4.92 32.95 -26.57
N ARG C 317 -3.75 32.85 -25.93
CA ARG C 317 -3.58 32.03 -24.74
C ARG C 317 -3.66 32.92 -23.51
N ALA C 318 -4.67 32.68 -22.67
CA ALA C 318 -4.88 33.48 -21.47
C ALA C 318 -4.16 32.92 -20.25
N GLY C 319 -3.87 31.63 -20.21
CA GLY C 319 -3.17 31.05 -19.08
C GLY C 319 -2.76 29.63 -19.39
N VAL C 320 -1.84 29.13 -18.57
CA VAL C 320 -1.29 27.77 -18.70
C VAL C 320 -1.41 27.08 -17.35
N LEU C 321 -1.97 25.88 -17.35
CA LEU C 321 -2.09 25.08 -16.14
C LEU C 321 -1.06 23.97 -16.17
N ALA C 322 -0.28 23.86 -15.09
CA ALA C 322 0.77 22.84 -14.99
C ALA C 322 0.69 22.17 -13.63
N GLY C 323 1.44 21.09 -13.47
CA GLY C 323 1.46 20.33 -12.23
C GLY C 323 0.86 18.94 -12.31
N HIS C 324 0.42 18.51 -13.49
CA HIS C 324 -0.09 17.17 -13.69
C HIS C 324 1.05 16.31 -14.26
N ASP C 325 1.44 15.27 -13.49
CA ASP C 325 2.57 14.43 -13.89
C ASP C 325 2.29 13.65 -15.16
N ASN C 326 1.09 13.10 -15.29
CA ASN C 326 0.76 12.27 -16.43
C ASN C 326 -0.32 12.96 -17.25
N ARG C 327 -0.64 12.37 -18.41
CA ARG C 327 -1.52 12.96 -19.43
C ARG C 327 -2.89 13.35 -18.88
N VAL C 328 -3.39 14.49 -19.37
CA VAL C 328 -4.65 15.07 -18.93
C VAL C 328 -5.80 14.36 -19.65
N SER C 329 -6.57 13.56 -18.90
CA SER C 329 -7.67 12.82 -19.50
C SER C 329 -8.88 13.71 -19.77
N CYS C 330 -9.26 14.56 -18.82
CA CYS C 330 -10.51 15.28 -18.90
C CYS C 330 -10.41 16.63 -18.20
N LEU C 331 -11.33 17.53 -18.54
CA LEU C 331 -11.38 18.86 -17.95
C LEU C 331 -12.83 19.33 -17.94
N GLY C 332 -13.27 19.84 -16.79
CA GLY C 332 -14.63 20.33 -16.66
C GLY C 332 -14.75 21.57 -15.81
N VAL C 333 -15.46 22.59 -16.30
CA VAL C 333 -15.70 23.81 -15.55
C VAL C 333 -17.08 23.69 -14.90
N THR C 334 -17.18 24.07 -13.62
CA THR C 334 -18.39 23.91 -12.84
C THR C 334 -19.50 24.85 -13.31
N ASP C 335 -20.70 24.64 -12.74
CA ASP C 335 -21.92 25.27 -13.23
C ASP C 335 -21.92 26.78 -13.00
N ASP C 336 -21.70 27.21 -11.75
CA ASP C 336 -21.63 28.64 -11.49
C ASP C 336 -20.33 29.27 -12.00
N GLY C 337 -19.30 28.48 -12.24
CA GLY C 337 -18.05 28.98 -12.76
C GLY C 337 -17.03 29.35 -11.71
N MET C 338 -17.21 28.89 -10.48
CA MET C 338 -16.31 29.27 -9.40
C MET C 338 -15.00 28.49 -9.40
N ALA C 339 -14.98 27.28 -9.98
CA ALA C 339 -13.77 26.49 -9.93
C ALA C 339 -13.65 25.64 -11.20
N VAL C 340 -12.43 25.17 -11.44
CA VAL C 340 -12.12 24.26 -12.54
C VAL C 340 -11.28 23.12 -11.97
N ALA C 341 -11.73 21.89 -12.16
CA ALA C 341 -10.98 20.71 -11.75
C ALA C 341 -10.55 19.94 -12.99
N THR C 342 -9.26 19.64 -13.06
CA THR C 342 -8.66 19.00 -14.22
C THR C 342 -8.40 17.53 -13.91
N GLY C 343 -8.68 16.66 -14.88
CA GLY C 343 -8.46 15.24 -14.72
C GLY C 343 -7.22 14.78 -15.47
N SER C 344 -6.36 14.06 -14.77
CA SER C 344 -5.10 13.61 -15.32
C SER C 344 -4.95 12.12 -15.08
N TRP C 345 -3.94 11.53 -15.72
CA TRP C 345 -3.62 10.13 -15.57
C TRP C 345 -2.72 9.82 -14.38
N ASP C 346 -2.31 10.84 -13.62
CA ASP C 346 -1.45 10.62 -12.47
C ASP C 346 -2.22 10.33 -11.19
N SER C 347 -3.55 10.13 -11.30
CA SER C 347 -4.47 9.81 -10.20
C SER C 347 -4.59 10.94 -9.18
N PHE C 348 -4.50 12.19 -9.64
CA PHE C 348 -4.74 13.36 -8.81
C PHE C 348 -5.70 14.30 -9.53
N LEU C 349 -6.76 14.74 -8.85
CA LEU C 349 -7.62 15.79 -9.38
C LEU C 349 -7.30 17.08 -8.66
N LYS C 350 -6.92 18.11 -9.41
CA LYS C 350 -6.54 19.40 -8.84
C LYS C 350 -7.57 20.44 -9.23
N ILE C 351 -8.00 21.24 -8.26
CA ILE C 351 -9.04 22.25 -8.46
C ILE C 351 -8.38 23.61 -8.63
N TRP C 352 -8.67 24.26 -9.75
CA TRP C 352 -8.08 25.55 -10.11
C TRP C 352 -9.14 26.63 -10.01
N ASN C 353 -8.88 27.66 -9.21
CA ASN C 353 -9.78 28.80 -9.12
C ASN C 353 -9.16 29.97 -9.88
N ALA D 10 -28.68 1.03 -52.13
CA ALA D 10 -29.73 1.34 -51.17
C ALA D 10 -29.21 2.19 -50.03
N GLN D 11 -28.02 1.83 -49.53
CA GLN D 11 -27.36 2.64 -48.50
C GLN D 11 -26.95 4.00 -49.04
N ALA D 12 -26.46 4.03 -50.28
CA ALA D 12 -26.09 5.29 -50.92
C ALA D 12 -27.31 6.20 -51.11
N ARG D 13 -28.47 5.61 -51.42
CA ARG D 13 -29.71 6.37 -51.54
C ARG D 13 -30.09 7.00 -50.21
N LYS D 14 -29.96 6.25 -49.11
CA LYS D 14 -30.25 6.79 -47.78
C LYS D 14 -29.29 7.92 -47.41
N LEU D 15 -28.02 7.78 -47.81
CA LEU D 15 -27.04 8.85 -47.58
C LEU D 15 -27.39 10.10 -48.38
N VAL D 16 -27.82 9.94 -49.64
CA VAL D 16 -28.22 11.07 -50.46
C VAL D 16 -29.48 11.72 -49.91
N GLU D 17 -30.40 10.91 -49.36
CA GLU D 17 -31.62 11.46 -48.76
C GLU D 17 -31.32 12.31 -47.53
N GLN D 18 -30.41 11.83 -46.67
CA GLN D 18 -30.02 12.62 -45.52
C GLN D 18 -29.25 13.88 -45.94
N LEU D 19 -28.44 13.78 -46.99
CA LEU D 19 -27.71 14.95 -47.48
C LEU D 19 -28.66 16.01 -48.04
N LYS D 20 -29.72 15.56 -48.74
CA LYS D 20 -30.75 16.46 -49.24
C LYS D 20 -31.49 17.12 -48.08
N MET D 21 -31.71 16.37 -47.00
CA MET D 21 -32.36 16.94 -45.83
C MET D 21 -31.48 18.01 -45.19
N GLU D 22 -30.17 17.75 -45.12
CA GLU D 22 -29.24 18.70 -44.51
C GLU D 22 -29.12 19.99 -45.32
N ALA D 23 -29.18 19.87 -46.66
CA ALA D 23 -28.96 21.02 -47.54
C ALA D 23 -30.01 22.12 -47.36
N ASN D 24 -31.29 21.74 -47.22
CA ASN D 24 -32.39 22.71 -47.12
C ASN D 24 -32.54 23.16 -45.67
N ILE D 25 -31.69 24.11 -45.27
CA ILE D 25 -31.74 24.67 -43.92
C ILE D 25 -31.57 26.19 -44.01
N ASP D 26 -32.33 26.92 -43.17
CA ASP D 26 -32.24 28.37 -43.11
C ASP D 26 -30.93 28.82 -42.43
N ARG D 27 -30.10 29.54 -43.17
CA ARG D 27 -28.82 30.03 -42.66
C ARG D 27 -28.86 31.54 -42.54
N ILE D 28 -28.58 32.05 -41.34
CA ILE D 28 -28.52 33.49 -41.10
C ILE D 28 -27.13 34.00 -41.41
N LYS D 29 -26.99 35.32 -41.49
CA LYS D 29 -25.69 35.95 -41.75
C LYS D 29 -24.74 35.73 -40.57
N VAL D 30 -23.48 35.42 -40.89
CA VAL D 30 -22.48 35.11 -39.87
C VAL D 30 -22.17 36.33 -39.00
N SER D 31 -22.23 37.55 -39.57
CA SER D 31 -21.92 38.76 -38.81
C SER D 31 -22.93 39.03 -37.71
N LYS D 32 -24.22 38.80 -37.99
CA LYS D 32 -25.27 38.97 -36.99
C LYS D 32 -25.13 37.97 -35.84
N ALA D 33 -24.81 36.71 -36.18
CA ALA D 33 -24.57 35.69 -35.16
C ALA D 33 -23.32 36.02 -34.35
N ALA D 34 -22.30 36.57 -34.99
CA ALA D 34 -21.08 36.99 -34.29
C ALA D 34 -21.38 38.11 -33.32
N ALA D 35 -22.25 39.06 -33.71
CA ALA D 35 -22.65 40.14 -32.82
C ALA D 35 -23.43 39.59 -31.64
N ASP D 36 -24.26 38.57 -31.88
CA ASP D 36 -24.99 37.91 -30.79
C ASP D 36 -24.04 37.23 -29.81
N LEU D 37 -23.04 36.52 -30.34
CA LEU D 37 -22.06 35.82 -29.51
C LEU D 37 -21.25 36.81 -28.67
N MET D 38 -20.82 37.92 -29.28
CA MET D 38 -20.06 38.93 -28.55
C MET D 38 -20.92 39.60 -27.48
N ALA D 39 -22.19 39.87 -27.79
CA ALA D 39 -23.08 40.50 -26.81
C ALA D 39 -23.33 39.57 -25.63
N TYR D 40 -23.47 38.27 -25.89
CA TYR D 40 -23.66 37.30 -24.81
C TYR D 40 -22.42 37.22 -23.93
N CYS D 41 -21.22 37.23 -24.55
CA CYS D 41 -19.99 37.16 -23.78
C CYS D 41 -19.79 38.42 -22.93
N GLU D 42 -20.08 39.60 -23.50
CA GLU D 42 -19.90 40.85 -22.78
C GLU D 42 -20.90 41.00 -21.62
N ALA D 43 -22.15 40.58 -21.83
CA ALA D 43 -23.19 40.77 -20.82
C ALA D 43 -22.94 39.95 -19.55
N HIS D 44 -22.48 38.71 -19.70
CA HIS D 44 -22.30 37.81 -18.56
C HIS D 44 -20.87 37.81 -18.01
N ALA D 45 -20.02 38.73 -18.45
CA ALA D 45 -18.63 38.78 -17.99
C ALA D 45 -18.52 39.07 -16.50
N LYS D 46 -19.37 39.98 -15.99
CA LYS D 46 -19.33 40.34 -14.58
C LYS D 46 -19.70 39.16 -13.67
N GLU D 47 -20.69 38.36 -14.09
CA GLU D 47 -21.12 37.22 -13.30
C GLU D 47 -20.03 36.15 -13.18
N ASP D 48 -19.20 35.99 -14.20
CA ASP D 48 -18.21 34.92 -14.29
C ASP D 48 -17.12 35.10 -13.23
N PRO D 49 -16.97 34.16 -12.28
CA PRO D 49 -15.89 34.27 -11.29
C PRO D 49 -14.49 34.16 -11.88
N LEU D 50 -14.31 33.41 -12.96
CA LEU D 50 -12.97 33.17 -13.51
C LEU D 50 -12.37 34.44 -14.11
N LEU D 51 -13.19 35.26 -14.77
CA LEU D 51 -12.70 36.46 -15.45
C LEU D 51 -12.19 37.51 -14.46
N THR D 52 -12.98 37.80 -13.43
CA THR D 52 -12.63 38.81 -12.44
C THR D 52 -12.48 38.13 -11.09
N PRO D 53 -11.30 38.21 -10.46
CA PRO D 53 -11.05 37.48 -9.20
C PRO D 53 -11.97 37.93 -8.06
N VAL D 54 -12.55 36.94 -7.40
CA VAL D 54 -13.54 37.14 -6.34
C VAL D 54 -12.77 37.45 -5.06
N PRO D 55 -13.30 38.26 -4.13
CA PRO D 55 -12.66 38.42 -2.83
C PRO D 55 -12.68 37.13 -2.03
N ALA D 56 -11.69 37.00 -1.12
CA ALA D 56 -11.47 35.77 -0.37
C ALA D 56 -12.66 35.41 0.53
N SER D 57 -13.29 36.41 1.13
CA SER D 57 -14.45 36.15 1.99
C SER D 57 -15.62 35.59 1.20
N GLU D 58 -15.89 36.15 0.01
CA GLU D 58 -16.92 35.60 -0.86
C GLU D 58 -16.49 34.25 -1.46
N ASN D 59 -15.18 34.06 -1.66
CA ASN D 59 -14.65 32.84 -2.26
C ASN D 59 -14.91 31.65 -1.35
N PRO D 60 -15.55 30.58 -1.84
CA PRO D 60 -15.69 29.38 -1.00
C PRO D 60 -14.40 28.63 -0.78
N PHE D 61 -13.46 28.67 -1.74
CA PHE D 61 -12.18 27.99 -1.58
C PHE D 61 -11.19 28.95 -0.95
N ARG D 62 -10.59 28.53 0.16
CA ARG D 62 -9.64 29.36 0.89
C ARG D 62 -8.47 28.50 1.35
N GLU D 63 -7.36 29.17 1.64
CA GLU D 63 -6.17 28.49 2.17
C GLU D 63 -6.45 27.92 3.55
N LYS D 64 -5.95 26.72 3.81
CA LYS D 64 -6.14 26.07 5.09
C LYS D 64 -4.81 25.91 5.82
N VAL E 2 -35.59 -1.65 6.39
CA VAL E 2 -35.04 -0.91 7.52
C VAL E 2 -35.91 -1.13 8.75
N GLN E 3 -35.33 -1.74 9.78
CA GLN E 3 -36.06 -2.02 11.01
C GLN E 3 -35.08 -2.13 12.18
N LEU E 4 -35.44 -1.53 13.30
CA LEU E 4 -34.66 -1.61 14.53
C LEU E 4 -35.60 -1.99 15.67
N VAL E 5 -35.28 -3.08 16.36
CA VAL E 5 -36.05 -3.57 17.49
C VAL E 5 -35.12 -3.76 18.67
N GLU E 6 -35.60 -3.38 19.86
CA GLU E 6 -34.81 -3.44 21.08
C GLU E 6 -35.31 -4.57 21.97
N SER E 7 -34.37 -5.16 22.71
CA SER E 7 -34.69 -6.23 23.65
C SER E 7 -33.86 -6.06 24.91
N GLY E 8 -34.36 -6.62 26.01
CA GLY E 8 -33.68 -6.53 27.29
C GLY E 8 -34.37 -5.70 28.34
N GLY E 9 -35.65 -5.37 28.16
CA GLY E 9 -36.37 -4.54 29.10
C GLY E 9 -36.80 -5.28 30.36
N GLY E 10 -37.81 -4.71 31.02
CA GLY E 10 -38.32 -5.26 32.25
C GLY E 10 -37.88 -4.48 33.47
N LEU E 11 -38.28 -4.98 34.63
CA LEU E 11 -37.95 -4.32 35.89
C LEU E 11 -36.54 -4.69 36.32
N VAL E 12 -35.79 -3.69 36.77
CA VAL E 12 -34.41 -3.85 37.22
C VAL E 12 -34.30 -3.26 38.61
N GLN E 13 -33.64 -3.99 39.51
CA GLN E 13 -33.39 -3.49 40.85
C GLN E 13 -32.31 -2.40 40.80
N PRO E 14 -32.41 -1.39 41.67
CA PRO E 14 -31.39 -0.32 41.66
C PRO E 14 -30.04 -0.82 42.16
N GLY E 15 -28.98 -0.35 41.50
CA GLY E 15 -27.65 -0.84 41.75
C GLY E 15 -27.26 -2.06 40.95
N GLY E 16 -28.17 -2.63 40.18
CA GLY E 16 -27.90 -3.81 39.38
C GLY E 16 -27.27 -3.46 38.04
N SER E 17 -27.39 -4.40 37.10
CA SER E 17 -26.83 -4.24 35.77
C SER E 17 -27.74 -4.89 34.74
N ARG E 18 -27.74 -4.34 33.53
CA ARG E 18 -28.56 -4.83 32.45
C ARG E 18 -27.87 -4.49 31.13
N LYS E 19 -27.89 -5.42 30.17
CA LYS E 19 -27.23 -5.27 28.89
C LYS E 19 -28.26 -5.35 27.78
N LEU E 20 -28.51 -4.22 27.11
CA LEU E 20 -29.47 -4.17 26.02
C LEU E 20 -28.81 -4.57 24.70
N SER E 21 -29.64 -5.10 23.80
CA SER E 21 -29.19 -5.47 22.47
C SER E 21 -30.24 -5.05 21.45
N CYS E 22 -29.82 -4.34 20.41
CA CYS E 22 -30.69 -3.91 19.33
C CYS E 22 -30.21 -4.56 18.03
N SER E 23 -31.10 -5.27 17.36
CA SER E 23 -30.79 -5.96 16.11
C SER E 23 -31.24 -5.13 14.92
N ALA E 24 -30.40 -5.06 13.90
CA ALA E 24 -30.66 -4.27 12.71
C ALA E 24 -30.93 -5.17 11.51
N SER E 25 -31.89 -4.77 10.69
CA SER E 25 -32.26 -5.53 9.50
C SER E 25 -32.55 -4.58 8.34
N GLY E 26 -32.14 -4.97 7.15
CA GLY E 26 -32.48 -4.25 5.95
C GLY E 26 -31.66 -3.02 5.63
N PHE E 27 -30.50 -2.86 6.27
CA PHE E 27 -29.56 -1.79 5.91
C PHE E 27 -28.16 -2.18 6.38
N ALA E 28 -27.17 -1.47 5.84
CA ALA E 28 -25.77 -1.71 6.15
C ALA E 28 -25.48 -1.10 7.52
N PHE E 29 -25.48 -1.94 8.56
CA PHE E 29 -25.30 -1.50 9.94
C PHE E 29 -23.92 -0.88 10.18
N SER E 30 -22.90 -1.32 9.43
CA SER E 30 -21.54 -0.87 9.69
C SER E 30 -21.28 0.57 9.27
N SER E 31 -22.16 1.17 8.46
CA SER E 31 -21.93 2.50 7.93
C SER E 31 -22.66 3.61 8.68
N PHE E 32 -23.54 3.27 9.62
CA PHE E 32 -24.33 4.24 10.36
C PHE E 32 -23.79 4.40 11.78
N GLY E 33 -23.71 5.64 12.24
CA GLY E 33 -23.51 5.88 13.65
C GLY E 33 -24.79 5.72 14.44
N MET E 34 -24.66 5.32 15.70
CA MET E 34 -25.81 4.91 16.49
C MET E 34 -25.97 5.77 17.73
N HIS E 35 -27.21 6.22 17.95
CA HIS E 35 -27.58 7.09 19.07
C HIS E 35 -28.51 6.35 20.02
N TRP E 36 -28.34 6.59 21.32
CA TRP E 36 -29.31 6.20 22.33
C TRP E 36 -30.04 7.43 22.83
N VAL E 37 -31.37 7.39 22.79
CA VAL E 37 -32.22 8.48 23.26
C VAL E 37 -33.18 7.92 24.29
N ARG E 38 -33.28 8.56 25.45
CA ARG E 38 -34.19 8.14 26.51
C ARG E 38 -35.34 9.12 26.66
N GLN E 39 -36.48 8.62 27.13
CA GLN E 39 -37.68 9.41 27.31
C GLN E 39 -38.31 9.08 28.66
N ALA E 40 -38.48 10.11 29.49
CA ALA E 40 -39.21 9.95 30.74
C ALA E 40 -40.70 9.79 30.45
N PRO E 41 -41.47 9.16 31.36
CA PRO E 41 -42.91 9.00 31.11
C PRO E 41 -43.69 10.31 30.99
N GLU E 42 -43.44 11.29 31.86
CA GLU E 42 -44.16 12.56 31.80
C GLU E 42 -43.23 13.73 31.52
N LYS E 43 -42.14 13.49 30.79
CA LYS E 43 -41.21 14.54 30.36
C LYS E 43 -40.78 14.25 28.93
N GLY E 44 -39.99 15.15 28.36
CA GLY E 44 -39.53 15.02 27.00
C GLY E 44 -38.43 13.99 26.82
N LEU E 45 -37.93 13.94 25.57
CA LEU E 45 -36.84 13.03 25.22
C LEU E 45 -35.52 13.54 25.81
N GLU E 46 -34.53 12.65 25.83
CA GLU E 46 -33.20 13.01 26.34
C GLU E 46 -32.15 12.11 25.69
N TRP E 47 -31.03 12.71 25.29
CA TRP E 47 -29.94 11.98 24.64
C TRP E 47 -29.08 11.25 25.67
N VAL E 48 -28.62 10.05 25.32
CA VAL E 48 -27.79 9.23 26.20
C VAL E 48 -26.35 9.15 25.71
N ALA E 49 -26.13 8.57 24.53
CA ALA E 49 -24.78 8.24 24.09
C ALA E 49 -24.75 8.08 22.57
N TYR E 50 -23.53 8.07 22.02
CA TYR E 50 -23.30 7.90 20.60
C TYR E 50 -22.03 7.10 20.37
N ILE E 51 -22.06 6.21 19.38
CA ILE E 51 -20.87 5.53 18.87
C ILE E 51 -20.82 5.74 17.36
N SER E 52 -19.63 6.04 16.86
CA SER E 52 -19.46 6.26 15.43
C SER E 52 -19.31 4.94 14.69
N SER E 53 -19.38 5.01 13.36
CA SER E 53 -19.13 3.84 12.54
C SER E 53 -17.65 3.45 12.61
N GLY E 54 -17.40 2.17 12.85
CA GLY E 54 -16.05 1.70 13.06
C GLY E 54 -15.49 1.92 14.45
N SER E 55 -16.32 2.42 15.38
CA SER E 55 -15.98 2.64 16.80
C SER E 55 -14.81 3.61 16.97
N GLY E 56 -14.71 4.61 16.10
CA GLY E 56 -13.61 5.55 16.15
C GLY E 56 -13.71 6.58 17.24
N THR E 57 -14.92 7.09 17.50
CA THR E 57 -15.14 8.06 18.56
C THR E 57 -16.42 7.71 19.30
N ILE E 58 -16.44 8.03 20.59
CA ILE E 58 -17.55 7.74 21.49
C ILE E 58 -17.82 8.96 22.36
N TYR E 59 -19.08 9.40 22.41
CA TYR E 59 -19.48 10.55 23.20
C TYR E 59 -20.58 10.17 24.18
N TYR E 60 -20.56 10.82 25.35
CA TYR E 60 -21.57 10.63 26.39
C TYR E 60 -22.06 11.98 26.87
N ALA E 61 -23.27 12.00 27.41
CA ALA E 61 -23.73 13.15 28.15
C ALA E 61 -23.03 13.21 29.52
N ASP E 62 -23.00 14.41 30.10
CA ASP E 62 -22.27 14.60 31.36
C ASP E 62 -22.97 13.94 32.54
N THR E 63 -24.30 13.83 32.50
CA THR E 63 -25.03 13.19 33.59
C THR E 63 -24.92 11.67 33.56
N VAL E 64 -24.60 11.08 32.41
CA VAL E 64 -24.55 9.63 32.26
C VAL E 64 -23.13 9.13 32.02
N LYS E 65 -22.13 9.97 32.24
CA LYS E 65 -20.74 9.62 31.96
C LYS E 65 -20.22 8.58 32.95
N GLY E 66 -19.57 7.54 32.43
CA GLY E 66 -18.94 6.54 33.27
C GLY E 66 -19.78 5.30 33.54
N ARG E 67 -21.02 5.49 33.99
CA ARG E 67 -21.88 4.37 34.35
C ARG E 67 -22.29 3.56 33.12
N PHE E 68 -22.52 4.23 32.00
CA PHE E 68 -23.01 3.60 30.78
C PHE E 68 -21.85 3.32 29.83
N THR E 69 -21.84 2.12 29.25
CA THR E 69 -20.82 1.72 28.29
C THR E 69 -21.51 1.29 27.00
N ILE E 70 -21.06 1.84 25.88
CA ILE E 70 -21.64 1.57 24.57
C ILE E 70 -20.62 0.83 23.71
N SER E 71 -21.09 -0.21 23.02
CA SER E 71 -20.26 -0.95 22.08
C SER E 71 -21.11 -1.36 20.90
N ARG E 72 -20.46 -1.85 19.85
CA ARG E 72 -21.17 -2.32 18.67
C ARG E 72 -20.36 -3.44 18.02
N ASP E 73 -21.08 -4.39 17.41
CA ASP E 73 -20.45 -5.50 16.72
C ASP E 73 -20.98 -5.55 15.28
N ASP E 74 -20.12 -5.21 14.34
CA ASP E 74 -20.47 -5.14 12.92
C ASP E 74 -20.72 -6.48 12.21
N PRO E 75 -19.97 -7.59 12.45
CA PRO E 75 -20.34 -8.85 11.78
C PRO E 75 -21.66 -9.45 12.23
N LYS E 76 -22.13 -9.15 13.44
CA LYS E 76 -23.41 -9.68 13.90
C LYS E 76 -24.54 -8.66 13.81
N ASN E 77 -24.22 -7.40 13.49
CA ASN E 77 -25.19 -6.31 13.28
C ASN E 77 -26.06 -6.07 14.52
N THR E 78 -25.42 -5.97 15.68
CA THR E 78 -26.12 -5.79 16.94
C THR E 78 -25.45 -4.68 17.74
N LEU E 79 -26.26 -3.76 18.25
CA LEU E 79 -25.79 -2.65 19.08
C LEU E 79 -25.98 -2.99 20.55
N PHE E 80 -24.91 -2.91 21.32
CA PHE E 80 -24.92 -3.30 22.74
C PHE E 80 -24.76 -2.08 23.62
N LEU E 81 -25.63 -1.97 24.63
CA LEU E 81 -25.51 -0.95 25.67
C LEU E 81 -25.30 -1.64 27.01
N GLN E 82 -24.20 -1.29 27.68
CA GLN E 82 -23.85 -1.88 28.97
C GLN E 82 -24.16 -0.86 30.06
N MET E 83 -24.95 -1.28 31.05
CA MET E 83 -25.41 -0.40 32.12
C MET E 83 -24.91 -0.94 33.45
N THR E 84 -24.26 -0.06 34.22
CA THR E 84 -23.70 -0.42 35.52
C THR E 84 -24.08 0.66 36.53
N SER E 85 -24.53 0.20 37.71
CA SER E 85 -24.93 1.06 38.83
C SER E 85 -26.06 2.01 38.44
N LEU E 86 -27.20 1.43 38.09
CA LEU E 86 -28.36 2.20 37.71
C LEU E 86 -28.96 2.92 38.92
N ARG E 87 -29.56 4.07 38.65
CA ARG E 87 -30.17 4.91 39.68
C ARG E 87 -31.66 5.08 39.39
N SER E 88 -32.35 5.77 40.30
CA SER E 88 -33.80 5.94 40.20
C SER E 88 -34.21 6.92 39.11
N GLU E 89 -33.28 7.67 38.51
CA GLU E 89 -33.59 8.58 37.43
C GLU E 89 -33.50 7.94 36.06
N ASP E 90 -33.14 6.66 35.98
CA ASP E 90 -32.96 5.96 34.71
C ASP E 90 -34.23 5.23 34.26
N THR E 91 -35.38 5.51 34.89
CA THR E 91 -36.64 4.90 34.50
C THR E 91 -37.16 5.58 33.23
N ALA E 92 -36.66 5.09 32.09
CA ALA E 92 -36.97 5.70 30.81
C ALA E 92 -37.01 4.64 29.72
N MET E 93 -37.59 5.00 28.58
CA MET E 93 -37.64 4.15 27.41
C MET E 93 -36.49 4.51 26.48
N TYR E 94 -35.69 3.52 26.10
CA TYR E 94 -34.47 3.75 25.35
C TYR E 94 -34.68 3.44 23.87
N TYR E 95 -34.31 4.39 23.01
CA TYR E 95 -34.47 4.25 21.56
C TYR E 95 -33.11 4.09 20.89
N CYS E 96 -33.11 3.35 19.78
CA CYS E 96 -31.95 3.23 18.91
C CYS E 96 -32.17 4.07 17.66
N VAL E 97 -31.15 4.83 17.26
CA VAL E 97 -31.25 5.77 16.14
C VAL E 97 -30.06 5.53 15.22
N ARG E 98 -30.31 5.48 13.91
CA ARG E 98 -29.23 5.39 12.93
C ARG E 98 -29.00 6.77 12.32
N SER E 99 -27.73 7.16 12.22
CA SER E 99 -27.37 8.48 11.71
C SER E 99 -26.12 8.38 10.85
N ILE E 100 -26.27 8.63 9.53
CA ILE E 100 -25.13 8.72 8.62
C ILE E 100 -24.76 10.20 8.49
N TYR E 101 -23.47 10.46 8.33
CA TYR E 101 -22.95 11.84 8.31
C TYR E 101 -22.12 12.05 7.06
N TYR E 102 -22.66 12.82 6.12
CA TYR E 102 -21.92 13.36 4.99
C TYR E 102 -22.68 14.60 4.52
N TYR E 103 -22.14 15.27 3.51
CA TYR E 103 -22.79 16.46 2.98
C TYR E 103 -24.06 16.08 2.23
N GLY E 104 -25.20 16.54 2.74
CA GLY E 104 -26.48 16.21 2.16
C GLY E 104 -27.17 15.04 2.80
N SER E 105 -26.56 14.43 3.81
CA SER E 105 -27.17 13.31 4.50
C SER E 105 -28.30 13.79 5.40
N SER E 106 -29.18 12.86 5.77
CA SER E 106 -30.28 13.12 6.69
C SER E 106 -30.12 12.21 7.91
N PRO E 107 -29.34 12.62 8.91
CA PRO E 107 -29.24 11.82 10.13
C PRO E 107 -30.50 11.95 10.97
N PHE E 108 -30.61 11.05 11.95
CA PHE E 108 -31.77 10.91 12.85
C PHE E 108 -33.06 10.64 12.06
N ASP E 109 -32.95 9.96 10.92
CA ASP E 109 -34.11 9.74 10.07
C ASP E 109 -34.95 8.56 10.53
N PHE E 110 -34.33 7.48 10.99
CA PHE E 110 -35.04 6.29 11.40
C PHE E 110 -34.83 6.06 12.90
N TRP E 111 -35.94 5.87 13.61
CA TRP E 111 -35.97 5.70 15.05
C TRP E 111 -36.41 4.30 15.40
N GLY E 112 -35.92 3.79 16.53
CA GLY E 112 -36.30 2.48 17.00
C GLY E 112 -37.68 2.46 17.62
N GLN E 113 -38.02 1.30 18.20
CA GLN E 113 -39.34 1.12 18.78
C GLN E 113 -39.38 1.46 20.26
N GLY E 114 -38.28 1.22 20.98
CA GLY E 114 -38.21 1.59 22.38
C GLY E 114 -38.46 0.44 23.32
N THR E 115 -37.55 0.23 24.26
CA THR E 115 -37.70 -0.80 25.29
C THR E 115 -37.91 -0.13 26.64
N THR E 116 -38.89 -0.63 27.40
CA THR E 116 -39.26 -0.04 28.67
C THR E 116 -38.37 -0.59 29.78
N LEU E 117 -37.89 0.32 30.63
CA LEU E 117 -37.05 -0.04 31.77
C LEU E 117 -37.51 0.80 32.96
N THR E 118 -38.06 0.15 33.98
CA THR E 118 -38.59 0.80 35.16
C THR E 118 -37.80 0.36 36.39
N VAL E 119 -37.31 1.32 37.15
CA VAL E 119 -36.58 1.05 38.39
C VAL E 119 -37.35 1.61 39.57
N SER E 120 -37.41 0.84 40.65
CA SER E 120 -38.13 1.21 41.86
C SER E 120 -37.15 1.29 43.01
N ALA E 121 -37.16 2.42 43.72
CA ALA E 121 -36.29 2.63 44.87
C ALA E 121 -36.66 1.72 46.04
N ASP E 138 -23.13 24.20 27.96
CA ASP E 138 -24.22 23.38 27.49
C ASP E 138 -25.33 24.23 26.87
N ILE E 139 -25.63 23.97 25.60
CA ILE E 139 -26.65 24.71 24.88
C ILE E 139 -28.03 24.30 25.41
N VAL E 140 -28.74 25.25 25.99
CA VAL E 140 -30.06 24.99 26.57
C VAL E 140 -31.12 25.35 25.54
N MET E 141 -31.90 24.36 25.13
CA MET E 141 -32.99 24.59 24.18
C MET E 141 -34.27 24.86 24.97
N THR E 142 -34.92 25.98 24.66
CA THR E 142 -36.03 26.49 25.47
C THR E 142 -37.30 26.55 24.64
N GLN E 143 -38.27 25.70 24.99
CA GLN E 143 -39.62 25.81 24.46
C GLN E 143 -40.38 26.88 25.23
N ALA E 144 -40.73 27.98 24.56
CA ALA E 144 -41.42 29.08 25.23
C ALA E 144 -42.86 28.70 25.59
N THR E 145 -43.56 28.04 24.67
CA THR E 145 -44.90 27.56 24.93
C THR E 145 -44.87 26.10 25.37
N SER E 146 -46.00 25.63 25.87
CA SER E 146 -46.12 24.24 26.32
C SER E 146 -47.27 23.50 25.66
N SER E 147 -48.40 24.16 25.44
CA SER E 147 -49.54 23.55 24.76
C SER E 147 -50.36 24.65 24.11
N VAL E 148 -50.79 24.40 22.87
CA VAL E 148 -51.59 25.36 22.11
C VAL E 148 -52.78 24.60 21.53
N PRO E 149 -54.02 24.97 21.86
CA PRO E 149 -55.18 24.32 21.22
C PRO E 149 -55.37 24.84 19.80
N VAL E 150 -55.41 23.93 18.85
CA VAL E 150 -55.49 24.27 17.43
C VAL E 150 -56.65 23.51 16.79
N THR E 151 -57.12 24.05 15.66
CA THR E 151 -58.19 23.47 14.85
C THR E 151 -57.64 23.02 13.50
N PRO E 152 -58.15 21.90 12.95
CA PRO E 152 -57.66 21.41 11.65
C PRO E 152 -58.01 22.34 10.50
N GLY E 153 -56.99 22.94 9.89
CA GLY E 153 -57.19 23.81 8.74
C GLY E 153 -56.42 25.11 8.84
N GLU E 154 -56.30 25.64 10.05
CA GLU E 154 -55.57 26.89 10.26
C GLU E 154 -54.07 26.62 10.33
N SER E 155 -53.29 27.69 10.09
CA SER E 155 -51.84 27.61 10.20
C SER E 155 -51.43 27.61 11.66
N VAL E 156 -50.48 26.74 11.99
CA VAL E 156 -50.02 26.55 13.36
C VAL E 156 -48.57 27.02 13.44
N SER E 157 -48.27 27.85 14.43
CA SER E 157 -46.92 28.38 14.63
C SER E 157 -46.32 27.79 15.89
N ILE E 158 -45.10 27.26 15.76
CA ILE E 158 -44.36 26.67 16.88
C ILE E 158 -43.00 27.33 16.94
N SER E 159 -42.64 27.85 18.10
CA SER E 159 -41.39 28.58 18.29
C SER E 159 -40.46 27.82 19.22
N CYS E 160 -39.18 27.81 18.86
CA CYS E 160 -38.12 27.26 19.69
C CYS E 160 -36.99 28.28 19.78
N ARG E 161 -36.29 28.27 20.91
CA ARG E 161 -35.19 29.19 21.16
C ARG E 161 -34.00 28.42 21.72
N SER E 162 -32.82 29.02 21.53
CA SER E 162 -31.57 28.40 21.94
C SER E 162 -30.80 29.34 22.86
N SER E 163 -29.84 28.78 23.59
CA SER E 163 -28.94 29.57 24.43
C SER E 163 -27.68 29.99 23.70
N LYS E 164 -27.39 29.41 22.54
CA LYS E 164 -26.21 29.70 21.75
C LYS E 164 -26.61 29.75 20.29
N SER E 165 -25.99 30.66 19.53
CA SER E 165 -26.26 30.79 18.11
C SER E 165 -25.82 29.53 17.37
N LEU E 166 -26.77 28.86 16.73
CA LEU E 166 -26.50 27.62 16.01
C LEU E 166 -25.98 27.84 14.60
N LEU E 167 -25.93 29.08 14.14
CA LEU E 167 -25.42 29.39 12.80
C LEU E 167 -23.91 29.21 12.77
N HIS E 168 -23.46 28.12 12.15
CA HIS E 168 -22.04 27.83 12.02
C HIS E 168 -21.46 28.60 10.83
N SER E 169 -20.13 28.72 10.81
CA SER E 169 -19.45 29.51 9.80
C SER E 169 -19.52 28.88 8.40
N ASN E 170 -19.82 27.59 8.29
CA ASN E 170 -19.99 26.97 6.99
C ASN E 170 -21.35 27.23 6.37
N GLY E 171 -22.28 27.82 7.12
CA GLY E 171 -23.60 28.16 6.62
C GLY E 171 -24.71 27.26 7.14
N ASN E 172 -24.38 26.15 7.77
CA ASN E 172 -25.39 25.21 8.26
C ASN E 172 -25.87 25.61 9.65
N THR E 173 -27.18 25.52 9.86
CA THR E 173 -27.81 25.76 11.16
C THR E 173 -28.32 24.42 11.67
N TYR E 174 -27.73 23.93 12.75
CA TYR E 174 -27.94 22.56 13.20
C TYR E 174 -29.15 22.51 14.15
N LEU E 175 -30.33 22.59 13.55
CA LEU E 175 -31.59 22.43 14.28
C LEU E 175 -32.43 21.38 13.56
N TYR E 176 -32.82 20.33 14.28
CA TYR E 176 -33.63 19.26 13.71
C TYR E 176 -34.99 19.25 14.41
N TRP E 177 -36.05 19.05 13.64
CA TRP E 177 -37.42 19.04 14.15
C TRP E 177 -37.98 17.62 14.11
N PHE E 178 -38.50 17.16 15.25
CA PHE E 178 -39.07 15.83 15.37
C PHE E 178 -40.53 15.90 15.79
N LEU E 179 -41.29 14.90 15.37
CA LEU E 179 -42.69 14.72 15.78
C LEU E 179 -42.86 13.32 16.35
N GLN E 180 -43.30 13.24 17.60
CA GLN E 180 -43.55 11.96 18.26
C GLN E 180 -45.07 11.80 18.38
N ARG E 181 -45.63 10.97 17.50
CA ARG E 181 -47.06 10.71 17.53
C ARG E 181 -47.40 9.84 18.74
N PRO E 182 -48.54 10.08 19.39
CA PRO E 182 -48.90 9.33 20.61
C PRO E 182 -49.06 7.84 20.35
N GLY E 183 -48.26 7.05 21.08
CA GLY E 183 -48.26 5.61 20.91
C GLY E 183 -47.42 5.12 19.76
N GLN E 184 -46.61 5.97 19.15
CA GLN E 184 -45.75 5.60 18.03
C GLN E 184 -44.35 6.14 18.25
N SER E 185 -43.42 5.63 17.44
CA SER E 185 -42.04 6.12 17.47
C SER E 185 -41.96 7.51 16.84
N PRO E 186 -41.05 8.36 17.32
CA PRO E 186 -40.90 9.69 16.71
C PRO E 186 -40.26 9.60 15.34
N GLN E 187 -40.57 10.59 14.50
CA GLN E 187 -40.03 10.67 13.15
C GLN E 187 -39.41 12.04 12.91
N LEU E 188 -38.42 12.07 12.02
CA LEU E 188 -37.81 13.33 11.61
C LEU E 188 -38.73 14.07 10.65
N LEU E 189 -38.92 15.37 10.88
CA LEU E 189 -39.68 16.22 9.98
C LEU E 189 -38.78 17.11 9.12
N ILE E 190 -37.94 17.91 9.77
CA ILE E 190 -37.09 18.89 9.09
C ILE E 190 -35.69 18.79 9.68
N TYR E 191 -34.68 18.62 8.82
CA TYR E 191 -33.30 18.58 9.25
C TYR E 191 -32.54 19.76 8.66
N ARG E 192 -31.73 20.41 9.51
CA ARG E 192 -30.87 21.56 9.24
C ARG E 192 -31.62 22.84 8.88
N MET E 193 -32.96 22.84 8.99
CA MET E 193 -33.95 23.92 8.85
C MET E 193 -34.14 24.37 7.41
N SER E 194 -33.29 23.92 6.49
CA SER E 194 -33.43 24.22 5.07
C SER E 194 -33.95 23.05 4.26
N ASN E 195 -34.01 21.85 4.82
CA ASN E 195 -34.32 20.64 4.07
C ASN E 195 -35.41 19.84 4.75
N LEU E 196 -36.34 19.33 3.94
CA LEU E 196 -37.40 18.44 4.41
C LEU E 196 -36.92 17.00 4.37
N ALA E 197 -37.33 16.22 5.38
CA ALA E 197 -36.92 14.83 5.46
C ALA E 197 -37.64 14.00 4.40
N SER E 198 -36.99 12.89 4.01
CA SER E 198 -37.56 12.01 3.00
C SER E 198 -38.79 11.28 3.54
N GLY E 199 -39.93 11.50 2.91
CA GLY E 199 -41.19 10.94 3.35
C GLY E 199 -42.09 11.91 4.07
N VAL E 200 -41.68 13.16 4.21
CA VAL E 200 -42.46 14.19 4.89
C VAL E 200 -43.13 15.05 3.83
N PRO E 201 -44.44 15.31 3.93
CA PRO E 201 -45.11 16.18 2.95
C PRO E 201 -44.66 17.63 3.05
N ASP E 202 -45.12 18.42 2.08
CA ASP E 202 -44.79 19.84 1.97
C ASP E 202 -45.62 20.71 2.91
N ARG E 203 -46.37 20.10 3.83
CA ARG E 203 -47.13 20.86 4.81
C ARG E 203 -46.23 21.52 5.85
N PHE E 204 -45.09 20.90 6.16
CA PHE E 204 -44.16 21.42 7.15
C PHE E 204 -43.14 22.33 6.48
N SER E 205 -42.80 23.44 7.16
CA SER E 205 -41.76 24.33 6.68
C SER E 205 -41.06 24.96 7.88
N GLY E 206 -39.75 25.08 7.79
CA GLY E 206 -38.94 25.67 8.85
C GLY E 206 -38.35 27.00 8.40
N SER E 207 -38.36 27.97 9.32
CA SER E 207 -37.85 29.30 9.03
C SER E 207 -37.34 29.92 10.33
N GLY E 208 -36.65 31.06 10.18
CA GLY E 208 -36.12 31.78 11.31
C GLY E 208 -34.64 32.04 11.13
N SER E 209 -33.98 32.38 12.23
CA SER E 209 -32.57 32.72 12.23
C SER E 209 -31.96 32.22 13.54
N GLY E 210 -30.75 32.68 13.84
CA GLY E 210 -30.08 32.40 15.10
C GLY E 210 -30.86 32.86 16.31
N THR E 211 -31.05 31.94 17.28
CA THR E 211 -31.62 32.13 18.62
C THR E 211 -33.15 32.32 18.56
N ALA E 212 -33.72 32.41 17.35
CA ALA E 212 -35.16 32.60 17.18
C ALA E 212 -35.60 31.77 15.98
N PHE E 213 -36.29 30.67 16.24
CA PHE E 213 -36.74 29.75 15.20
C PHE E 213 -38.25 29.67 15.19
N THR E 214 -38.80 29.32 14.03
CA THR E 214 -40.25 29.25 13.84
C THR E 214 -40.58 28.02 13.01
N LEU E 215 -41.63 27.31 13.38
CA LEU E 215 -42.14 26.17 12.63
C LEU E 215 -43.58 26.44 12.24
N THR E 216 -43.92 26.18 10.98
CA THR E 216 -45.25 26.45 10.45
C THR E 216 -45.83 25.18 9.85
N ILE E 217 -47.12 24.95 10.15
CA ILE E 217 -47.83 23.77 9.67
C ILE E 217 -49.07 24.27 8.94
N SER E 218 -48.99 24.34 7.61
CA SER E 218 -50.13 24.70 6.78
C SER E 218 -50.92 23.44 6.46
N ARG E 219 -52.25 23.58 6.41
CA ARG E 219 -53.20 22.49 6.15
C ARG E 219 -53.04 21.37 7.19
N LEU E 220 -53.41 21.73 8.43
CA LEU E 220 -53.28 20.82 9.56
C LEU E 220 -54.09 19.55 9.36
N GLU E 221 -53.54 18.42 9.82
CA GLU E 221 -54.16 17.12 9.69
C GLU E 221 -54.18 16.47 11.08
N ALA E 222 -55.09 15.50 11.25
CA ALA E 222 -55.18 14.79 12.53
C ALA E 222 -53.93 13.98 12.83
N GLU E 223 -53.27 13.45 11.79
CA GLU E 223 -52.03 12.70 11.98
C GLU E 223 -50.90 13.61 12.44
N ASP E 224 -50.95 14.90 12.09
CA ASP E 224 -49.90 15.84 12.48
C ASP E 224 -49.85 16.07 13.98
N VAL E 225 -51.00 15.95 14.66
CA VAL E 225 -51.14 16.14 16.11
C VAL E 225 -50.19 15.25 16.89
N GLY E 226 -49.35 15.86 17.72
CA GLY E 226 -48.38 15.14 18.52
C GLY E 226 -47.53 16.05 19.37
N VAL E 227 -46.30 15.62 19.68
CA VAL E 227 -45.36 16.41 20.47
C VAL E 227 -44.18 16.77 19.57
N TYR E 228 -43.85 18.06 19.52
CA TYR E 228 -42.84 18.60 18.63
C TYR E 228 -41.59 18.94 19.42
N TYR E 229 -40.44 18.45 18.95
CA TYR E 229 -39.15 18.65 19.60
C TYR E 229 -38.20 19.40 18.69
N CYS E 230 -37.47 20.36 19.26
CA CYS E 230 -36.37 21.03 18.60
C CYS E 230 -35.05 20.55 19.20
N MET E 231 -34.14 20.11 18.34
CA MET E 231 -32.88 19.50 18.77
C MET E 231 -31.72 20.26 18.14
N GLN E 232 -30.73 20.61 18.96
CA GLN E 232 -29.49 21.17 18.46
C GLN E 232 -28.46 20.09 18.19
N HIS E 233 -27.61 20.32 17.19
CA HIS E 233 -26.52 19.39 16.87
C HIS E 233 -25.25 20.17 16.59
N LEU E 234 -24.99 21.21 17.39
CA LEU E 234 -23.80 22.03 17.21
C LEU E 234 -22.59 21.44 17.94
N GLU E 235 -22.79 20.93 19.15
CA GLU E 235 -21.71 20.34 19.93
C GLU E 235 -22.30 19.34 20.92
N TYR E 236 -21.48 18.37 21.31
CA TYR E 236 -21.86 17.40 22.31
C TYR E 236 -21.69 17.98 23.71
N PRO E 237 -22.55 17.60 24.68
CA PRO E 237 -23.68 16.67 24.64
C PRO E 237 -24.93 17.26 23.99
N LEU E 238 -25.69 16.42 23.29
CA LEU E 238 -26.91 16.88 22.64
C LEU E 238 -27.99 17.13 23.67
N THR E 239 -28.58 18.32 23.63
CA THR E 239 -29.64 18.71 24.55
C THR E 239 -30.90 19.01 23.75
N PHE E 240 -32.02 18.51 24.23
CA PHE E 240 -33.26 18.56 23.47
C PHE E 240 -34.13 19.69 23.98
N GLY E 241 -35.32 19.82 23.38
CA GLY E 241 -36.31 20.77 23.84
C GLY E 241 -37.26 20.15 24.86
N ALA E 242 -38.14 21.00 25.39
CA ALA E 242 -39.14 20.53 26.34
C ALA E 242 -40.23 19.71 25.65
N GLY E 243 -40.71 20.19 24.50
CA GLY E 243 -41.72 19.47 23.75
C GLY E 243 -43.06 20.18 23.71
N THR E 244 -43.38 20.79 22.57
CA THR E 244 -44.65 21.47 22.39
C THR E 244 -45.69 20.48 21.89
N LYS E 245 -46.74 20.26 22.67
CA LYS E 245 -47.82 19.34 22.33
C LYS E 245 -49.02 20.11 21.81
N LEU E 246 -49.61 19.61 20.73
CA LEU E 246 -50.84 20.16 20.18
C LEU E 246 -52.02 19.27 20.51
N GLU E 247 -53.22 19.85 20.45
CA GLU E 247 -54.44 19.12 20.75
C GLU E 247 -55.57 19.70 19.91
N LEU E 248 -56.72 19.03 19.96
CA LEU E 248 -57.87 19.43 19.17
C LEU E 248 -59.07 19.74 20.07
N SER F 65 -0.50 -46.37 15.70
CA SER F 65 -1.16 -45.12 16.08
C SER F 65 -1.16 -44.94 17.59
N MET F 66 -1.78 -45.90 18.30
CA MET F 66 -1.82 -45.87 19.75
C MET F 66 -0.42 -46.07 20.35
N ILE F 67 0.35 -47.01 19.80
CA ILE F 67 1.68 -47.31 20.29
C ILE F 67 2.62 -46.12 20.11
N THR F 68 2.49 -45.41 18.98
CA THR F 68 3.33 -44.24 18.71
C THR F 68 3.05 -43.12 19.70
N ALA F 69 1.77 -42.86 19.99
CA ALA F 69 1.39 -41.82 20.94
C ALA F 69 1.84 -42.17 22.36
N ILE F 70 1.69 -43.44 22.75
CA ILE F 70 2.13 -43.88 24.07
C ILE F 70 3.65 -43.76 24.20
N THR F 71 4.39 -44.13 23.15
CA THR F 71 5.85 -44.05 23.16
C THR F 71 6.32 -42.60 23.28
N ILE F 72 5.71 -41.70 22.51
CA ILE F 72 6.08 -40.28 22.55
C ILE F 72 5.77 -39.66 23.92
N MET F 73 4.58 -39.98 24.47
CA MET F 73 4.21 -39.46 25.79
C MET F 73 5.11 -40.01 26.88
N ALA F 74 5.48 -41.30 26.80
CA ALA F 74 6.39 -41.89 27.77
C ALA F 74 7.77 -41.26 27.69
N LEU F 75 8.23 -40.94 26.46
CA LEU F 75 9.53 -40.29 26.28
C LEU F 75 9.55 -38.91 26.91
N TYR F 76 8.48 -38.13 26.69
CA TYR F 76 8.39 -36.81 27.31
C TYR F 76 8.28 -36.90 28.84
N SER F 77 7.54 -37.90 29.34
CA SER F 77 7.38 -38.06 30.78
C SER F 77 8.70 -38.42 31.46
N ILE F 78 9.48 -39.33 30.86
CA ILE F 78 10.77 -39.73 31.41
C ILE F 78 11.73 -38.55 31.41
N VAL F 79 11.76 -37.78 30.31
CA VAL F 79 12.65 -36.62 30.21
C VAL F 79 12.28 -35.56 31.24
N CYS F 80 10.98 -35.28 31.39
CA CYS F 80 10.53 -34.26 32.35
C CYS F 80 10.83 -34.66 33.79
N VAL F 81 10.59 -35.92 34.15
CA VAL F 81 10.79 -36.37 35.52
C VAL F 81 12.26 -36.35 35.90
N VAL F 82 13.13 -36.91 35.03
CA VAL F 82 14.57 -36.92 35.30
C VAL F 82 15.13 -35.50 35.36
N GLY F 83 14.65 -34.61 34.49
CA GLY F 83 15.14 -33.25 34.49
C GLY F 83 14.75 -32.45 35.72
N LEU F 84 13.47 -32.57 36.14
CA LEU F 84 13.03 -31.86 37.33
C LEU F 84 13.69 -32.40 38.59
N PHE F 85 13.88 -33.73 38.67
CA PHE F 85 14.52 -34.31 39.83
C PHE F 85 15.98 -33.87 39.95
N GLY F 86 16.71 -33.85 38.83
CA GLY F 86 18.10 -33.44 38.86
C GLY F 86 18.26 -31.96 39.17
N ASN F 87 17.42 -31.12 38.55
CA ASN F 87 17.55 -29.68 38.71
C ASN F 87 17.20 -29.25 40.13
N PHE F 88 16.07 -29.73 40.66
CA PHE F 88 15.69 -29.34 42.02
C PHE F 88 16.61 -29.98 43.07
N LEU F 89 17.17 -31.17 42.79
CA LEU F 89 18.13 -31.74 43.74
C LEU F 89 19.42 -30.91 43.81
N VAL F 90 19.90 -30.45 42.66
CA VAL F 90 21.09 -29.60 42.64
C VAL F 90 20.82 -28.26 43.31
N MET F 91 19.63 -27.68 43.07
CA MET F 91 19.30 -26.41 43.74
C MET F 91 19.09 -26.58 45.24
N TYR F 92 18.68 -27.78 45.68
CA TYR F 92 18.51 -28.00 47.11
C TYR F 92 19.86 -28.17 47.79
N VAL F 93 20.80 -28.85 47.12
CA VAL F 93 22.13 -29.03 47.70
C VAL F 93 22.87 -27.69 47.76
N ILE F 94 22.68 -26.85 46.73
CA ILE F 94 23.34 -25.55 46.69
C ILE F 94 22.79 -24.62 47.76
N VAL F 95 21.45 -24.59 47.92
CA VAL F 95 20.86 -23.67 48.89
C VAL F 95 21.13 -24.13 50.32
N ARG F 96 20.93 -25.41 50.62
CA ARG F 96 21.04 -25.86 51.99
C ARG F 96 22.49 -26.07 52.45
N TYR F 97 23.43 -26.29 51.54
CA TYR F 97 24.79 -26.60 51.97
C TYR F 97 25.83 -25.60 51.50
N THR F 98 25.85 -25.28 50.20
CA THR F 98 26.91 -24.43 49.67
C THR F 98 26.65 -22.95 49.97
N LYS F 99 25.38 -22.52 49.87
CA LYS F 99 24.89 -21.18 50.20
C LYS F 99 25.47 -20.10 49.27
N MET F 100 25.99 -20.51 48.11
CA MET F 100 26.45 -19.63 47.02
C MET F 100 27.52 -18.63 47.47
N LYS F 101 28.59 -19.16 48.07
CA LYS F 101 29.70 -18.33 48.53
C LYS F 101 30.85 -18.28 47.52
N THR F 102 30.73 -19.01 46.42
CA THR F 102 31.79 -19.10 45.42
C THR F 102 31.17 -18.83 44.05
N ALA F 103 31.98 -18.32 43.11
CA ALA F 103 31.48 -17.93 41.80
C ALA F 103 31.00 -19.13 40.98
N THR F 104 31.73 -20.24 41.03
CA THR F 104 31.40 -21.43 40.25
C THR F 104 30.05 -22.01 40.69
N ASN F 105 29.78 -21.99 41.99
CA ASN F 105 28.52 -22.47 42.50
C ASN F 105 27.37 -21.54 42.11
N ILE F 106 27.65 -20.26 41.89
CA ILE F 106 26.63 -19.34 41.39
C ILE F 106 26.29 -19.67 39.94
N TYR F 107 27.32 -20.00 39.14
CA TYR F 107 27.07 -20.38 37.75
C TYR F 107 26.29 -21.69 37.67
N ILE F 108 26.62 -22.65 38.53
CA ILE F 108 25.93 -23.94 38.54
C ILE F 108 24.48 -23.77 39.01
N PHE F 109 24.25 -22.87 39.98
CA PHE F 109 22.90 -22.59 40.44
C PHE F 109 22.05 -21.93 39.35
N ASN F 110 22.63 -20.99 38.59
CA ASN F 110 21.90 -20.38 37.50
C ASN F 110 21.64 -21.36 36.36
N LEU F 111 22.59 -22.28 36.12
CA LEU F 111 22.38 -23.34 35.14
C LEU F 111 21.23 -24.26 35.55
N ALA F 112 21.18 -24.63 36.84
CA ALA F 112 20.13 -25.50 37.34
C ALA F 112 18.77 -24.81 37.28
N LEU F 113 18.73 -23.49 37.58
CA LEU F 113 17.47 -22.76 37.53
C LEU F 113 16.97 -22.63 36.09
N ALA F 114 17.87 -22.34 35.15
CA ALA F 114 17.47 -22.22 33.75
C ALA F 114 17.00 -23.55 33.18
N ASP F 115 17.67 -24.65 33.55
CA ASP F 115 17.24 -25.97 33.09
C ASP F 115 15.92 -26.38 33.72
N ALA F 116 15.67 -26.01 34.98
CA ALA F 116 14.40 -26.33 35.62
C ALA F 116 13.25 -25.55 34.98
N LEU F 117 13.48 -24.28 34.66
CA LEU F 117 12.44 -23.48 34.03
C LEU F 117 12.20 -23.92 32.59
N ALA F 118 13.24 -24.45 31.92
CA ALA F 118 13.03 -24.97 30.57
C ALA F 118 12.29 -26.30 30.60
N THR F 119 12.58 -27.15 31.59
CA THR F 119 11.90 -28.43 31.72
C THR F 119 10.47 -28.28 32.22
N SER F 120 10.14 -27.15 32.88
CA SER F 120 8.80 -26.95 33.42
C SER F 120 7.73 -26.82 32.33
N THR F 121 8.07 -26.33 31.15
CA THR F 121 7.09 -26.18 30.06
C THR F 121 6.83 -27.47 29.29
N LEU F 122 7.53 -28.55 29.59
CA LEU F 122 7.44 -29.80 28.84
C LEU F 122 6.11 -30.56 29.00
N PRO F 123 5.48 -30.66 30.18
CA PRO F 123 4.14 -31.28 30.21
C PRO F 123 3.07 -30.51 29.46
N PHE F 124 3.21 -29.19 29.30
CA PHE F 124 2.27 -28.44 28.49
C PHE F 124 2.36 -28.84 27.02
N GLN F 125 3.58 -29.14 26.54
CA GLN F 125 3.72 -29.63 25.18
C GLN F 125 3.26 -31.08 25.07
N SER F 126 3.38 -31.84 26.16
CA SER F 126 2.87 -33.21 26.17
C SER F 126 1.35 -33.24 26.05
N VAL F 127 0.67 -32.37 26.81
CA VAL F 127 -0.78 -32.27 26.74
C VAL F 127 -1.21 -31.72 25.38
N ASN F 128 -0.42 -30.79 24.82
CA ASN F 128 -0.72 -30.24 23.50
C ASN F 128 -0.65 -31.32 22.42
N TYR F 129 0.34 -32.22 22.51
CA TYR F 129 0.43 -33.29 21.52
C TYR F 129 -0.68 -34.33 21.73
N LEU F 130 -0.92 -34.74 22.99
CA LEU F 130 -1.90 -35.79 23.25
C LEU F 130 -3.32 -35.36 22.89
N MET F 131 -3.71 -34.14 23.26
CA MET F 131 -5.06 -33.68 22.93
C MET F 131 -5.18 -33.28 21.47
N GLY F 132 -4.19 -32.58 20.94
CA GLY F 132 -4.26 -32.04 19.59
C GLY F 132 -4.70 -30.59 19.53
N THR F 133 -4.99 -29.98 20.69
CA THR F 133 -5.42 -28.59 20.76
C THR F 133 -4.89 -28.00 22.05
N TRP F 134 -4.91 -26.67 22.12
CA TRP F 134 -4.40 -25.96 23.28
C TRP F 134 -5.56 -25.43 24.12
N PRO F 135 -5.89 -26.02 25.26
CA PRO F 135 -6.99 -25.52 26.09
C PRO F 135 -6.55 -24.59 27.22
N PHE F 136 -5.25 -24.34 27.36
CA PHE F 136 -4.73 -23.61 28.52
C PHE F 136 -5.01 -22.12 28.45
N GLY F 137 -5.36 -21.57 27.29
CA GLY F 137 -5.63 -20.16 27.18
C GLY F 137 -4.50 -19.39 26.52
N THR F 138 -4.83 -18.18 26.08
CA THR F 138 -3.87 -17.33 25.36
C THR F 138 -2.73 -16.87 26.26
N ILE F 139 -3.05 -16.47 27.49
CA ILE F 139 -2.05 -15.93 28.41
C ILE F 139 -1.02 -16.99 28.79
N LEU F 140 -1.49 -18.19 29.11
CA LEU F 140 -0.56 -19.27 29.45
C LEU F 140 0.21 -19.74 28.22
N CYS F 141 -0.40 -19.66 27.03
CA CYS F 141 0.33 -19.96 25.79
C CYS F 141 1.50 -18.99 25.60
N LYS F 142 1.27 -17.71 25.90
CA LYS F 142 2.34 -16.71 25.81
C LYS F 142 3.42 -16.99 26.84
N ILE F 143 3.02 -17.37 28.05
CA ILE F 143 3.99 -17.62 29.13
C ILE F 143 4.83 -18.86 28.82
N VAL F 144 4.21 -19.91 28.28
CA VAL F 144 4.93 -21.16 28.02
C VAL F 144 5.91 -20.97 26.85
N ILE F 145 5.47 -20.33 25.76
CA ILE F 145 6.37 -20.13 24.62
C ILE F 145 7.50 -19.18 24.99
N SER F 146 7.20 -18.11 25.74
CA SER F 146 8.23 -17.15 26.15
C SER F 146 9.25 -17.79 27.08
N ILE F 147 8.80 -18.60 28.05
CA ILE F 147 9.73 -19.29 28.96
C ILE F 147 10.59 -20.29 28.21
N ASP F 148 10.02 -20.99 27.20
CA ASP F 148 10.79 -21.98 26.44
C ASP F 148 11.92 -21.33 25.64
N TYR F 149 11.58 -20.26 24.88
CA TYR F 149 12.59 -19.54 24.10
C TYR F 149 13.59 -18.84 25.01
N TYR F 150 13.12 -18.28 26.12
CA TYR F 150 13.98 -17.53 27.03
C TYR F 150 15.00 -18.43 27.72
N ASN F 151 14.54 -19.55 28.28
CA ASN F 151 15.44 -20.45 29.00
C ASN F 151 16.33 -21.30 28.10
N MET F 152 16.01 -21.44 26.80
CA MET F 152 16.97 -22.12 25.93
C MET F 152 18.24 -21.29 25.76
N PHE F 153 18.06 -20.00 25.43
CA PHE F 153 19.18 -19.08 25.32
C PHE F 153 19.86 -18.87 26.67
N THR F 154 19.08 -18.85 27.76
CA THR F 154 19.67 -18.66 29.09
C THR F 154 20.59 -19.83 29.46
N SER F 155 20.14 -21.07 29.23
CA SER F 155 20.97 -22.23 29.54
C SER F 155 22.22 -22.29 28.66
N ILE F 156 22.07 -21.98 27.36
CA ILE F 156 23.22 -22.06 26.46
C ILE F 156 24.23 -20.95 26.77
N PHE F 157 23.75 -19.74 27.08
CA PHE F 157 24.64 -18.65 27.46
C PHE F 157 25.34 -18.94 28.79
N THR F 158 24.66 -19.64 29.71
CA THR F 158 25.31 -20.05 30.96
C THR F 158 26.42 -21.06 30.70
N LEU F 159 26.20 -21.97 29.73
CA LEU F 159 27.25 -22.93 29.35
C LEU F 159 28.45 -22.22 28.73
N CYS F 160 28.18 -21.21 27.89
CA CYS F 160 29.26 -20.43 27.27
C CYS F 160 30.03 -19.64 28.33
N THR F 161 29.32 -19.09 29.30
CA THR F 161 29.97 -18.31 30.36
C THR F 161 30.85 -19.19 31.23
N MET F 162 30.38 -20.41 31.55
CA MET F 162 31.23 -21.34 32.31
C MET F 162 32.45 -21.81 31.51
N SER F 163 32.31 -21.93 30.19
CA SER F 163 33.47 -22.26 29.35
C SER F 163 34.49 -21.13 29.35
N VAL F 164 34.02 -19.89 29.25
CA VAL F 164 34.91 -18.73 29.31
C VAL F 164 35.55 -18.60 30.70
N ASP F 165 34.81 -18.96 31.74
CA ASP F 165 35.33 -18.92 33.11
C ASP F 165 36.47 -19.91 33.28
N ARG F 166 36.29 -21.14 32.80
CA ARG F 166 37.36 -22.12 32.93
C ARG F 166 38.55 -21.80 32.02
N TYR F 167 38.29 -21.13 30.88
CA TYR F 167 39.38 -20.71 30.00
C TYR F 167 40.24 -19.63 30.67
N ILE F 168 39.59 -18.63 31.28
CA ILE F 168 40.33 -17.58 31.96
C ILE F 168 41.01 -18.14 33.21
N ALA F 169 40.38 -19.12 33.88
CA ALA F 169 40.95 -19.72 35.07
C ALA F 169 42.24 -20.47 34.77
N VAL F 170 42.31 -21.12 33.60
CA VAL F 170 43.51 -21.88 33.28
C VAL F 170 44.55 -21.02 32.57
N CYS F 171 44.16 -20.43 31.42
CA CYS F 171 45.16 -19.79 30.56
C CYS F 171 45.66 -18.46 31.09
N HIS F 172 44.81 -17.67 31.77
CA HIS F 172 45.18 -16.35 32.27
C HIS F 172 44.96 -16.27 33.78
N PRO F 173 45.85 -16.87 34.59
CA PRO F 173 45.62 -16.95 36.04
C PRO F 173 45.63 -15.60 36.76
N VAL F 174 46.55 -14.71 36.38
CA VAL F 174 46.63 -13.39 36.99
C VAL F 174 45.36 -12.60 36.68
N LYS F 175 44.88 -12.68 35.44
CA LYS F 175 43.60 -12.06 35.11
C LYS F 175 42.43 -12.82 35.72
N ALA F 176 42.61 -14.13 35.96
CA ALA F 176 41.56 -14.92 36.62
C ALA F 176 41.36 -14.48 38.06
N LEU F 177 42.41 -13.93 38.69
CA LEU F 177 42.26 -13.37 40.03
C LEU F 177 41.25 -12.23 40.05
N ASP F 178 41.24 -11.40 39.00
CA ASP F 178 40.24 -10.34 38.86
C ASP F 178 38.90 -10.91 38.39
N PHE F 179 38.94 -11.88 37.47
CA PHE F 179 37.72 -12.39 36.85
C PHE F 179 36.93 -13.27 37.81
N ARG F 180 37.60 -14.20 38.49
CA ARG F 180 36.90 -15.18 39.33
C ARG F 180 36.69 -14.60 40.72
N THR F 181 35.68 -13.75 40.82
CA THR F 181 35.16 -13.19 42.06
C THR F 181 33.65 -13.40 42.06
N PRO F 182 33.04 -13.55 43.24
CA PRO F 182 31.57 -13.67 43.28
C PRO F 182 30.81 -12.49 42.72
N ARG F 183 31.34 -11.26 42.87
CA ARG F 183 30.66 -10.07 42.37
C ARG F 183 30.63 -10.06 40.84
N ASN F 184 31.75 -10.40 40.21
CA ASN F 184 31.81 -10.37 38.75
C ASN F 184 30.95 -11.49 38.17
N ALA F 185 30.88 -12.63 38.86
CA ALA F 185 30.00 -13.71 38.41
C ALA F 185 28.54 -13.32 38.52
N LYS F 186 28.17 -12.52 39.54
CA LYS F 186 26.80 -12.07 39.65
C LYS F 186 26.48 -11.05 38.56
N ILE F 187 27.46 -10.22 38.20
CA ILE F 187 27.23 -9.21 37.17
C ILE F 187 27.08 -9.87 35.79
N ILE F 188 27.96 -10.83 35.48
CA ILE F 188 27.91 -11.49 34.18
C ILE F 188 26.66 -12.37 34.07
N ASN F 189 26.23 -13.00 35.18
CA ASN F 189 25.00 -13.80 35.13
C ASN F 189 23.77 -12.92 34.94
N VAL F 190 23.71 -11.77 35.62
CA VAL F 190 22.60 -10.84 35.40
C VAL F 190 22.60 -10.33 33.95
N CYS F 191 23.80 -10.09 33.39
CA CYS F 191 23.90 -9.71 31.99
C CYS F 191 23.42 -10.81 31.05
N ASN F 192 23.66 -12.07 31.41
CA ASN F 192 23.19 -13.20 30.61
C ASN F 192 21.65 -13.27 30.59
N TRP F 193 21.02 -13.08 31.76
CA TRP F 193 19.56 -13.10 31.81
C TRP F 193 18.97 -11.89 31.08
N ILE F 194 19.64 -10.74 31.16
CA ILE F 194 19.17 -9.54 30.44
C ILE F 194 19.31 -9.72 28.93
N LEU F 195 20.41 -10.32 28.47
CA LEU F 195 20.56 -10.60 27.05
C LEU F 195 19.55 -11.64 26.56
N SER F 196 19.18 -12.60 27.42
CA SER F 196 18.12 -13.53 27.06
C SER F 196 16.75 -12.87 27.03
N SER F 197 16.58 -11.73 27.73
CA SER F 197 15.30 -11.03 27.65
C SER F 197 15.04 -10.45 26.25
N ALA F 198 16.11 -10.22 25.47
CA ALA F 198 15.98 -9.74 24.09
C ALA F 198 15.25 -10.74 23.20
N ILE F 199 15.39 -12.04 23.46
CA ILE F 199 14.60 -13.04 22.75
C ILE F 199 13.34 -13.40 23.55
N GLY F 200 13.32 -13.09 24.85
CA GLY F 200 12.15 -13.43 25.65
C GLY F 200 10.94 -12.54 25.36
N LEU F 201 11.13 -11.22 25.41
CA LEU F 201 10.01 -10.29 25.29
C LEU F 201 9.29 -10.29 23.92
N PRO F 202 9.98 -10.19 22.75
CA PRO F 202 9.21 -10.17 21.48
C PRO F 202 8.47 -11.46 21.18
N VAL F 203 9.01 -12.61 21.59
CA VAL F 203 8.30 -13.89 21.45
C VAL F 203 7.05 -13.88 22.32
N MET F 204 7.12 -13.22 23.48
CA MET F 204 5.93 -13.07 24.33
C MET F 204 4.88 -12.21 23.65
N PHE F 205 5.30 -11.12 22.97
CA PHE F 205 4.34 -10.29 22.25
C PHE F 205 3.72 -11.01 21.06
N MET F 206 4.52 -11.80 20.33
CA MET F 206 4.04 -12.39 19.09
C MET F 206 3.14 -13.61 19.30
N ALA F 207 3.32 -14.34 20.41
CA ALA F 207 2.58 -15.58 20.64
C ALA F 207 1.10 -15.31 20.86
N THR F 208 0.25 -15.93 20.03
CA THR F 208 -1.21 -15.85 20.17
C THR F 208 -1.78 -17.24 19.92
N THR F 209 -3.11 -17.34 20.01
CA THR F 209 -3.84 -18.58 19.76
C THR F 209 -4.76 -18.38 18.56
N LYS F 210 -4.63 -19.26 17.57
CA LYS F 210 -5.45 -19.21 16.36
C LYS F 210 -6.16 -20.54 16.16
N TYR F 211 -7.42 -20.46 15.74
CA TYR F 211 -8.23 -21.65 15.53
C TYR F 211 -7.89 -22.28 14.19
N ARG F 212 -7.38 -23.51 14.23
CA ARG F 212 -7.03 -24.26 13.02
C ARG F 212 -7.77 -25.58 13.03
N GLN F 213 -8.67 -25.77 12.04
CA GLN F 213 -9.47 -26.98 11.85
C GLN F 213 -10.30 -27.30 13.11
N GLY F 214 -10.81 -26.26 13.75
CA GLY F 214 -11.59 -26.43 14.95
C GLY F 214 -10.78 -26.68 16.21
N SER F 215 -9.45 -26.62 16.12
CA SER F 215 -8.57 -26.88 17.25
C SER F 215 -7.67 -25.68 17.48
N ILE F 216 -7.59 -25.25 18.74
CA ILE F 216 -6.74 -24.13 19.12
C ILE F 216 -5.28 -24.51 18.94
N ASP F 217 -4.47 -23.61 18.38
CA ASP F 217 -3.06 -23.84 18.14
C ASP F 217 -2.25 -22.78 18.88
N CYS F 218 -1.29 -23.24 19.68
CA CYS F 218 -0.40 -22.37 20.45
C CYS F 218 0.91 -22.24 19.67
N THR F 219 1.12 -21.08 19.06
CA THR F 219 2.27 -20.87 18.19
C THR F 219 2.59 -19.38 18.13
N LEU F 220 3.43 -19.00 17.17
CA LEU F 220 3.87 -17.62 16.99
C LEU F 220 3.29 -17.07 15.69
N THR F 221 2.73 -15.86 15.75
CA THR F 221 2.20 -15.18 14.59
C THR F 221 3.06 -13.96 14.28
N PHE F 222 3.43 -13.81 13.02
CA PHE F 222 4.34 -12.75 12.57
C PHE F 222 3.59 -11.71 11.75
N SER F 223 4.02 -10.46 11.87
CA SER F 223 3.46 -9.38 11.08
C SER F 223 3.84 -9.55 9.61
N HIS F 224 3.01 -9.01 8.72
CA HIS F 224 3.26 -9.14 7.29
C HIS F 224 4.54 -8.39 6.90
N PRO F 225 5.40 -8.98 6.05
CA PRO F 225 5.35 -10.36 5.52
C PRO F 225 5.75 -11.43 6.54
N THR F 226 4.96 -12.51 6.58
CA THR F 226 5.18 -13.57 7.57
C THR F 226 6.49 -14.32 7.31
N TRP F 227 6.77 -14.61 6.04
CA TRP F 227 7.94 -15.40 5.66
C TRP F 227 9.25 -14.73 6.05
N TYR F 228 9.33 -13.40 5.90
CA TYR F 228 10.58 -12.69 6.19
C TYR F 228 10.90 -12.72 7.67
N TRP F 229 9.93 -12.37 8.52
CA TRP F 229 10.20 -12.34 9.96
C TRP F 229 10.33 -13.75 10.53
N GLU F 230 9.64 -14.73 9.93
CA GLU F 230 9.78 -16.11 10.37
C GLU F 230 11.17 -16.65 10.08
N ASN F 231 11.70 -16.36 8.87
CA ASN F 231 13.08 -16.74 8.57
C ASN F 231 14.06 -15.97 9.43
N LEU F 232 13.80 -14.69 9.70
CA LEU F 232 14.71 -13.90 10.52
C LEU F 232 14.79 -14.45 11.94
N LEU F 233 13.67 -14.90 12.49
CA LEU F 233 13.67 -15.53 13.81
C LEU F 233 14.41 -16.86 13.78
N LYS F 234 14.15 -17.70 12.77
CA LYS F 234 14.78 -19.02 12.72
C LYS F 234 16.28 -18.91 12.52
N ILE F 235 16.72 -18.03 11.62
CA ILE F 235 18.14 -17.86 11.34
C ILE F 235 18.86 -17.25 12.54
N CYS F 236 18.27 -16.23 13.20
CA CYS F 236 18.91 -15.64 14.37
C CYS F 236 19.00 -16.62 15.53
N VAL F 237 17.94 -17.40 15.78
CA VAL F 237 17.98 -18.42 16.84
C VAL F 237 19.01 -19.49 16.51
N PHE F 238 19.10 -19.90 15.23
CA PHE F 238 20.06 -20.92 14.81
C PHE F 238 21.49 -20.45 14.99
N ILE F 239 21.81 -19.24 14.52
CA ILE F 239 23.17 -18.73 14.62
C ILE F 239 23.56 -18.49 16.07
N PHE F 240 22.72 -17.75 16.80
CA PHE F 240 23.09 -17.30 18.14
C PHE F 240 23.04 -18.42 19.17
N ALA F 241 22.24 -19.47 18.94
CA ALA F 241 22.18 -20.57 19.89
C ALA F 241 22.98 -21.80 19.46
N PHE F 242 23.44 -21.86 18.20
CA PHE F 242 24.22 -23.02 17.76
C PHE F 242 25.61 -22.65 17.24
N ILE F 243 25.70 -21.74 16.27
CA ILE F 243 26.97 -21.52 15.55
C ILE F 243 28.00 -20.87 16.47
N MET F 244 27.64 -19.76 17.10
CA MET F 244 28.54 -19.08 18.03
C MET F 244 28.80 -19.89 19.32
N PRO F 245 27.81 -20.52 20.01
CA PRO F 245 28.16 -21.31 21.21
C PRO F 245 29.06 -22.51 20.96
N VAL F 246 28.87 -23.25 19.86
CA VAL F 246 29.74 -24.39 19.57
C VAL F 246 31.17 -23.93 19.32
N LEU F 247 31.33 -22.80 18.60
CA LEU F 247 32.67 -22.27 18.35
C LEU F 247 33.34 -21.78 19.64
N ILE F 248 32.59 -21.08 20.50
CA ILE F 248 33.16 -20.58 21.75
C ILE F 248 33.55 -21.72 22.68
N ILE F 249 32.67 -22.72 22.83
CA ILE F 249 32.93 -23.85 23.72
C ILE F 249 34.09 -24.69 23.19
N THR F 250 34.09 -24.99 21.89
CA THR F 250 35.12 -25.84 21.29
C THR F 250 36.49 -25.18 21.34
N VAL F 251 36.58 -23.89 20.98
CA VAL F 251 37.87 -23.21 20.96
C VAL F 251 38.40 -23.00 22.38
N CYS F 252 37.53 -22.56 23.30
CA CYS F 252 37.98 -22.29 24.68
C CYS F 252 38.42 -23.56 25.38
N TYR F 253 37.65 -24.65 25.27
CA TYR F 253 38.08 -25.91 25.88
C TYR F 253 39.29 -26.52 25.18
N GLY F 254 39.41 -26.39 23.85
CA GLY F 254 40.57 -26.93 23.16
C GLY F 254 41.86 -26.24 23.56
N LEU F 255 41.84 -24.90 23.62
CA LEU F 255 43.01 -24.16 24.10
C LEU F 255 43.26 -24.43 25.57
N MET F 256 42.20 -24.66 26.35
CA MET F 256 42.35 -25.04 27.75
C MET F 256 43.07 -26.39 27.89
N ILE F 257 42.70 -27.37 27.05
CA ILE F 257 43.35 -28.68 27.09
C ILE F 257 44.82 -28.56 26.70
N LEU F 258 45.11 -27.72 25.69
CA LEU F 258 46.51 -27.50 25.29
C LEU F 258 47.33 -26.86 26.42
N ARG F 259 46.74 -25.89 27.13
CA ARG F 259 47.44 -25.27 28.24
C ARG F 259 47.64 -26.24 29.40
N LEU F 260 46.63 -27.09 29.67
CA LEU F 260 46.74 -28.08 30.73
C LEU F 260 47.83 -29.10 30.42
N LYS F 261 47.96 -29.47 29.13
CA LYS F 261 49.06 -30.34 28.71
C LYS F 261 50.41 -29.63 28.90
N SER F 262 50.44 -28.32 28.67
CA SER F 262 51.67 -27.55 28.90
C SER F 262 52.07 -27.50 30.37
N VAL F 263 51.10 -27.58 31.30
CA VAL F 263 51.36 -27.49 32.74
C VAL F 263 52.29 -28.61 33.21
N ARG F 264 53.36 -28.22 33.92
CA ARG F 264 54.34 -29.18 34.43
C ARG F 264 53.77 -30.02 35.56
N MET F 265 52.82 -29.47 36.32
CA MET F 265 52.25 -30.18 37.47
C MET F 265 51.45 -31.40 37.04
N LEU F 266 50.63 -31.27 35.99
CA LEU F 266 49.77 -32.36 35.55
C LEU F 266 50.58 -33.52 34.98
N SER F 267 51.68 -33.24 34.30
CA SER F 267 52.55 -34.29 33.80
C SER F 267 53.56 -34.67 34.88
N GLY F 268 54.37 -35.69 34.60
CA GLY F 268 55.44 -36.06 35.51
C GLY F 268 55.37 -37.46 36.09
N SER F 269 54.18 -37.89 36.52
CA SER F 269 54.02 -39.19 37.15
C SER F 269 52.74 -39.84 36.64
N LYS F 270 52.64 -41.15 36.84
CA LYS F 270 51.51 -41.94 36.36
C LYS F 270 50.18 -41.52 36.98
N GLU F 271 50.17 -41.24 38.28
CA GLU F 271 48.96 -40.78 38.96
C GLU F 271 48.52 -39.40 38.46
N LYS F 272 49.48 -38.50 38.28
CA LYS F 272 49.18 -37.16 37.76
C LYS F 272 48.73 -37.23 36.31
N ASP F 273 49.33 -38.12 35.51
CA ASP F 273 48.90 -38.31 34.13
C ASP F 273 47.49 -38.89 34.07
N ARG F 274 47.16 -39.79 35.00
CA ARG F 274 45.80 -40.31 35.10
C ARG F 274 44.80 -39.20 35.42
N ASN F 275 45.16 -38.30 36.34
CA ASN F 275 44.29 -37.17 36.68
C ASN F 275 44.12 -36.23 35.49
N LEU F 276 45.20 -35.98 34.74
CA LEU F 276 45.12 -35.17 33.52
C LEU F 276 44.22 -35.82 32.47
N ARG F 277 44.32 -37.15 32.33
CA ARG F 277 43.49 -37.87 31.37
C ARG F 277 42.02 -37.82 31.78
N ARG F 278 41.76 -37.87 33.09
CA ARG F 278 40.38 -37.77 33.58
C ARG F 278 39.80 -36.37 33.32
N ILE F 279 40.61 -35.33 33.49
CA ILE F 279 40.16 -33.96 33.19
C ILE F 279 39.88 -33.79 31.70
N THR F 280 40.77 -34.31 30.85
CA THR F 280 40.58 -34.22 29.40
C THR F 280 39.34 -35.01 28.94
N ARG F 281 39.12 -36.18 29.55
CA ARG F 281 37.92 -36.97 29.27
C ARG F 281 36.66 -36.24 29.69
N MET F 282 36.69 -35.57 30.84
CA MET F 282 35.54 -34.81 31.33
C MET F 282 35.19 -33.67 30.37
N VAL F 283 36.22 -32.95 29.90
CA VAL F 283 36.03 -31.85 28.96
C VAL F 283 35.43 -32.36 27.64
N LEU F 284 35.99 -33.46 27.12
CA LEU F 284 35.50 -34.02 25.86
C LEU F 284 34.07 -34.53 25.98
N VAL F 285 33.72 -35.10 27.13
CA VAL F 285 32.35 -35.55 27.37
C VAL F 285 31.39 -34.37 27.39
N VAL F 286 31.80 -33.24 28.01
CA VAL F 286 30.95 -32.05 28.06
C VAL F 286 30.68 -31.51 26.65
N VAL F 287 31.75 -31.39 25.85
CA VAL F 287 31.63 -30.86 24.49
C VAL F 287 30.80 -31.81 23.61
N ALA F 288 31.04 -33.12 23.73
CA ALA F 288 30.34 -34.10 22.93
C ALA F 288 28.85 -34.14 23.27
N VAL F 289 28.50 -34.08 24.56
CA VAL F 289 27.09 -34.10 24.97
C VAL F 289 26.37 -32.86 24.44
N PHE F 290 27.03 -31.69 24.51
CA PHE F 290 26.41 -30.46 24.01
C PHE F 290 26.17 -30.51 22.50
N ILE F 291 27.17 -30.97 21.73
CA ILE F 291 27.03 -31.00 20.28
C ILE F 291 26.01 -32.05 19.84
N VAL F 292 26.10 -33.27 20.42
CA VAL F 292 25.22 -34.37 20.03
C VAL F 292 23.77 -34.06 20.39
N CYS F 293 23.54 -33.39 21.53
CA CYS F 293 22.17 -33.08 21.90
C CYS F 293 21.58 -31.95 21.06
N TRP F 294 22.31 -30.85 20.86
CA TRP F 294 21.66 -29.71 20.21
C TRP F 294 21.72 -29.74 18.68
N THR F 295 22.61 -30.53 18.08
CA THR F 295 22.72 -30.54 16.61
C THR F 295 21.48 -31.06 15.84
N PRO F 296 20.80 -32.18 16.21
CA PRO F 296 19.68 -32.65 15.37
C PRO F 296 18.49 -31.71 15.30
N ILE F 297 18.07 -31.11 16.41
CA ILE F 297 16.88 -30.26 16.39
C ILE F 297 17.11 -29.02 15.52
N HIS F 298 18.30 -28.41 15.58
CA HIS F 298 18.60 -27.26 14.76
C HIS F 298 18.67 -27.61 13.28
N ILE F 299 19.36 -28.73 12.95
CA ILE F 299 19.45 -29.13 11.54
C ILE F 299 18.07 -29.52 11.00
N TYR F 300 17.25 -30.18 11.84
CA TYR F 300 15.92 -30.59 11.42
C TYR F 300 15.01 -29.40 11.18
N VAL F 301 15.12 -28.35 12.02
CA VAL F 301 14.37 -27.11 11.81
C VAL F 301 14.77 -26.45 10.49
N ILE F 302 16.08 -26.40 10.21
CA ILE F 302 16.55 -25.80 8.96
C ILE F 302 16.07 -26.60 7.74
N ILE F 303 16.11 -27.93 7.81
CA ILE F 303 15.64 -28.79 6.72
C ILE F 303 14.13 -28.65 6.54
N LYS F 304 13.37 -28.58 7.64
CA LYS F 304 11.92 -28.43 7.58
C LYS F 304 11.53 -27.10 6.96
N ALA F 305 12.26 -26.03 7.30
CA ALA F 305 12.00 -24.73 6.70
C ALA F 305 12.33 -24.72 5.21
N LEU F 306 13.50 -25.24 4.85
CA LEU F 306 13.93 -25.19 3.45
C LEU F 306 13.11 -26.11 2.55
N VAL F 307 12.86 -27.35 2.99
CA VAL F 307 12.23 -28.37 2.15
C VAL F 307 10.97 -28.86 2.84
N THR F 308 9.85 -28.76 2.15
CA THR F 308 8.59 -29.30 2.67
C THR F 308 8.63 -30.83 2.60
N ILE F 309 8.31 -31.47 3.72
CA ILE F 309 8.34 -32.93 3.81
C ILE F 309 6.94 -33.47 4.09
N PRO F 310 6.54 -34.56 3.45
CA PRO F 310 5.22 -35.14 3.74
C PRO F 310 5.13 -35.69 5.16
N GLU F 311 3.95 -35.49 5.77
CA GLU F 311 3.73 -35.94 7.13
C GLU F 311 3.68 -37.47 7.19
N THR F 312 4.45 -38.05 8.11
CA THR F 312 4.55 -39.49 8.28
C THR F 312 4.64 -39.74 9.78
N THR F 313 4.33 -40.98 10.19
CA THR F 313 4.48 -41.38 11.59
C THR F 313 5.94 -41.29 12.02
N PHE F 314 6.85 -41.73 11.15
CA PHE F 314 8.29 -41.62 11.40
C PHE F 314 8.72 -40.17 11.51
N GLN F 315 8.14 -39.29 10.69
CA GLN F 315 8.45 -37.87 10.74
C GLN F 315 8.04 -37.26 12.08
N THR F 316 6.86 -37.64 12.58
CA THR F 316 6.39 -37.17 13.89
C THR F 316 7.29 -37.68 15.01
N VAL F 317 7.73 -38.95 14.91
CA VAL F 317 8.61 -39.52 15.93
C VAL F 317 9.96 -38.82 15.91
N SER F 318 10.49 -38.53 14.72
CA SER F 318 11.77 -37.82 14.61
C SER F 318 11.67 -36.39 15.17
N TRP F 319 10.54 -35.72 14.94
CA TRP F 319 10.33 -34.36 15.45
C TRP F 319 10.30 -34.35 16.98
N HIS F 320 9.51 -35.23 17.58
CA HIS F 320 9.45 -35.27 19.03
C HIS F 320 10.72 -35.87 19.65
N PHE F 321 11.46 -36.68 18.90
CA PHE F 321 12.71 -37.22 19.41
C PHE F 321 13.81 -36.16 19.42
N CYS F 322 13.85 -35.30 18.39
CA CYS F 322 14.82 -34.21 18.39
C CYS F 322 14.49 -33.20 19.49
N ILE F 323 13.20 -32.95 19.73
CA ILE F 323 12.82 -32.08 20.85
C ILE F 323 13.19 -32.73 22.19
N ALA F 324 13.06 -34.06 22.27
CA ALA F 324 13.43 -34.79 23.48
C ALA F 324 14.93 -34.71 23.74
N LEU F 325 15.75 -34.79 22.68
CA LEU F 325 17.20 -34.64 22.84
C LEU F 325 17.58 -33.24 23.29
N GLY F 326 16.87 -32.23 22.75
CA GLY F 326 17.11 -30.86 23.15
C GLY F 326 16.84 -30.62 24.62
N TYR F 327 15.75 -31.19 25.15
CA TYR F 327 15.53 -31.10 26.59
C TYR F 327 16.42 -32.06 27.37
N THR F 328 16.87 -33.15 26.74
CA THR F 328 17.73 -34.14 27.39
C THR F 328 19.06 -33.53 27.81
N ASN F 329 19.61 -32.61 26.99
CA ASN F 329 20.83 -31.91 27.41
C ASN F 329 20.62 -31.15 28.71
N SER F 330 19.49 -30.43 28.82
CA SER F 330 19.15 -29.73 30.06
C SER F 330 18.99 -30.71 31.22
N CYS F 331 18.46 -31.90 30.94
CA CYS F 331 18.34 -32.94 31.96
C CYS F 331 19.70 -33.45 32.44
N LEU F 332 20.64 -33.62 31.52
CA LEU F 332 21.96 -34.16 31.85
C LEU F 332 22.97 -33.10 32.27
N ASN F 333 22.61 -31.82 32.19
CA ASN F 333 23.50 -30.78 32.71
C ASN F 333 23.78 -30.89 34.23
N PRO F 334 22.82 -31.21 35.12
CA PRO F 334 23.23 -31.44 36.52
C PRO F 334 24.20 -32.59 36.73
N VAL F 335 24.03 -33.70 36.00
CA VAL F 335 24.89 -34.87 36.15
C VAL F 335 26.32 -34.53 35.74
N LEU F 336 26.49 -33.85 34.60
CA LEU F 336 27.82 -33.49 34.14
C LEU F 336 28.44 -32.39 35.01
N TYR F 337 27.69 -31.33 35.31
CA TYR F 337 28.33 -30.19 35.94
C TYR F 337 28.38 -30.25 37.46
N ALA F 338 27.28 -30.61 38.13
CA ALA F 338 27.25 -30.55 39.59
C ALA F 338 27.63 -31.88 40.24
N PHE F 339 27.08 -32.99 39.73
CA PHE F 339 27.33 -34.30 40.34
C PHE F 339 28.78 -34.74 40.15
N LEU F 340 29.36 -34.46 38.98
CA LEU F 340 30.76 -34.81 38.74
C LEU F 340 31.74 -33.78 39.29
N ASP F 341 31.24 -32.68 39.85
CA ASP F 341 32.09 -31.67 40.46
C ASP F 341 32.68 -32.23 41.76
N GLU F 342 34.00 -32.07 41.92
CA GLU F 342 34.70 -32.59 43.09
C GLU F 342 34.23 -31.93 44.38
N ASN F 343 34.01 -30.61 44.34
CA ASN F 343 33.56 -29.87 45.52
C ASN F 343 32.18 -30.36 46.00
N PHE F 344 31.26 -30.57 45.07
CA PHE F 344 29.97 -31.15 45.43
C PHE F 344 30.11 -32.62 45.86
N LYS F 345 31.00 -33.36 45.19
CA LYS F 345 31.19 -34.78 45.52
C LYS F 345 31.69 -34.97 46.94
N ARG F 346 32.56 -34.06 47.41
CA ARG F 346 32.99 -34.09 48.81
C ARG F 346 31.81 -33.83 49.75
N CYS F 347 30.92 -32.91 49.36
CA CYS F 347 29.74 -32.62 50.17
C CYS F 347 28.80 -33.83 50.25
N PHE F 348 28.62 -34.53 49.13
CA PHE F 348 27.80 -35.74 49.13
C PHE F 348 28.44 -36.83 49.98
N ARG F 349 29.77 -36.98 49.90
CA ARG F 349 30.44 -38.01 50.69
C ARG F 349 30.44 -37.70 52.18
N GLU F 350 30.45 -36.42 52.55
CA GLU F 350 30.43 -36.07 53.97
C GLU F 350 29.08 -36.37 54.61
N PHE F 351 28.00 -36.13 53.89
CA PHE F 351 26.66 -36.32 54.44
C PHE F 351 26.02 -37.59 53.90
N PHE G 336 58.42 -17.50 40.07
CA PHE G 336 57.24 -16.96 39.42
C PHE G 336 56.43 -18.06 38.73
N ASP G 337 57.13 -18.93 38.01
CA ASP G 337 56.49 -20.04 37.32
C ASP G 337 55.85 -21.02 38.30
N ALA G 338 56.54 -21.31 39.41
CA ALA G 338 55.98 -22.17 40.44
C ALA G 338 54.76 -21.52 41.10
N VAL G 339 54.83 -20.20 41.34
CA VAL G 339 53.70 -19.47 41.90
C VAL G 339 52.51 -19.50 40.95
N THR G 340 52.79 -19.35 39.64
CA THR G 340 51.74 -19.41 38.63
C THR G 340 51.11 -20.80 38.57
N ASP G 341 51.93 -21.85 38.70
CA ASP G 341 51.41 -23.22 38.72
C ASP G 341 50.55 -23.46 39.96
N VAL G 342 50.93 -22.90 41.11
CA VAL G 342 50.11 -23.01 42.32
C VAL G 342 48.77 -22.29 42.13
N ILE G 343 48.79 -21.12 41.47
CA ILE G 343 47.55 -20.41 41.18
C ILE G 343 46.67 -21.21 40.22
N ILE G 344 47.29 -21.87 39.23
CA ILE G 344 46.55 -22.74 38.31
C ILE G 344 45.93 -23.92 39.05
N LYS G 345 46.67 -24.50 40.01
CA LYS G 345 46.13 -25.58 40.83
C LYS G 345 44.95 -25.12 41.68
N ASN G 346 45.06 -23.93 42.28
CA ASN G 346 43.97 -23.39 43.08
C ASN G 346 42.75 -23.08 42.23
N ASN G 347 42.97 -22.57 41.01
CA ASN G 347 41.87 -22.31 40.09
C ASN G 347 41.17 -23.59 39.66
N LEU G 348 41.94 -24.61 39.27
CA LEU G 348 41.37 -25.90 38.89
C LEU G 348 40.62 -26.57 40.05
N LYS G 349 41.14 -26.44 41.27
CA LYS G 349 40.41 -26.93 42.44
C LYS G 349 39.11 -26.17 42.65
N ASP G 350 39.14 -24.85 42.44
CA ASP G 350 37.93 -24.04 42.55
C ASP G 350 36.90 -24.44 41.49
N CYS G 351 37.35 -24.66 40.25
CA CYS G 351 36.46 -25.14 39.20
C CYS G 351 35.96 -26.55 39.52
N GLY G 352 36.81 -27.38 40.11
CA GLY G 352 36.46 -28.73 40.46
C GLY G 352 36.83 -29.78 39.45
N LEU G 353 37.45 -29.40 38.33
CA LEU G 353 37.93 -30.40 37.38
C LEU G 353 39.10 -31.19 37.98
N PHE G 354 39.92 -30.55 38.79
CA PHE G 354 41.08 -31.20 39.40
C PHE G 354 40.63 -32.02 40.61
C1 MOI H . 36.26 -0.76 14.00
C2 MOI H . 36.15 1.55 12.87
C3 MOI H . 36.23 0.64 14.07
C4 MOI H . 36.27 1.21 15.34
C5 MOI H . 36.26 2.67 15.66
C6 MOI H . 37.04 3.41 14.55
C7 MOI H . 34.83 3.26 15.77
C8 MOI H . 34.11 3.41 14.41
C9 MOI H . 34.28 3.93 12.04
C10 MOI H . 36.35 -1.52 15.18
C11 MOI H . 36.41 -0.91 16.44
C12 MOI H . 36.37 0.47 16.48
C13 MOI H . 36.91 2.55 17.05
C14 MOI H . 38.46 2.69 17.08
C15 MOI H . 39.17 2.83 15.75
C16 MOI H . 38.53 3.14 14.60
C17 MOI H . 36.28 3.09 13.22
N1 MOI H . 34.99 3.82 13.31
O1 MOI H . 36.49 -1.66 17.57
O2 MOI H . 39.03 1.62 17.82
O3 MOI H . 36.42 1.27 17.59
C1 CLR I . 9.91 8.28 6.85
C2 CLR I . 9.18 8.03 5.53
C3 CLR I . 9.99 8.57 4.36
C4 CLR I . 11.30 7.77 4.28
C5 CLR I . 12.03 7.96 5.60
C6 CLR I . 13.25 8.40 5.57
C7 CLR I . 14.08 8.62 6.79
C8 CLR I . 13.55 7.84 8.00
C9 CLR I . 12.03 8.07 8.12
C10 CLR I . 11.30 7.62 6.86
C11 CLR I . 11.46 7.41 9.38
C12 CLR I . 12.21 7.87 10.65
C13 CLR I . 13.73 7.67 10.53
C14 CLR I . 14.18 8.43 9.25
C15 CLR I . 15.71 8.36 9.34
C16 CLR I . 15.94 8.71 10.83
C17 CLR I . 14.62 8.35 11.60
C18 CLR I . 14.07 6.19 10.35
C19 CLR I . 11.14 6.09 6.88
C20 CLR I . 14.99 7.57 12.88
C21 CLR I . 13.83 7.29 13.83
C22 CLR I . 15.94 8.44 13.72
C23 CLR I . 17.16 7.66 14.18
C24 CLR I . 17.93 8.47 15.24
C25 CLR I . 18.39 9.83 14.69
C26 CLR I . 18.99 10.65 15.82
C27 CLR I . 19.46 9.61 13.62
O1 CLR I . 9.25 8.42 3.14
C1 CLR J . 52.98 -4.40 11.72
C2 CLR J . 53.70 -3.94 12.99
C3 CLR J . 54.02 -2.46 12.91
C4 CLR J . 52.70 -1.68 12.89
C5 CLR J . 51.88 -2.18 11.71
C6 CLR J . 51.40 -1.29 10.88
C7 CLR J . 50.57 -1.63 9.69
C8 CLR J . 49.92 -2.99 9.86
C9 CLR J . 51.03 -4.01 10.19
C10 CLR J . 51.66 -3.65 11.54
C11 CLR J . 50.52 -5.46 10.14
C12 CLR J . 49.73 -5.77 8.86
C13 CLR J . 48.58 -4.78 8.63
C14 CLR J . 49.24 -3.36 8.55
C15 CLR J . 48.08 -2.48 8.12
C16 CLR J . 47.40 -3.35 7.03
C17 CLR J . 47.81 -4.83 7.30
C18 CLR J . 47.61 -4.81 9.82
C19 CLR J . 50.69 -4.09 12.65
C20 CLR J . 46.56 -5.77 7.30
C21 CLR J . 46.97 -7.23 6.98
C22 CLR J . 45.46 -5.31 6.34
C23 CLR J . 45.67 -5.76 4.89
C24 CLR J . 44.50 -5.26 4.03
C25 CLR J . 44.67 -5.72 2.58
C26 CLR J . 44.63 -7.25 2.52
C27 CLR J . 43.52 -5.15 1.74
O1 CLR J . 54.78 -2.06 14.05
C1 CLR K . 26.95 -3.05 25.02
C2 CLR K . 28.01 -2.78 26.09
C3 CLR K . 27.76 -3.68 27.28
C4 CLR K . 28.05 -5.11 26.86
C5 CLR K . 27.15 -5.47 25.68
C6 CLR K . 26.51 -6.60 25.71
C7 CLR K . 25.59 -7.08 24.62
C8 CLR K . 25.81 -6.31 23.30
C9 CLR K . 25.85 -4.82 23.63
C10 CLR K . 27.04 -4.51 24.53
C11 CLR K . 25.87 -3.95 22.37
C12 CLR K . 24.76 -4.32 21.37
C13 CLR K . 24.78 -5.81 21.04
C14 CLR K . 24.63 -6.58 22.39
C15 CLR K . 24.43 -8.02 21.92
C16 CLR K . 23.42 -7.83 20.76
C17 CLR K . 23.59 -6.38 20.23
C18 CLR K . 26.12 -6.20 20.39
C19 CLR K . 28.33 -4.67 23.71
C20 CLR K . 23.75 -6.33 18.69
C21 CLR K . 23.26 -5.00 18.12
C22 CLR K . 22.96 -7.46 17.99
C23 CLR K . 23.09 -7.38 16.46
C24 CLR K . 22.31 -8.54 15.85
C25 CLR K . 22.29 -8.43 14.32
C26 CLR K . 21.57 -7.14 13.91
C27 CLR K . 21.53 -9.62 13.73
O1 CLR K . 28.63 -3.31 28.35
C1 CLR L . 43.66 -10.28 24.67
C2 CLR L . 45.15 -9.92 24.77
C3 CLR L . 45.41 -9.21 26.10
C4 CLR L . 45.19 -10.23 27.23
C5 CLR L . 43.75 -10.73 27.13
C6 CLR L . 43.01 -10.71 28.20
C7 CLR L . 41.59 -11.16 28.25
C8 CLR L . 41.21 -12.05 27.07
C9 CLR L . 41.72 -11.37 25.79
C10 CLR L . 43.24 -11.22 25.81
C11 CLR L . 41.24 -12.09 24.54
C12 CLR L . 39.72 -12.26 24.52
C13 CLR L . 39.20 -12.96 25.78
C14 CLR L . 39.69 -12.10 26.98
C15 CLR L . 38.97 -12.75 28.17
C16 CLR L . 37.55 -12.84 27.58
C17 CLR L . 37.67 -12.95 26.03
C18 CLR L . 39.80 -14.37 25.91
C19 CLR L . 43.88 -12.59 25.59
C20 CLR L . 36.83 -14.16 25.51
C21 CLR L . 36.69 -14.24 23.98
C22 CLR L . 35.43 -14.10 26.18
C23 CLR L . 34.19 -14.10 25.28
C24 CLR L . 32.96 -13.81 26.14
C25 CLR L . 31.69 -13.90 25.28
C26 CLR L . 30.48 -13.50 26.13
C27 CLR L . 31.50 -15.36 24.86
O1 CLR L . 46.77 -8.73 26.15
C1 CLR M . 20.48 -20.61 -0.05
C2 CLR M . 19.43 -20.76 -1.15
C3 CLR M . 18.21 -21.51 -0.58
C4 CLR M . 17.56 -20.61 0.46
C5 CLR M . 18.57 -20.20 1.52
C6 CLR M . 18.21 -20.27 2.77
C7 CLR M . 19.10 -19.90 3.93
C8 CLR M . 20.24 -19.00 3.42
C9 CLR M . 20.90 -19.76 2.26
C10 CLR M . 19.93 -19.75 1.10
C11 CLR M . 22.25 -19.16 1.86
C12 CLR M . 23.14 -18.84 3.06
C13 CLR M . 22.44 -17.94 4.09
C14 CLR M . 21.21 -18.76 4.56
C15 CLR M . 20.68 -17.91 5.72
C16 CLR M . 21.98 -17.48 6.44
C17 CLR M . 23.16 -17.64 5.42
C18 CLR M . 21.96 -16.62 3.44
C19 CLR M . 19.79 -18.31 0.62
C20 CLR M . 24.08 -16.40 5.46
C21 CLR M . 25.41 -16.57 4.71
C22 CLR M . 24.45 -16.00 6.91
C23 CLR M . 25.40 -17.03 7.55
C24 CLR M . 25.87 -16.51 8.92
C25 CLR M . 26.51 -17.65 9.72
C26 CLR M . 27.03 -17.11 11.05
C27 CLR M . 27.65 -18.31 8.94
O1 CLR M . 17.29 -21.77 -1.64
C1 MOI N . 15.46 -24.66 17.98
C2 MOI N . 14.58 -25.95 20.03
C3 MOI N . 14.44 -24.97 18.89
C4 MOI N . 13.22 -24.33 18.72
C5 MOI N . 11.99 -24.51 19.55
C6 MOI N . 11.92 -25.98 19.99
C7 MOI N . 11.96 -23.59 20.79
C8 MOI N . 12.94 -24.01 21.91
C9 MOI N . 14.02 -25.83 23.12
C10 MOI N . 15.22 -23.74 16.94
C11 MOI N . 13.98 -23.12 16.79
C12 MOI N . 12.99 -23.44 17.70
C13 MOI N . 10.99 -24.02 18.48
C14 MOI N . 10.39 -25.13 17.58
C15 MOI N . 10.90 -26.55 17.76
C16 MOI N . 11.61 -26.93 18.85
C17 MOI N . 13.24 -26.23 20.81
N1 MOI N . 13.07 -25.47 22.06
O1 MOI N . 13.76 -22.24 15.78
O2 MOI N . 10.48 -24.75 16.21
O3 MOI N . 11.70 -22.97 17.73
C1 CLR O . 42.88 -17.20 20.96
C2 CLR O . 43.99 -17.14 22.02
C3 CLR O . 44.52 -15.71 22.10
C4 CLR O . 43.41 -14.83 22.66
C5 CLR O . 42.15 -14.96 21.81
C6 CLR O . 41.51 -13.87 21.48
C7 CLR O . 40.27 -13.84 20.64
C8 CLR O . 39.61 -15.22 20.67
C9 CLR O . 40.69 -16.22 20.25
C10 CLR O . 41.70 -16.31 21.38
C11 CLR O . 40.13 -17.60 19.91
C12 CLR O . 38.88 -17.53 19.02
C13 CLR O . 37.78 -16.64 19.62
C14 CLR O . 38.43 -15.22 19.70
C15 CLR O . 37.25 -14.35 20.11
C16 CLR O . 36.11 -14.92 19.23
C17 CLR O . 36.53 -16.35 18.77
C18 CLR O . 37.38 -17.10 21.03
C19 CLR O . 40.99 -16.95 22.58
C20 CLR O . 35.33 -17.34 18.92
C21 CLR O . 35.55 -18.71 18.26
C22 CLR O . 34.04 -16.76 18.33
C23 CLR O . 34.09 -16.69 16.80
C24 CLR O . 32.72 -16.28 16.23
C25 CLR O . 32.86 -15.87 14.77
C26 CLR O . 31.48 -15.52 14.20
C27 CLR O . 33.49 -16.98 13.93
O1 CLR O . 45.65 -15.67 22.99
C1 CLR P . 21.49 -13.10 43.28
C2 CLR P . 22.75 -13.33 44.13
C3 CLR P . 22.90 -14.82 44.47
C4 CLR P . 23.13 -15.58 43.16
C5 CLR P . 21.93 -15.33 42.27
C6 CLR P . 21.29 -16.36 41.80
C7 CLR P . 20.09 -16.25 40.91
C8 CLR P . 19.99 -14.89 40.23
C9 CLR P . 20.20 -13.78 41.28
C10 CLR P . 21.55 -13.91 41.98
C11 CLR P . 19.99 -12.39 40.67
C12 CLR P . 18.63 -12.27 39.98
C13 CLR P . 18.39 -13.37 38.94
C14 CLR P . 18.58 -14.73 39.69
C15 CLR P . 18.14 -15.75 38.64
C16 CLR P . 16.85 -15.08 38.11
C17 CLR P . 16.97 -13.55 38.38
C18 CLR P . 19.45 -13.31 37.83
C19 CLR P . 22.65 -13.34 41.07
C20 CLR P . 16.57 -12.78 37.10
C21 CLR P . 16.48 -11.26 37.25
C22 CLR P . 15.13 -13.20 36.72
C23 CLR P . 15.02 -13.56 35.24
C24 CLR P . 13.54 -13.69 34.85
C25 CLR P . 12.83 -14.76 35.68
C26 CLR P . 11.34 -14.72 35.35
C27 CLR P . 13.37 -16.14 35.31
O1 CLR P . 24.02 -15.00 45.33
C1 CLR Q . 14.70 -37.43 5.84
C2 CLR Q . 13.34 -37.28 5.16
C3 CLR Q . 12.26 -38.00 5.97
C4 CLR Q . 12.12 -37.28 7.31
C5 CLR Q . 13.48 -37.29 8.00
C6 CLR Q . 13.53 -37.72 9.22
C7 CLR Q . 14.79 -37.79 10.02
C8 CLR Q . 15.83 -36.80 9.46
C9 CLR Q . 16.00 -37.10 7.97
C10 CLR Q . 14.68 -36.80 7.24
C11 CLR Q . 17.18 -36.35 7.36
C12 CLR Q . 18.47 -36.49 8.19
C13 CLR Q . 18.26 -36.09 9.66
C14 CLR Q . 17.14 -37.03 10.19
C15 CLR Q . 17.13 -36.72 11.69
C16 CLR Q . 18.65 -36.66 12.01
C17 CLR Q . 19.40 -36.35 10.66
C18 CLR Q . 17.78 -34.63 9.76
C19 CLR Q . 14.53 -35.29 7.11
C20 CLR Q . 20.41 -35.18 10.82
C21 CLR Q . 21.52 -35.23 9.76
C22 CLR Q . 21.04 -35.12 12.23
C23 CLR Q . 22.25 -36.05 12.42
C24 CLR Q . 22.79 -35.88 13.84
C25 CLR Q . 24.02 -36.78 14.03
C26 CLR Q . 25.13 -36.35 13.09
C27 CLR Q . 24.50 -36.66 15.49
O1 CLR Q . 11.01 -37.95 5.26
C1 CLR R . 12.56 -10.70 17.53
C2 CLR R . 11.36 -10.87 16.60
C3 CLR R . 11.27 -9.68 15.67
C4 CLR R . 12.48 -9.73 14.73
C5 CLR R . 13.75 -9.71 15.55
C6 CLR R . 14.70 -8.90 15.20
C7 CLR R . 16.02 -8.78 15.93
C8 CLR R . 16.28 -9.99 16.83
C9 CLR R . 15.01 -10.26 17.65
C10 CLR R . 13.86 -10.64 16.73
C11 CLR R . 15.23 -11.32 18.73
C12 CLR R . 16.46 -11.03 19.61
C13 CLR R . 17.72 -10.82 18.77
C14 CLR R . 17.41 -9.64 17.79
C15 CLR R . 18.78 -9.36 17.16
C16 CLR R . 19.70 -9.42 18.41
C17 CLR R . 18.99 -10.31 19.48
C18 CLR R . 18.03 -12.08 17.94
C19 CLR R . 14.14 -12.03 16.16
C20 CLR R . 19.92 -11.40 20.05
C21 CLR R . 19.50 -11.79 21.47
C22 CLR R . 21.39 -10.94 20.11
C23 CLR R . 22.31 -12.01 20.71
C24 CLR R . 23.74 -11.50 20.71
C25 CLR R . 24.67 -12.48 21.43
C26 CLR R . 24.25 -12.59 22.90
C27 CLR R . 26.10 -11.95 21.37
O1 CLR R . 10.06 -9.74 14.92
C1 CLR S . 12.98 -20.86 2.43
C2 CLR S . 12.24 -21.97 1.69
C3 CLR S . 10.80 -21.54 1.43
C4 CLR S . 10.84 -20.37 0.43
C5 CLR S . 11.66 -19.26 1.06
C6 CLR S . 11.16 -18.05 1.08
C7 CLR S . 11.85 -16.85 1.65
C8 CLR S . 13.37 -17.08 1.81
C9 CLR S . 13.58 -18.44 2.46
C10 CLR S . 13.02 -19.57 1.61
C11 CLR S . 15.05 -18.67 2.83
C12 CLR S . 15.62 -17.54 3.68
C13 CLR S . 15.42 -16.16 3.02
C14 CLR S . 13.89 -16.02 2.77
C15 CLR S . 13.78 -14.56 2.30
C16 CLR S . 14.64 -13.87 3.39
C17 CLR S . 15.70 -14.90 3.88
C18 CLR S . 16.14 -16.11 1.67
C19 CLR S . 13.93 -19.77 0.39
C20 CLR S . 17.11 -14.27 3.83
C21 CLR S . 18.21 -15.11 4.51
C22 CLR S . 17.04 -12.86 4.47
C23 CLR S . 17.98 -12.53 5.64
C24 CLR S . 17.58 -11.19 6.25
C25 CLR S . 18.57 -10.78 7.34
C26 CLR S . 18.09 -9.49 7.99
C27 CLR S . 19.92 -10.48 6.69
O1 CLR S . 10.05 -22.62 0.87
#